data_5WDK
#
_entry.id   5WDK
#
_cell.length_a   103.912
_cell.length_b   136.969
_cell.length_c   208.235
_cell.angle_alpha   90.000
_cell.angle_beta   90.000
_cell.angle_gamma   90.000
#
_symmetry.space_group_name_H-M   'P 21 21 21'
#
loop_
_entity.id
_entity.type
_entity.pdbx_description
1 polymer 'Aminopeptidase C'
2 non-polymer 'POTASSIUM ION'
3 non-polymer 5-[(3aS,4R,6aR)-2-oxohexahydro-1H-thieno[3,4-d]imidazol-4-yl]-N-(2-oxopropyl)pentanamide
4 water water
#
_entity_poly.entity_id   1
_entity_poly.type   'polypeptide(L)'
_entity_poly.pdbx_seq_one_letter_code
;MGSDKIHHHHHHENLYFQQDTEKKVSEEGFVFTTVKENPITSVKNQNRAGTCWCYSSYSFLESELLRMGKGEYDLSEMFT
VYNTYLDRADAAVRTHGDVSFSQGGSFYDALYGMETFGLVPEEEMRPGMMYADTLSNHTELSALTDAMVAAIAKGKLRKL
QSDENNAMLWKKAVAAVHQIYLGVPPEKFTYKGKEYTPKSFFESTGLKASDYVSLTSYTHHPFYTQFPLEIQDNWRHGMS
YNLPLDEFMEVFDNAINTGYTIAWGSDVSESGFTRDGVAVMPDDEKVQELSGSDMAHWLKLKPEEKKLNTKPQPQKWCTQ
AERQLAYDNYETTDDHGMQIYGIAKDQEGNEYYMVKNSWGTNSKYNGIWYASKAFVRYKTMNIVVHKDALPKAIKAKLGI
K
;
_entity_poly.pdbx_strand_id   A,B,C,D,E,F
#
loop_
_chem_comp.id
_chem_comp.type
_chem_comp.name
_chem_comp.formula
K non-polymer 'POTASSIUM ION' 'K 1'
T1O non-polymer 5-[(3aS,4R,6aR)-2-oxohexahydro-1H-thieno[3,4-d]imidazol-4-yl]-N-(2-oxopropyl)pentanamide 'C13 H21 N3 O3 S'
#
# COMPACT_ATOMS: atom_id res chain seq x y z
N GLY A 29 9.03 -1.89 -49.67
CA GLY A 29 10.18 -2.38 -48.93
C GLY A 29 11.32 -1.39 -48.89
N PHE A 30 12.40 -1.80 -48.26
CA PHE A 30 13.58 -0.98 -48.11
C PHE A 30 14.75 -1.70 -48.75
N VAL A 31 15.62 -0.96 -49.41
CA VAL A 31 16.81 -1.56 -49.97
C VAL A 31 17.94 -0.68 -49.52
N PHE A 32 18.96 -1.25 -48.93
CA PHE A 32 20.04 -0.44 -48.39
C PHE A 32 21.35 -0.62 -49.07
N THR A 33 22.07 0.47 -49.19
CA THR A 33 23.37 0.45 -49.79
C THR A 33 24.30 1.07 -48.83
N THR A 34 25.38 0.38 -48.52
CA THR A 34 26.37 0.87 -47.57
C THR A 34 27.22 1.95 -48.23
N VAL A 35 27.36 3.08 -47.56
CA VAL A 35 28.24 4.14 -48.05
C VAL A 35 29.63 4.02 -47.46
N LYS A 36 29.72 3.91 -46.13
CA LYS A 36 30.96 3.64 -45.42
C LYS A 36 30.63 2.98 -44.10
N GLU A 37 31.30 1.87 -43.80
CA GLU A 37 31.22 1.18 -42.52
C GLU A 37 32.62 0.89 -42.01
N ASN A 38 32.72 0.68 -40.70
CA ASN A 38 33.98 0.41 -40.03
C ASN A 38 33.86 -0.88 -39.22
N PRO A 39 34.94 -1.65 -39.10
CA PRO A 39 34.79 -3.01 -38.57
C PRO A 39 34.29 -3.03 -37.14
N ILE A 40 33.38 -3.97 -36.89
CA ILE A 40 32.85 -4.26 -35.58
C ILE A 40 33.16 -5.72 -35.27
N THR A 41 33.11 -6.06 -33.99
CA THR A 41 33.13 -7.46 -33.62
C THR A 41 31.74 -8.06 -33.81
N SER A 42 31.59 -9.32 -33.42
CA SER A 42 30.35 -10.05 -33.66
C SER A 42 29.20 -9.53 -32.79
N VAL A 43 27.99 -9.68 -33.32
CA VAL A 43 26.77 -9.25 -32.64
C VAL A 43 26.55 -10.13 -31.42
N LYS A 44 26.54 -9.51 -30.24
CA LYS A 44 26.29 -10.23 -28.99
C LYS A 44 24.79 -10.22 -28.64
N ASN A 45 24.45 -10.95 -27.57
CA ASN A 45 23.06 -11.12 -27.16
C ASN A 45 22.93 -10.95 -25.65
N GLN A 46 22.48 -9.77 -25.22
CA GLN A 46 22.25 -9.48 -23.80
C GLN A 46 21.10 -10.29 -23.21
N ASN A 47 20.19 -10.80 -24.05
CA ASN A 47 19.01 -11.55 -23.65
C ASN A 47 18.25 -10.82 -22.53
N ARG A 48 17.81 -11.55 -21.50
CA ARG A 48 16.85 -11.02 -20.52
C ARG A 48 17.54 -10.29 -19.35
N ALA A 49 18.25 -9.21 -19.68
CA ALA A 49 18.69 -8.26 -18.66
C ALA A 49 18.86 -6.88 -19.28
N GLY A 50 18.66 -5.85 -18.46
CA GLY A 50 18.84 -4.48 -18.92
C GLY A 50 20.29 -4.01 -19.02
N THR A 51 21.17 -4.84 -19.59
CA THR A 51 22.61 -4.56 -19.60
C THR A 51 23.10 -4.01 -20.95
N CYS A 52 22.22 -3.41 -21.74
CA CYS A 52 22.62 -2.83 -23.01
C CYS A 52 23.73 -1.81 -22.84
N TRP A 53 23.76 -1.12 -21.70
CA TRP A 53 24.77 -0.09 -21.47
C TRP A 53 26.17 -0.69 -21.52
N CYS A 54 26.33 -1.90 -21.00
CA CYS A 54 27.65 -2.52 -20.98
C CYS A 54 27.96 -3.23 -22.30
N TYR A 55 26.99 -3.93 -22.89
CA TYR A 55 27.24 -4.60 -24.18
C TYR A 55 27.55 -3.58 -25.27
N SER A 56 26.79 -2.46 -25.29
CA SER A 56 27.07 -1.42 -26.27
C SER A 56 28.42 -0.77 -26.00
N SER A 57 28.71 -0.44 -24.73
CA SER A 57 30.03 0.08 -24.39
C SER A 57 31.13 -0.82 -24.92
N TYR A 58 30.98 -2.13 -24.74
CA TYR A 58 32.04 -3.05 -25.15
C TYR A 58 32.04 -3.29 -26.66
N SER A 59 30.88 -3.20 -27.32
CA SER A 59 30.87 -3.18 -28.79
C SER A 59 31.74 -2.05 -29.30
N PHE A 60 31.69 -0.91 -28.59
CA PHE A 60 32.40 0.29 -29.00
C PHE A 60 33.89 0.22 -28.64
N LEU A 61 34.21 -0.29 -27.44
CA LEU A 61 35.61 -0.41 -27.05
C LEU A 61 36.34 -1.50 -27.84
N GLU A 62 35.62 -2.54 -28.26
CA GLU A 62 36.25 -3.56 -29.10
C GLU A 62 36.47 -3.05 -30.52
N SER A 63 35.52 -2.26 -31.06
CA SER A 63 35.78 -1.57 -32.32
C SER A 63 36.94 -0.61 -32.19
N GLU A 64 37.09 0.02 -31.02
CA GLU A 64 38.24 0.89 -30.80
C GLU A 64 39.54 0.08 -30.81
N LEU A 65 39.59 -1.01 -30.05
CA LEU A 65 40.79 -1.84 -30.02
C LEU A 65 41.13 -2.36 -31.41
N LEU A 66 40.10 -2.70 -32.21
CA LEU A 66 40.35 -3.10 -33.59
C LEU A 66 40.97 -1.98 -34.38
N ARG A 67 40.51 -0.74 -34.17
CA ARG A 67 40.96 0.39 -34.95
C ARG A 67 42.34 0.88 -34.50
N MET A 68 42.73 0.56 -33.26
CA MET A 68 44.12 0.74 -32.81
C MET A 68 44.99 -0.49 -33.11
N GLY A 69 44.50 -1.43 -33.91
CA GLY A 69 45.28 -2.58 -34.38
C GLY A 69 45.63 -3.60 -33.32
N LYS A 70 44.72 -3.85 -32.37
CA LYS A 70 45.00 -4.73 -31.24
C LYS A 70 44.28 -6.07 -31.31
N GLY A 71 43.46 -6.30 -32.33
CA GLY A 71 42.81 -7.58 -32.56
C GLY A 71 41.39 -7.63 -32.00
N GLU A 72 40.71 -8.72 -32.36
CA GLU A 72 39.33 -8.95 -31.93
C GLU A 72 39.31 -9.37 -30.46
N TYR A 73 38.62 -8.58 -29.62
CA TYR A 73 38.41 -8.88 -28.21
C TYR A 73 36.96 -9.25 -27.92
N ASP A 74 36.78 -10.02 -26.85
CA ASP A 74 35.47 -10.27 -26.27
C ASP A 74 35.57 -10.05 -24.76
N LEU A 75 35.42 -8.79 -24.34
CA LEU A 75 35.47 -8.50 -22.91
C LEU A 75 34.17 -8.98 -22.25
N SER A 76 34.28 -9.28 -20.96
CA SER A 76 33.17 -9.83 -20.16
C SER A 76 32.30 -8.69 -19.63
N GLU A 77 31.08 -8.61 -20.15
CA GLU A 77 30.10 -7.69 -19.56
C GLU A 77 29.78 -8.07 -18.13
N MET A 78 29.66 -9.37 -17.86
CA MET A 78 29.18 -9.81 -16.55
C MET A 78 30.11 -9.35 -15.44
N PHE A 79 31.42 -9.29 -15.69
CA PHE A 79 32.37 -8.80 -14.69
C PHE A 79 32.12 -7.36 -14.34
N THR A 80 31.83 -6.54 -15.35
CA THR A 80 31.61 -5.12 -15.13
C THR A 80 30.19 -4.87 -14.61
N VAL A 81 29.22 -5.61 -15.13
CA VAL A 81 27.86 -5.54 -14.60
C VAL A 81 27.85 -5.90 -13.12
N TYR A 82 28.64 -6.90 -12.74
CA TYR A 82 28.75 -7.30 -11.35
C TYR A 82 29.28 -6.15 -10.49
N ASN A 83 30.42 -5.56 -10.87
CA ASN A 83 31.01 -4.52 -10.03
C ASN A 83 30.18 -3.24 -10.07
N THR A 84 29.59 -2.92 -11.22
CA THR A 84 28.72 -1.73 -11.26
C THR A 84 27.58 -1.86 -10.27
N TYR A 85 26.94 -3.03 -10.20
CA TYR A 85 25.78 -3.15 -9.32
C TYR A 85 26.15 -2.95 -7.86
N LEU A 86 27.37 -3.36 -7.45
CA LEU A 86 27.71 -3.17 -6.05
C LEU A 86 27.88 -1.69 -5.72
N ASP A 87 28.48 -0.92 -6.64
CA ASP A 87 28.55 0.54 -6.46
C ASP A 87 27.16 1.15 -6.44
N ARG A 88 26.28 0.68 -7.33
CA ARG A 88 24.95 1.27 -7.42
C ARG A 88 24.12 0.93 -6.18
N ALA A 89 24.30 -0.27 -5.63
CA ALA A 89 23.70 -0.57 -4.34
C ALA A 89 24.20 0.39 -3.27
N ASP A 90 25.50 0.70 -3.29
CA ASP A 90 26.05 1.59 -2.28
C ASP A 90 25.46 2.98 -2.42
N ALA A 91 25.23 3.41 -3.67
CA ALA A 91 24.64 4.72 -3.91
C ALA A 91 23.19 4.76 -3.45
N ALA A 92 22.44 3.67 -3.68
CA ALA A 92 21.09 3.61 -3.15
C ALA A 92 21.10 3.73 -1.62
N VAL A 93 22.02 3.06 -0.95
CA VAL A 93 22.00 3.03 0.52
C VAL A 93 22.46 4.37 1.09
N ARG A 94 23.54 4.93 0.57
CA ARG A 94 23.98 6.26 1.02
C ARG A 94 22.92 7.31 0.81
N THR A 95 22.09 7.20 -0.24
CA THR A 95 21.06 8.20 -0.46
C THR A 95 19.70 7.76 0.05
N HIS A 96 19.66 6.71 0.87
CA HIS A 96 18.41 6.26 1.48
C HIS A 96 17.32 6.01 0.44
N GLY A 97 17.71 5.44 -0.70
CA GLY A 97 16.73 5.02 -1.71
C GLY A 97 16.50 6.00 -2.85
N ASP A 98 17.08 7.20 -2.81
CA ASP A 98 16.88 8.14 -3.91
C ASP A 98 17.51 7.62 -5.20
N VAL A 99 18.76 7.18 -5.15
CA VAL A 99 19.35 6.49 -6.28
C VAL A 99 18.61 5.17 -6.46
N SER A 100 17.83 5.05 -7.53
CA SER A 100 17.14 3.79 -7.84
C SER A 100 18.15 2.67 -8.04
N PHE A 101 17.79 1.45 -7.60
CA PHE A 101 18.62 0.28 -7.84
C PHE A 101 17.96 -0.59 -8.91
N SER A 102 18.60 -0.69 -10.08
CA SER A 102 18.00 -1.42 -11.20
C SER A 102 19.11 -1.87 -12.15
N GLN A 103 18.72 -2.50 -13.26
CA GLN A 103 19.70 -3.19 -14.09
C GLN A 103 20.44 -2.28 -15.07
N GLY A 104 19.93 -1.08 -15.34
CA GLY A 104 20.49 -0.22 -16.36
C GLY A 104 21.82 0.39 -15.96
N GLY A 105 22.29 1.27 -16.84
CA GLY A 105 23.54 1.96 -16.58
C GLY A 105 23.88 2.86 -17.75
N SER A 106 25.15 3.24 -17.83
CA SER A 106 25.60 4.23 -18.79
C SER A 106 26.96 3.83 -19.34
N PHE A 107 27.37 4.52 -20.41
CA PHE A 107 28.72 4.36 -20.94
C PHE A 107 29.75 4.70 -19.89
N TYR A 108 29.48 5.73 -19.09
CA TYR A 108 30.43 6.14 -18.07
C TYR A 108 30.64 5.04 -17.04
N ASP A 109 29.58 4.32 -16.67
CA ASP A 109 29.75 3.16 -15.82
C ASP A 109 30.85 2.24 -16.37
N ALA A 110 30.92 2.08 -17.70
CA ALA A 110 31.90 1.18 -18.29
C ALA A 110 33.29 1.78 -18.35
N LEU A 111 33.40 3.09 -18.63
CA LEU A 111 34.72 3.70 -18.67
C LEU A 111 35.27 3.92 -17.27
N TYR A 112 34.41 4.30 -16.34
CA TYR A 112 34.79 4.30 -14.93
C TYR A 112 35.23 2.90 -14.50
N GLY A 113 34.46 1.89 -14.89
CA GLY A 113 34.72 0.55 -14.39
C GLY A 113 36.00 -0.04 -14.96
N MET A 114 36.25 0.19 -16.24
CA MET A 114 37.48 -0.30 -16.87
C MET A 114 38.72 0.22 -16.14
N GLU A 115 38.67 1.45 -15.66
CA GLU A 115 39.79 2.03 -14.93
C GLU A 115 39.71 1.78 -13.42
N THR A 116 38.56 1.36 -12.91
CA THR A 116 38.43 1.12 -11.47
C THR A 116 38.46 -0.36 -11.12
N PHE A 117 37.77 -1.20 -11.89
CA PHE A 117 37.71 -2.62 -11.61
C PHE A 117 38.63 -3.43 -12.49
N GLY A 118 39.04 -2.89 -13.63
CA GLY A 118 39.80 -3.65 -14.59
C GLY A 118 38.90 -4.26 -15.64
N LEU A 119 39.45 -5.23 -16.37
CA LEU A 119 38.71 -5.93 -17.41
C LEU A 119 39.08 -7.41 -17.37
N VAL A 120 38.15 -8.26 -17.79
CA VAL A 120 38.47 -9.69 -17.87
C VAL A 120 37.95 -10.22 -19.21
N PRO A 121 38.59 -11.23 -19.79
CA PRO A 121 38.03 -11.86 -20.99
C PRO A 121 36.68 -12.50 -20.71
N GLU A 122 35.83 -12.53 -21.74
CA GLU A 122 34.51 -13.13 -21.70
C GLU A 122 34.52 -14.48 -20.98
N GLU A 123 35.56 -15.29 -21.25
CA GLU A 123 35.63 -16.65 -20.73
C GLU A 123 35.73 -16.69 -19.21
N GLU A 124 36.15 -15.60 -18.57
CA GLU A 124 36.32 -15.64 -17.12
C GLU A 124 35.02 -15.39 -16.36
N MET A 125 34.01 -14.80 -17.00
CA MET A 125 32.74 -14.54 -16.31
C MET A 125 31.64 -14.43 -17.37
N ARG A 126 30.97 -15.54 -17.60
CA ARG A 126 30.04 -15.77 -18.69
C ARG A 126 28.61 -15.52 -18.24
N PRO A 127 27.76 -15.07 -19.16
CA PRO A 127 26.33 -14.97 -18.85
C PRO A 127 25.72 -16.35 -18.68
N GLY A 128 24.94 -16.52 -17.61
CA GLY A 128 24.17 -17.71 -17.40
C GLY A 128 24.90 -18.93 -16.89
N MET A 129 26.22 -18.85 -16.65
CA MET A 129 26.95 -20.05 -16.25
C MET A 129 26.47 -20.58 -14.90
N MET A 130 25.97 -19.70 -14.02
CA MET A 130 25.54 -20.13 -12.69
C MET A 130 24.20 -20.87 -12.69
N TYR A 131 23.40 -20.74 -13.74
CA TYR A 131 22.08 -21.37 -13.77
C TYR A 131 21.90 -22.16 -15.05
N ALA A 132 22.96 -22.88 -15.46
CA ALA A 132 22.91 -23.87 -16.54
C ALA A 132 22.38 -23.26 -17.85
N ASP A 133 22.69 -22.00 -18.09
CA ASP A 133 22.30 -21.31 -19.32
C ASP A 133 23.53 -20.70 -19.98
N THR A 134 23.32 -20.19 -21.20
CA THR A 134 24.38 -19.58 -21.98
C THR A 134 24.15 -18.10 -22.23
N LEU A 135 22.99 -17.56 -21.87
CA LEU A 135 22.70 -16.13 -21.95
C LEU A 135 22.04 -15.69 -20.66
N SER A 136 22.08 -14.37 -20.43
CA SER A 136 21.62 -13.80 -19.17
C SER A 136 20.12 -13.90 -19.01
N ASN A 137 19.71 -14.18 -17.77
CA ASN A 137 18.35 -13.93 -17.29
C ASN A 137 18.50 -13.47 -15.85
N HIS A 138 18.40 -12.16 -15.64
CA HIS A 138 18.71 -11.59 -14.34
C HIS A 138 17.45 -11.25 -13.54
N THR A 139 16.30 -11.79 -13.94
CA THR A 139 15.04 -11.46 -13.28
C THR A 139 15.02 -11.89 -11.81
N GLU A 140 15.43 -13.13 -11.52
CA GLU A 140 15.39 -13.60 -10.14
C GLU A 140 16.45 -12.89 -9.31
N LEU A 141 17.62 -12.64 -9.90
CA LEU A 141 18.66 -11.86 -9.24
C LEU A 141 18.17 -10.48 -8.85
N SER A 142 17.51 -9.77 -9.78
CA SER A 142 16.95 -8.47 -9.45
C SER A 142 15.86 -8.60 -8.41
N ALA A 143 14.99 -9.60 -8.55
CA ALA A 143 13.98 -9.84 -7.52
C ALA A 143 14.62 -9.87 -6.14
N LEU A 144 15.71 -10.64 -5.99
CA LEU A 144 16.35 -10.76 -4.68
C LEU A 144 17.10 -9.49 -4.31
N THR A 145 17.90 -8.93 -5.22
CA THR A 145 18.76 -7.82 -4.81
C THR A 145 17.99 -6.51 -4.68
N ASP A 146 16.95 -6.30 -5.49
CA ASP A 146 16.08 -5.13 -5.28
C ASP A 146 15.48 -5.15 -3.89
N ALA A 147 15.04 -6.33 -3.45
CA ALA A 147 14.41 -6.41 -2.15
C ALA A 147 15.43 -6.21 -1.04
N MET A 148 16.67 -6.72 -1.22
CA MET A 148 17.68 -6.55 -0.16
C MET A 148 18.12 -5.10 -0.03
N VAL A 149 18.40 -4.45 -1.16
CA VAL A 149 18.83 -3.05 -1.13
C VAL A 149 17.72 -2.17 -0.56
N ALA A 150 16.47 -2.46 -0.92
CA ALA A 150 15.36 -1.67 -0.38
C ALA A 150 15.15 -1.91 1.10
N ALA A 151 15.40 -3.13 1.59
CA ALA A 151 15.28 -3.36 3.03
C ALA A 151 16.27 -2.50 3.82
N ILE A 152 17.42 -2.18 3.23
CA ILE A 152 18.42 -1.34 3.89
C ILE A 152 18.16 0.15 3.61
N ALA A 153 18.00 0.50 2.34
CA ALA A 153 17.94 1.91 1.95
C ALA A 153 16.61 2.57 2.33
N LYS A 154 15.51 1.82 2.35
CA LYS A 154 14.20 2.40 2.64
C LYS A 154 13.55 1.78 3.86
N GLY A 155 14.26 0.94 4.61
CA GLY A 155 13.72 0.35 5.81
C GLY A 155 13.87 1.29 7.00
N LYS A 156 13.68 0.72 8.19
CA LYS A 156 13.75 1.46 9.43
C LYS A 156 14.98 1.12 10.27
N LEU A 157 15.97 0.43 9.70
CA LEU A 157 17.20 0.16 10.46
C LEU A 157 17.96 1.44 10.77
N ARG A 158 18.38 1.60 12.03
CA ARG A 158 19.07 2.81 12.48
C ARG A 158 20.56 2.64 12.63
N LYS A 159 21.08 1.41 12.53
CA LYS A 159 22.52 1.23 12.74
C LYS A 159 22.94 -0.05 12.00
N LEU A 160 23.34 0.11 10.75
CA LEU A 160 23.75 -1.05 9.95
C LEU A 160 24.91 -1.75 10.62
N GLN A 161 24.94 -3.08 10.51
CA GLN A 161 25.95 -3.85 11.22
C GLN A 161 27.27 -3.91 10.45
N SER A 162 28.36 -4.06 11.20
CA SER A 162 29.69 -4.12 10.61
C SER A 162 30.56 -5.06 11.41
N ASP A 163 31.64 -5.54 10.78
CA ASP A 163 32.53 -6.49 11.44
C ASP A 163 33.66 -5.74 12.16
N GLU A 164 34.64 -6.51 12.64
CA GLU A 164 35.74 -5.96 13.42
C GLU A 164 36.62 -5.01 12.61
N ASN A 165 36.54 -5.05 11.29
CA ASN A 165 37.29 -4.11 10.47
C ASN A 165 36.43 -2.98 9.90
N ASN A 166 35.22 -2.78 10.42
CA ASN A 166 34.28 -1.75 9.97
C ASN A 166 33.75 -1.99 8.57
N ALA A 167 33.84 -3.22 8.10
CA ALA A 167 33.27 -3.54 6.81
C ALA A 167 31.81 -3.84 7.05
N MET A 168 30.96 -3.29 6.20
CA MET A 168 29.54 -3.47 6.36
C MET A 168 29.02 -4.83 5.99
N LEU A 169 28.21 -5.39 6.86
CA LEU A 169 27.64 -6.69 6.62
C LEU A 169 26.70 -6.70 5.44
N TRP A 170 25.92 -5.64 5.26
CA TRP A 170 24.97 -5.61 4.15
C TRP A 170 25.68 -5.72 2.79
N LYS A 171 26.81 -5.08 2.63
CA LYS A 171 27.54 -5.13 1.41
C LYS A 171 28.01 -6.53 1.08
N LYS A 172 28.43 -7.27 2.09
CA LYS A 172 28.85 -8.61 1.87
C LYS A 172 27.70 -9.47 1.38
N ALA A 173 26.55 -9.29 1.98
CA ALA A 173 25.41 -10.05 1.60
C ALA A 173 25.01 -9.79 0.18
N VAL A 174 25.02 -8.52 -0.21
CA VAL A 174 24.67 -8.16 -1.56
C VAL A 174 25.67 -8.69 -2.53
N ALA A 175 26.94 -8.62 -2.19
CA ALA A 175 27.97 -9.14 -3.05
C ALA A 175 27.90 -10.66 -3.19
N ALA A 176 27.73 -11.35 -2.09
CA ALA A 176 27.56 -12.81 -2.15
C ALA A 176 26.37 -13.21 -3.03
N VAL A 177 25.27 -12.46 -3.00
CA VAL A 177 24.12 -12.86 -3.80
C VAL A 177 24.38 -12.64 -5.29
N HIS A 178 24.99 -11.50 -5.65
CA HIS A 178 25.39 -11.25 -7.04
C HIS A 178 26.34 -12.35 -7.54
N GLN A 179 27.28 -12.79 -6.70
CA GLN A 179 28.21 -13.84 -7.09
C GLN A 179 27.49 -15.15 -7.39
N ILE A 180 26.45 -15.48 -6.61
CA ILE A 180 25.71 -16.71 -6.83
C ILE A 180 25.03 -16.75 -8.19
N TYR A 181 24.58 -15.60 -8.69
CA TYR A 181 23.83 -15.54 -9.95
C TYR A 181 24.68 -15.17 -11.16
N LEU A 182 25.79 -14.45 -10.96
CA LEU A 182 26.62 -14.01 -12.09
C LEU A 182 27.98 -14.65 -12.15
N GLY A 183 28.55 -15.06 -11.02
CA GLY A 183 29.89 -15.64 -10.99
C GLY A 183 30.77 -15.03 -9.91
N VAL A 184 31.85 -15.75 -9.64
CA VAL A 184 32.93 -15.26 -8.77
C VAL A 184 33.94 -14.58 -9.67
N PRO A 185 34.14 -13.26 -9.57
CA PRO A 185 35.09 -12.58 -10.45
C PRO A 185 36.50 -13.04 -10.21
N PRO A 186 37.34 -13.12 -11.26
CA PRO A 186 38.66 -13.73 -11.12
C PRO A 186 39.66 -12.78 -10.47
N GLU A 187 40.45 -13.33 -9.55
CA GLU A 187 41.58 -12.60 -8.97
C GLU A 187 42.74 -12.56 -9.95
N LYS A 188 43.00 -13.69 -10.59
CA LYS A 188 44.04 -13.83 -11.61
C LYS A 188 43.51 -14.78 -12.67
N PHE A 189 44.10 -14.72 -13.86
CA PHE A 189 43.71 -15.60 -14.95
C PHE A 189 44.78 -15.60 -16.01
N THR A 190 44.76 -16.63 -16.84
CA THR A 190 45.71 -16.74 -17.93
C THR A 190 44.96 -16.51 -19.24
N TYR A 191 45.56 -15.70 -20.12
CA TYR A 191 44.93 -15.33 -21.38
C TYR A 191 45.98 -15.29 -22.48
N LYS A 192 45.85 -16.18 -23.46
CA LYS A 192 46.77 -16.27 -24.59
C LYS A 192 48.22 -16.31 -24.11
N GLY A 193 48.50 -17.25 -23.19
CA GLY A 193 49.85 -17.52 -22.77
C GLY A 193 50.41 -16.60 -21.71
N LYS A 194 49.74 -15.49 -21.42
CA LYS A 194 50.15 -14.57 -20.36
C LYS A 194 49.11 -14.57 -19.26
N GLU A 195 49.54 -14.28 -18.05
CA GLU A 195 48.65 -14.27 -16.89
C GLU A 195 48.39 -12.83 -16.46
N TYR A 196 47.19 -12.57 -15.96
CA TYR A 196 46.82 -11.21 -15.61
C TYR A 196 45.93 -11.19 -14.38
N THR A 197 45.86 -10.02 -13.77
CA THR A 197 44.76 -9.50 -12.97
C THR A 197 43.81 -8.73 -13.87
N PRO A 198 42.56 -8.52 -13.45
CA PRO A 198 41.69 -7.64 -14.23
C PRO A 198 42.33 -6.28 -14.46
N LYS A 199 43.05 -5.78 -13.46
CA LYS A 199 43.73 -4.51 -13.60
C LYS A 199 44.85 -4.60 -14.63
N SER A 200 45.77 -5.55 -14.45
CA SER A 200 46.87 -5.72 -15.41
C SER A 200 46.35 -6.07 -16.79
N PHE A 201 45.24 -6.82 -16.85
CA PHE A 201 44.66 -7.11 -18.17
C PHE A 201 44.15 -5.83 -18.83
N PHE A 202 43.68 -4.86 -18.02
CA PHE A 202 43.26 -3.59 -18.61
C PHE A 202 44.45 -2.76 -19.05
N GLU A 203 45.52 -2.67 -18.25
CA GLU A 203 46.72 -1.99 -18.73
C GLU A 203 47.21 -2.59 -20.03
N SER A 204 47.01 -3.89 -20.22
CA SER A 204 47.29 -4.59 -21.47
C SER A 204 46.56 -3.99 -22.68
N THR A 205 45.61 -3.07 -22.44
CA THR A 205 44.76 -2.50 -23.49
C THR A 205 45.41 -1.34 -24.23
N GLY A 206 46.04 -0.44 -23.51
CA GLY A 206 46.27 0.89 -24.04
C GLY A 206 45.05 1.78 -23.99
N LEU A 207 43.89 1.26 -23.60
CA LEU A 207 42.71 2.10 -23.46
C LEU A 207 42.86 3.02 -22.26
N LYS A 208 42.46 4.28 -22.44
CA LYS A 208 42.51 5.27 -21.39
C LYS A 208 41.17 6.00 -21.36
N ALA A 209 40.54 6.07 -20.18
CA ALA A 209 39.22 6.68 -20.12
C ALA A 209 39.30 8.15 -20.54
N SER A 210 40.38 8.82 -20.17
CA SER A 210 40.56 10.22 -20.53
C SER A 210 40.49 10.46 -22.03
N ASP A 211 40.63 9.40 -22.84
CA ASP A 211 40.58 9.55 -24.30
C ASP A 211 39.17 9.71 -24.84
N TYR A 212 38.14 9.41 -24.06
CA TYR A 212 36.78 9.40 -24.56
C TYR A 212 35.98 10.50 -23.88
N VAL A 213 35.16 11.19 -24.66
CA VAL A 213 34.30 12.25 -24.15
C VAL A 213 32.85 11.93 -24.47
N SER A 214 31.96 12.36 -23.56
CA SER A 214 30.52 12.24 -23.72
C SER A 214 29.96 13.56 -24.24
N LEU A 215 29.06 13.46 -25.23
CA LEU A 215 28.47 14.62 -25.89
C LEU A 215 26.95 14.47 -25.91
N THR A 216 26.26 15.62 -25.76
CA THR A 216 24.81 15.71 -25.85
C THR A 216 24.47 17.08 -26.45
N SER A 217 23.17 17.33 -26.64
CA SER A 217 22.69 18.58 -27.23
C SER A 217 21.34 18.93 -26.61
N TYR A 218 21.34 19.82 -25.62
CA TYR A 218 20.10 20.32 -25.01
C TYR A 218 20.25 21.80 -24.67
N THR A 219 19.14 22.42 -24.29
CA THR A 219 19.16 23.86 -24.05
C THR A 219 18.83 24.25 -22.63
N HIS A 220 18.60 23.29 -21.73
CA HIS A 220 18.47 23.66 -20.34
C HIS A 220 19.84 23.86 -19.66
N HIS A 221 20.92 23.87 -20.45
CA HIS A 221 22.26 24.29 -20.03
C HIS A 221 22.88 25.01 -21.21
N PRO A 222 23.79 25.96 -20.96
CA PRO A 222 24.40 26.67 -22.10
C PRO A 222 25.25 25.73 -22.92
N PHE A 223 25.34 26.03 -24.21
CA PHE A 223 26.19 25.24 -25.09
C PHE A 223 27.66 25.40 -24.68
N TYR A 224 28.45 24.36 -25.00
CA TYR A 224 29.89 24.35 -24.78
C TYR A 224 30.24 24.28 -23.30
N THR A 225 29.35 23.73 -22.49
CA THR A 225 29.61 23.51 -21.08
C THR A 225 29.35 22.06 -20.76
N GLN A 226 29.77 21.65 -19.57
CA GLN A 226 29.62 20.28 -19.09
C GLN A 226 28.48 20.21 -18.08
N PHE A 227 27.63 19.19 -18.20
CA PHE A 227 26.60 18.92 -17.21
C PHE A 227 26.25 17.43 -17.21
N PRO A 228 25.80 16.89 -16.07
CA PRO A 228 25.38 15.49 -16.01
C PRO A 228 23.94 15.33 -16.46
N LEU A 229 23.72 14.53 -17.50
CA LEU A 229 22.36 14.22 -17.94
C LEU A 229 21.52 13.74 -16.77
N GLU A 230 20.31 14.30 -16.67
CA GLU A 230 19.42 14.08 -15.53
C GLU A 230 18.55 12.83 -15.74
N ILE A 231 19.20 11.69 -15.89
CA ILE A 231 18.50 10.44 -16.11
C ILE A 231 18.90 9.45 -15.02
N GLN A 232 17.98 8.53 -14.71
CA GLN A 232 18.14 7.67 -13.53
C GLN A 232 19.41 6.84 -13.60
N ASP A 233 19.78 6.37 -14.78
CA ASP A 233 20.93 5.50 -14.90
C ASP A 233 22.25 6.26 -14.94
N ASN A 234 22.22 7.59 -14.90
CA ASN A 234 23.41 8.40 -14.71
C ASN A 234 23.63 8.74 -13.24
N TRP A 235 23.50 7.75 -12.36
CA TRP A 235 23.61 8.01 -10.92
C TRP A 235 25.05 8.31 -10.50
N ARG A 236 26.05 7.94 -11.32
CA ARG A 236 27.38 8.47 -11.04
C ARG A 236 27.51 9.94 -11.46
N HIS A 237 26.52 10.49 -12.15
CA HIS A 237 26.55 11.87 -12.62
C HIS A 237 27.76 12.14 -13.51
N GLY A 238 27.99 11.24 -14.47
CA GLY A 238 28.96 11.53 -15.51
C GLY A 238 28.58 12.77 -16.30
N MET A 239 29.58 13.62 -16.56
CA MET A 239 29.41 14.84 -17.32
C MET A 239 29.30 14.56 -18.82
N SER A 240 28.56 15.43 -19.51
CA SER A 240 28.54 15.44 -20.97
C SER A 240 28.80 16.85 -21.45
N TYR A 241 29.53 16.97 -22.56
CA TYR A 241 29.69 18.22 -23.28
C TYR A 241 28.45 18.51 -24.11
N ASN A 242 27.95 19.75 -24.02
CA ASN A 242 26.72 20.16 -24.66
C ASN A 242 27.03 20.95 -25.95
N LEU A 243 26.54 20.45 -27.10
CA LEU A 243 26.78 21.08 -28.40
C LEU A 243 25.47 21.58 -29.01
N PRO A 244 25.51 22.63 -29.83
CA PRO A 244 24.36 22.93 -30.68
C PRO A 244 24.05 21.73 -31.56
N LEU A 245 22.76 21.54 -31.87
CA LEU A 245 22.36 20.26 -32.46
C LEU A 245 22.98 20.05 -33.83
N ASP A 246 23.23 21.13 -34.58
CA ASP A 246 23.82 21.01 -35.91
C ASP A 246 25.28 20.57 -35.83
N GLU A 247 26.03 21.13 -34.88
CA GLU A 247 27.40 20.66 -34.68
C GLU A 247 27.43 19.29 -34.04
N PHE A 248 26.37 18.96 -33.31
CA PHE A 248 26.27 17.65 -32.69
C PHE A 248 26.20 16.55 -33.75
N MET A 249 25.43 16.77 -34.81
CA MET A 249 25.33 15.79 -35.89
C MET A 249 26.59 15.77 -36.76
N GLU A 250 27.30 16.89 -36.84
CA GLU A 250 28.58 16.91 -37.55
C GLU A 250 29.55 15.92 -36.93
N VAL A 251 29.52 15.80 -35.60
CA VAL A 251 30.45 14.90 -34.91
C VAL A 251 30.22 13.47 -35.35
N PHE A 252 28.95 13.05 -35.43
CA PHE A 252 28.62 11.73 -35.95
C PHE A 252 29.33 11.46 -37.26
N ASP A 253 28.94 12.20 -38.31
CA ASP A 253 29.41 11.91 -39.66
C ASP A 253 30.93 12.00 -39.76
N ASN A 254 31.59 12.82 -38.94
CA ASN A 254 33.03 12.91 -39.07
C ASN A 254 33.69 11.73 -38.37
N ALA A 255 33.27 11.46 -37.14
CA ALA A 255 33.76 10.30 -36.42
C ALA A 255 33.82 9.09 -37.35
N ILE A 256 32.75 8.88 -38.10
CA ILE A 256 32.61 7.64 -38.84
C ILE A 256 33.30 7.69 -40.20
N ASN A 257 33.21 8.81 -40.93
CA ASN A 257 33.94 8.93 -42.19
C ASN A 257 35.45 8.90 -41.96
N THR A 258 35.89 9.21 -40.75
CA THR A 258 37.31 9.20 -40.41
C THR A 258 37.71 7.93 -39.66
N GLY A 259 36.85 6.90 -39.68
CA GLY A 259 37.22 5.58 -39.20
C GLY A 259 36.75 5.20 -37.81
N TYR A 260 36.10 6.10 -37.07
CA TYR A 260 35.73 5.79 -35.70
C TYR A 260 34.29 5.27 -35.62
N THR A 261 33.99 4.60 -34.51
CA THR A 261 32.63 4.21 -34.16
C THR A 261 32.11 5.11 -33.05
N ILE A 262 30.81 4.99 -32.77
CA ILE A 262 30.13 5.83 -31.80
C ILE A 262 29.35 4.97 -30.81
N ALA A 263 29.60 5.18 -29.52
CA ALA A 263 28.73 4.62 -28.49
C ALA A 263 27.48 5.48 -28.42
N TRP A 264 26.34 4.90 -28.75
CA TRP A 264 25.15 5.68 -29.09
C TRP A 264 24.04 5.41 -28.11
N GLY A 265 23.72 6.40 -27.29
CA GLY A 265 22.58 6.31 -26.40
C GLY A 265 21.39 7.10 -26.89
N SER A 266 20.24 6.42 -27.11
CA SER A 266 19.05 7.13 -27.57
C SER A 266 17.81 6.40 -27.08
N ASP A 267 16.67 7.04 -27.33
CA ASP A 267 15.37 6.44 -27.09
C ASP A 267 14.92 5.67 -28.33
N VAL A 268 14.58 4.39 -28.16
CA VAL A 268 14.15 3.53 -29.24
C VAL A 268 12.71 3.05 -29.06
N SER A 269 11.96 3.67 -28.16
CA SER A 269 10.55 3.33 -27.96
C SER A 269 9.65 4.29 -28.75
N GLU A 270 9.87 4.33 -30.06
CA GLU A 270 9.12 5.23 -30.93
C GLU A 270 8.42 4.42 -32.00
N SER A 271 7.39 5.03 -32.58
CA SER A 271 6.73 4.48 -33.78
C SER A 271 7.73 4.09 -34.85
N GLY A 272 8.79 4.89 -35.01
CA GLY A 272 9.75 4.66 -36.07
C GLY A 272 10.71 3.51 -35.83
N PHE A 273 11.11 3.29 -34.58
CA PHE A 273 11.96 2.14 -34.28
C PHE A 273 11.10 0.89 -34.33
N THR A 274 11.50 -0.07 -35.15
CA THR A 274 10.74 -1.31 -35.28
C THR A 274 11.64 -2.51 -34.98
N ARG A 275 10.99 -3.65 -34.76
CA ARG A 275 11.67 -4.94 -34.67
C ARG A 275 12.09 -5.46 -36.04
N ASP A 276 11.63 -4.85 -37.14
CA ASP A 276 12.01 -5.27 -38.49
C ASP A 276 13.27 -4.57 -39.01
N GLY A 277 14.05 -3.91 -38.13
CA GLY A 277 15.39 -3.47 -38.46
C GLY A 277 15.55 -2.06 -38.98
N VAL A 278 14.57 -1.18 -38.74
CA VAL A 278 14.55 0.15 -39.34
C VAL A 278 14.17 1.15 -38.26
N ALA A 279 14.78 2.34 -38.31
CA ALA A 279 14.46 3.41 -37.37
C ALA A 279 14.32 4.72 -38.15
N VAL A 280 13.08 5.17 -38.33
CA VAL A 280 12.74 6.32 -39.16
C VAL A 280 11.95 7.33 -38.34
N MET A 281 12.05 8.60 -38.73
CA MET A 281 11.30 9.70 -38.14
C MET A 281 10.43 10.33 -39.23
N PRO A 282 9.44 9.60 -39.72
CA PRO A 282 8.75 10.03 -40.95
C PRO A 282 7.77 11.16 -40.69
N ASP A 283 7.76 12.11 -41.62
CA ASP A 283 6.81 13.22 -41.61
C ASP A 283 5.44 12.68 -42.03
N ASP A 284 4.58 12.40 -41.05
CA ASP A 284 3.24 11.87 -41.37
C ASP A 284 2.46 12.79 -42.28
N GLU A 285 2.75 14.09 -42.28
CA GLU A 285 2.00 15.04 -43.11
C GLU A 285 2.35 14.89 -44.59
N LYS A 286 3.64 14.94 -44.93
CA LYS A 286 4.04 14.84 -46.32
C LYS A 286 3.82 13.44 -46.90
N VAL A 287 3.72 12.42 -46.04
CA VAL A 287 3.30 11.08 -46.49
C VAL A 287 1.85 11.13 -46.94
N GLN A 288 0.94 11.60 -46.07
CA GLN A 288 -0.49 11.78 -46.35
C GLN A 288 -0.77 12.94 -47.33
N GLU A 289 0.27 13.55 -47.92
CA GLU A 289 0.06 14.44 -49.06
C GLU A 289 -0.13 13.65 -50.34
N LEU A 290 0.36 12.41 -50.40
CA LEU A 290 0.35 11.62 -51.63
C LEU A 290 -0.89 10.72 -51.67
N SER A 291 -1.81 11.02 -52.58
CA SER A 291 -2.90 10.12 -53.00
C SER A 291 -3.85 9.75 -51.85
N GLY A 292 -4.42 10.76 -51.21
CA GLY A 292 -5.46 10.47 -50.23
C GLY A 292 -5.81 11.56 -49.24
N SER A 293 -6.99 11.43 -48.65
CA SER A 293 -7.37 12.10 -47.41
C SER A 293 -7.61 11.01 -46.37
N ASP A 294 -6.51 10.41 -45.90
CA ASP A 294 -6.54 9.12 -45.21
C ASP A 294 -7.36 9.18 -43.93
N MET A 295 -7.71 7.98 -43.44
CA MET A 295 -8.50 7.82 -42.23
C MET A 295 -7.59 7.77 -41.01
N LYS A 306 -0.70 4.59 -44.83
CA LYS A 306 -0.69 3.24 -44.27
C LYS A 306 0.73 2.71 -44.17
N LYS A 307 1.59 3.15 -45.10
CA LYS A 307 2.96 2.64 -45.19
C LYS A 307 3.98 3.66 -44.72
N LEU A 308 3.87 4.13 -43.47
CA LEU A 308 4.71 5.22 -42.97
C LEU A 308 6.08 4.76 -42.46
N ASN A 309 6.27 3.45 -42.24
CA ASN A 309 7.55 2.95 -41.76
C ASN A 309 8.07 1.76 -42.53
N THR A 310 7.37 1.28 -43.56
CA THR A 310 7.75 0.09 -44.30
C THR A 310 8.39 0.40 -45.66
N LYS A 311 8.70 1.66 -45.93
CA LYS A 311 9.29 2.06 -47.20
C LYS A 311 9.88 3.45 -47.02
N PRO A 312 10.82 3.85 -47.88
CA PRO A 312 11.40 5.20 -47.76
C PRO A 312 10.31 6.27 -47.74
N GLN A 313 10.51 7.29 -46.91
CA GLN A 313 9.52 8.34 -46.74
C GLN A 313 10.22 9.65 -46.44
N PRO A 314 9.54 10.78 -46.62
CA PRO A 314 10.08 12.05 -46.11
C PRO A 314 10.16 12.03 -44.58
N GLN A 315 11.13 12.75 -44.05
CA GLN A 315 11.40 12.74 -42.62
C GLN A 315 11.31 14.14 -42.04
N LYS A 316 10.84 14.22 -40.79
CA LYS A 316 10.85 15.46 -40.05
C LYS A 316 12.25 15.74 -39.54
N TRP A 317 12.78 16.93 -39.83
CA TRP A 317 14.09 17.37 -39.34
C TRP A 317 13.89 18.37 -38.21
N CYS A 318 14.14 17.92 -36.99
CA CYS A 318 13.72 18.65 -35.82
C CYS A 318 14.58 19.88 -35.58
N THR A 319 13.94 20.93 -35.08
CA THR A 319 14.64 22.07 -34.53
C THR A 319 15.23 21.69 -33.16
N GLN A 320 16.14 22.54 -32.68
CA GLN A 320 16.64 22.34 -31.33
C GLN A 320 15.50 22.40 -30.31
N ALA A 321 14.44 23.15 -30.62
CA ALA A 321 13.36 23.34 -29.66
C ALA A 321 12.43 22.13 -29.62
N GLU A 322 12.09 21.55 -30.77
CA GLU A 322 11.25 20.36 -30.75
C GLU A 322 11.96 19.20 -30.06
N ARG A 323 13.28 19.11 -30.23
CA ARG A 323 14.02 18.04 -29.58
C ARG A 323 14.07 18.25 -28.08
N GLN A 324 14.28 19.50 -27.63
CA GLN A 324 14.19 19.82 -26.22
C GLN A 324 12.84 19.41 -25.65
N LEU A 325 11.74 19.73 -26.36
CA LEU A 325 10.41 19.46 -25.84
C LEU A 325 10.22 17.97 -25.52
N ALA A 326 10.60 17.10 -26.46
CA ALA A 326 10.43 15.67 -26.25
C ALA A 326 11.26 15.16 -25.07
N TYR A 327 12.41 15.77 -24.83
CA TYR A 327 13.20 15.41 -23.67
C TYR A 327 12.57 15.96 -22.38
N ASP A 328 12.05 17.19 -22.43
CA ASP A 328 11.38 17.75 -21.26
C ASP A 328 10.07 17.04 -20.92
N ASN A 329 9.34 16.52 -21.92
CA ASN A 329 7.98 16.06 -21.70
C ASN A 329 7.83 14.54 -21.66
N TYR A 330 8.94 13.79 -21.56
CA TYR A 330 9.01 12.32 -21.43
C TYR A 330 8.82 11.54 -22.73
N GLU A 331 8.80 12.18 -23.90
CA GLU A 331 8.76 11.40 -25.14
C GLU A 331 10.13 10.87 -25.54
N THR A 332 11.20 11.50 -25.09
CA THR A 332 12.57 11.01 -25.27
C THR A 332 13.09 10.62 -23.90
N THR A 333 13.26 9.32 -23.66
CA THR A 333 13.60 8.80 -22.34
C THR A 333 14.57 7.64 -22.49
N ASP A 334 14.55 6.78 -21.47
CA ASP A 334 15.05 5.40 -21.48
C ASP A 334 16.30 5.21 -22.33
N ASP A 335 17.39 5.83 -21.87
CA ASP A 335 18.66 5.81 -22.59
CA ASP A 335 18.68 5.80 -22.56
C ASP A 335 19.10 4.38 -22.93
N HIS A 336 18.59 3.85 -24.05
CA HIS A 336 19.06 2.55 -24.53
C HIS A 336 20.37 2.74 -25.29
N GLY A 337 21.33 1.88 -25.02
CA GLY A 337 22.67 2.04 -25.58
C GLY A 337 22.93 1.09 -26.73
N MET A 338 23.55 1.59 -27.78
CA MET A 338 23.91 0.78 -28.94
C MET A 338 25.19 1.33 -29.55
N GLN A 339 25.62 0.76 -30.66
CA GLN A 339 26.83 1.20 -31.33
C GLN A 339 26.52 1.57 -32.77
N ILE A 340 26.93 2.78 -33.18
CA ILE A 340 26.87 3.23 -34.57
C ILE A 340 28.22 2.99 -35.22
N TYR A 341 28.23 2.37 -36.39
CA TYR A 341 29.50 2.08 -37.04
C TYR A 341 29.51 2.37 -38.53
N GLY A 342 28.37 2.58 -39.18
CA GLY A 342 28.35 2.75 -40.61
C GLY A 342 27.35 3.81 -41.05
N ILE A 343 27.51 4.23 -42.31
CA ILE A 343 26.57 5.13 -42.97
C ILE A 343 26.07 4.43 -44.22
N ALA A 344 24.77 4.58 -44.50
CA ALA A 344 24.16 3.91 -45.65
C ALA A 344 23.05 4.78 -46.20
N LYS A 345 22.60 4.44 -47.41
CA LYS A 345 21.47 5.10 -48.05
C LYS A 345 20.47 4.05 -48.53
N ASP A 346 19.20 4.46 -48.67
CA ASP A 346 18.15 3.61 -49.20
C ASP A 346 17.92 3.92 -50.69
N GLN A 347 16.80 3.43 -51.25
CA GLN A 347 16.56 3.59 -52.70
C GLN A 347 16.58 5.05 -53.13
N GLU A 348 16.03 5.93 -52.30
CA GLU A 348 15.85 7.33 -52.66
C GLU A 348 16.95 8.23 -52.12
N GLY A 349 18.05 7.65 -51.63
CA GLY A 349 19.20 8.41 -51.19
C GLY A 349 19.18 8.90 -49.77
N ASN A 350 18.10 8.69 -49.02
CA ASN A 350 18.06 9.07 -47.60
C ASN A 350 19.25 8.48 -46.85
N GLU A 351 19.76 9.24 -45.88
CA GLU A 351 20.96 8.86 -45.16
C GLU A 351 20.60 8.18 -43.84
N TYR A 352 21.26 7.05 -43.57
CA TYR A 352 21.04 6.27 -42.35
C TYR A 352 22.36 5.94 -41.69
N TYR A 353 22.33 5.84 -40.35
CA TYR A 353 23.42 5.29 -39.58
C TYR A 353 23.19 3.81 -39.34
N MET A 354 24.25 3.02 -39.49
CA MET A 354 24.17 1.59 -39.28
C MET A 354 24.47 1.33 -37.80
N VAL A 355 23.55 0.65 -37.13
CA VAL A 355 23.67 0.41 -35.71
C VAL A 355 23.82 -1.09 -35.50
N LYS A 356 24.69 -1.45 -34.56
CA LYS A 356 24.88 -2.82 -34.13
C LYS A 356 24.16 -2.98 -32.80
N ASN A 357 23.16 -3.86 -32.76
CA ASN A 357 22.37 -4.09 -31.56
C ASN A 357 22.98 -5.21 -30.73
N SER A 358 22.44 -5.41 -29.53
CA SER A 358 22.89 -6.52 -28.70
C SER A 358 21.72 -7.43 -28.37
N TRP A 359 20.91 -7.75 -29.38
CA TRP A 359 19.72 -8.57 -29.22
C TRP A 359 19.84 -9.90 -29.94
N GLY A 360 21.05 -10.28 -30.35
CA GLY A 360 21.23 -11.49 -31.12
C GLY A 360 21.18 -11.24 -32.61
N THR A 361 21.14 -12.33 -33.38
CA THR A 361 21.19 -12.24 -34.83
C THR A 361 19.94 -12.77 -35.53
N ASN A 362 18.86 -13.07 -34.79
CA ASN A 362 17.62 -13.45 -35.47
C ASN A 362 16.74 -12.22 -35.65
N SER A 363 17.18 -11.36 -36.56
CA SER A 363 16.41 -10.20 -37.00
C SER A 363 16.66 -10.04 -38.49
N LYS A 364 15.95 -9.10 -39.11
CA LYS A 364 15.95 -9.04 -40.56
C LYS A 364 17.36 -8.89 -41.11
N TYR A 365 18.24 -8.17 -40.40
CA TYR A 365 19.62 -7.98 -40.84
C TYR A 365 20.62 -8.55 -39.85
N ASN A 366 20.24 -9.63 -39.16
CA ASN A 366 21.18 -10.39 -38.33
C ASN A 366 21.73 -9.54 -37.18
N GLY A 367 20.86 -8.75 -36.56
CA GLY A 367 21.22 -7.94 -35.43
C GLY A 367 21.64 -6.52 -35.74
N ILE A 368 21.48 -6.07 -37.00
CA ILE A 368 21.84 -4.74 -37.46
C ILE A 368 20.57 -3.98 -37.77
N TRP A 369 20.45 -2.76 -37.25
CA TRP A 369 19.34 -1.86 -37.52
C TRP A 369 19.85 -0.70 -38.37
N TYR A 370 18.92 -0.01 -39.02
CA TYR A 370 19.22 1.22 -39.78
C TYR A 370 18.42 2.36 -39.18
N ALA A 371 19.13 3.40 -38.74
CA ALA A 371 18.52 4.55 -38.10
C ALA A 371 18.74 5.75 -39.00
N SER A 372 17.64 6.32 -39.50
CA SER A 372 17.76 7.49 -40.35
C SER A 372 18.45 8.62 -39.60
N LYS A 373 19.14 9.49 -40.34
CA LYS A 373 19.82 10.60 -39.69
C LYS A 373 18.82 11.52 -39.00
N ALA A 374 17.60 11.59 -39.53
CA ALA A 374 16.56 12.38 -38.88
C ALA A 374 16.18 11.78 -37.52
N PHE A 375 16.05 10.45 -37.45
CA PHE A 375 15.71 9.81 -36.19
C PHE A 375 16.81 10.01 -35.16
N VAL A 376 18.07 9.88 -35.57
CA VAL A 376 19.18 10.01 -34.63
C VAL A 376 19.22 11.43 -34.06
N ARG A 377 19.08 12.41 -34.95
CA ARG A 377 19.10 13.81 -34.56
C ARG A 377 18.01 14.16 -33.54
N TYR A 378 16.87 13.49 -33.61
CA TYR A 378 15.77 13.81 -32.73
C TYR A 378 15.83 13.04 -31.42
N LYS A 379 16.24 11.76 -31.45
CA LYS A 379 16.04 10.88 -30.32
C LYS A 379 17.31 10.50 -29.58
N THR A 380 18.47 11.00 -30.00
CA THR A 380 19.73 10.71 -29.30
C THR A 380 19.76 11.42 -27.94
N MET A 381 20.13 10.69 -26.90
CA MET A 381 20.32 11.27 -25.58
C MET A 381 21.75 11.72 -25.34
N ASN A 382 22.73 10.89 -25.75
CA ASN A 382 24.14 11.16 -25.61
C ASN A 382 24.95 10.11 -26.39
N ILE A 383 26.15 10.52 -26.79
CA ILE A 383 27.11 9.64 -27.44
C ILE A 383 28.47 9.78 -26.76
N VAL A 384 29.29 8.76 -26.94
CA VAL A 384 30.70 8.78 -26.56
C VAL A 384 31.52 8.47 -27.81
N VAL A 385 32.52 9.30 -28.06
CA VAL A 385 33.52 9.04 -29.10
C VAL A 385 34.91 9.23 -28.49
N HIS A 386 35.91 8.72 -29.19
CA HIS A 386 37.28 9.12 -28.88
C HIS A 386 37.45 10.61 -29.19
N LYS A 387 38.30 11.27 -28.39
CA LYS A 387 38.55 12.70 -28.56
C LYS A 387 38.94 13.05 -30.00
N ASP A 388 39.77 12.22 -30.63
CA ASP A 388 40.29 12.53 -31.96
C ASP A 388 39.29 12.29 -33.08
N ALA A 389 38.10 11.79 -32.76
CA ALA A 389 37.01 11.74 -33.73
C ALA A 389 36.29 13.07 -33.87
N LEU A 390 36.57 14.04 -32.99
CA LEU A 390 35.89 15.31 -33.12
C LEU A 390 36.50 16.11 -34.26
N PRO A 391 35.70 16.93 -34.94
CA PRO A 391 36.29 17.96 -35.80
C PRO A 391 37.11 18.95 -34.98
N LYS A 392 38.12 19.54 -35.63
CA LYS A 392 39.12 20.34 -34.94
C LYS A 392 38.49 21.58 -34.29
N ALA A 393 37.49 22.17 -34.95
CA ALA A 393 36.84 23.37 -34.41
C ALA A 393 35.89 23.02 -33.29
N ILE A 394 35.20 21.88 -33.38
CA ILE A 394 34.35 21.41 -32.29
C ILE A 394 35.19 21.11 -31.07
N LYS A 395 36.36 20.50 -31.26
CA LYS A 395 37.26 20.22 -30.15
C LYS A 395 37.74 21.51 -29.50
N ALA A 396 38.16 22.48 -30.32
CA ALA A 396 38.62 23.76 -29.79
C ALA A 396 37.51 24.51 -29.05
N LYS A 397 36.28 24.48 -29.59
CA LYS A 397 35.17 25.19 -28.95
C LYS A 397 34.83 24.60 -27.60
N LEU A 398 35.00 23.29 -27.43
CA LEU A 398 34.71 22.66 -26.15
C LEU A 398 35.92 22.64 -25.22
N GLY A 399 37.02 23.29 -25.61
CA GLY A 399 38.20 23.32 -24.77
C GLY A 399 38.91 22.00 -24.60
N ILE A 400 38.69 21.06 -25.51
CA ILE A 400 39.28 19.73 -25.38
C ILE A 400 40.69 19.77 -25.95
N LYS A 401 41.66 19.37 -25.14
CA LYS A 401 43.08 19.41 -25.53
C LYS A 401 43.42 18.30 -26.52
N GLY B 29 6.26 -7.79 49.90
CA GLY B 29 6.45 -8.36 48.58
C GLY B 29 6.41 -9.88 48.60
N PHE B 30 7.07 -10.51 47.63
CA PHE B 30 7.20 -11.96 47.62
C PHE B 30 8.48 -12.38 48.30
N VAL B 31 8.41 -13.48 49.05
CA VAL B 31 9.58 -14.14 49.62
C VAL B 31 9.39 -15.62 49.34
N PHE B 32 10.27 -16.19 48.53
CA PHE B 32 10.16 -17.59 48.12
C PHE B 32 11.17 -18.45 48.87
N THR B 33 10.81 -19.72 49.05
CA THR B 33 11.72 -20.71 49.57
C THR B 33 11.59 -21.95 48.70
N THR B 34 12.73 -22.51 48.31
CA THR B 34 12.73 -23.62 47.38
C THR B 34 12.23 -24.89 48.06
N VAL B 35 11.34 -25.60 47.36
CA VAL B 35 10.83 -26.89 47.81
C VAL B 35 11.63 -28.05 47.23
N LYS B 36 11.76 -28.06 45.90
CA LYS B 36 12.62 -29.00 45.19
C LYS B 36 13.06 -28.37 43.87
N GLU B 37 14.34 -28.49 43.54
CA GLU B 37 14.86 -28.09 42.24
C GLU B 37 15.82 -29.15 41.73
N ASN B 38 15.86 -29.28 40.42
CA ASN B 38 16.78 -30.16 39.74
C ASN B 38 17.85 -29.36 38.98
N PRO B 39 19.04 -29.95 38.70
CA PRO B 39 20.15 -29.16 38.16
C PRO B 39 19.87 -28.53 36.80
N ILE B 40 20.35 -27.31 36.63
CA ILE B 40 20.32 -26.59 35.38
C ILE B 40 21.71 -26.10 35.07
N THR B 41 21.93 -25.73 33.80
CA THR B 41 23.16 -25.04 33.43
C THR B 41 22.98 -23.55 33.65
N SER B 42 24.03 -22.80 33.34
CA SER B 42 24.02 -21.36 33.62
C SER B 42 22.97 -20.65 32.76
N VAL B 43 22.59 -19.46 33.21
CA VAL B 43 21.63 -18.64 32.48
C VAL B 43 22.35 -17.99 31.30
N LYS B 44 21.80 -18.17 30.11
CA LYS B 44 22.28 -17.57 28.86
C LYS B 44 21.45 -16.35 28.50
N ASN B 45 21.95 -15.56 27.57
CA ASN B 45 21.23 -14.40 27.08
C ASN B 45 21.01 -14.43 25.56
N GLN B 46 19.76 -14.51 25.17
CA GLN B 46 19.36 -14.49 23.76
C GLN B 46 19.49 -13.12 23.14
N ASN B 47 19.43 -12.09 23.96
CA ASN B 47 19.51 -10.72 23.50
C ASN B 47 18.44 -10.38 22.47
N ARG B 48 18.84 -9.72 21.40
CA ARG B 48 17.90 -9.26 20.41
C ARG B 48 17.54 -10.13 19.23
N ALA B 49 16.89 -11.24 19.53
CA ALA B 49 16.36 -12.17 18.55
C ALA B 49 15.30 -12.99 19.24
N GLY B 50 14.31 -13.46 18.49
CA GLY B 50 13.27 -14.31 19.03
C GLY B 50 13.59 -15.77 18.96
N THR B 51 14.68 -16.14 19.58
CA THR B 51 15.26 -17.44 19.61
C THR B 51 15.02 -18.20 20.88
N CYS B 52 14.10 -17.73 21.70
CA CYS B 52 13.80 -18.39 22.96
C CYS B 52 13.58 -19.89 22.79
N TRP B 53 12.92 -20.27 21.69
CA TRP B 53 12.63 -21.68 21.46
C TRP B 53 13.90 -22.50 21.48
N CYS B 54 14.98 -21.95 20.91
CA CYS B 54 16.20 -22.73 20.85
C CYS B 54 16.94 -22.67 22.18
N TYR B 55 16.96 -21.51 22.81
CA TYR B 55 17.67 -21.36 24.08
C TYR B 55 17.02 -22.22 25.16
N SER B 56 15.69 -22.15 25.29
CA SER B 56 14.98 -22.98 26.27
C SER B 56 15.17 -24.46 25.97
N SER B 57 15.08 -24.85 24.68
CA SER B 57 15.29 -26.25 24.33
C SER B 57 16.67 -26.71 24.77
N TYR B 58 17.67 -25.83 24.68
CA TYR B 58 19.00 -26.27 25.05
C TYR B 58 19.22 -26.26 26.56
N SER B 59 18.63 -25.29 27.28
CA SER B 59 18.60 -25.40 28.73
C SER B 59 17.97 -26.73 29.16
N PHE B 60 16.86 -27.11 28.52
CA PHE B 60 16.20 -28.38 28.80
C PHE B 60 17.07 -29.59 28.44
N LEU B 61 17.68 -29.56 27.26
CA LEU B 61 18.55 -30.67 26.86
C LEU B 61 19.80 -30.75 27.73
N GLU B 62 20.40 -29.60 28.08
CA GLU B 62 21.59 -29.64 28.94
C GLU B 62 21.25 -30.19 30.32
N SER B 63 20.10 -29.79 30.88
CA SER B 63 19.67 -30.37 32.15
C SER B 63 19.51 -31.88 32.00
N GLU B 64 18.98 -32.32 30.85
CA GLU B 64 18.79 -33.74 30.62
C GLU B 64 20.13 -34.47 30.57
N LEU B 65 21.14 -33.85 29.93
CA LEU B 65 22.47 -34.43 29.92
C LEU B 65 23.06 -34.54 31.32
N LEU B 66 22.77 -33.55 32.19
CA LEU B 66 23.19 -33.67 33.59
C LEU B 66 22.48 -34.83 34.27
N ARG B 67 21.17 -34.95 34.05
CA ARG B 67 20.39 -35.98 34.72
C ARG B 67 20.94 -37.37 34.40
N MET B 68 21.35 -37.57 33.15
CA MET B 68 21.77 -38.87 32.63
C MET B 68 23.24 -39.15 32.88
N GLY B 69 23.91 -38.31 33.67
CA GLY B 69 25.31 -38.52 34.03
C GLY B 69 26.32 -38.09 33.00
N LYS B 70 25.92 -37.39 31.94
CA LYS B 70 26.84 -37.11 30.85
C LYS B 70 27.63 -35.82 31.05
N GLY B 71 27.37 -35.08 32.13
CA GLY B 71 28.12 -33.87 32.43
C GLY B 71 27.57 -32.63 31.74
N GLU B 72 28.34 -31.55 31.90
CA GLU B 72 27.90 -30.21 31.55
C GLU B 72 28.22 -29.90 30.10
N TYR B 73 27.20 -29.52 29.33
CA TYR B 73 27.34 -29.14 27.94
C TYR B 73 26.88 -27.71 27.78
N ASP B 74 27.46 -27.01 26.80
CA ASP B 74 26.96 -25.73 26.32
C ASP B 74 26.78 -25.83 24.81
N LEU B 75 25.56 -26.11 24.36
CA LEU B 75 25.31 -26.32 22.93
C LEU B 75 25.14 -24.99 22.19
N SER B 76 25.45 -25.00 20.90
CA SER B 76 25.38 -23.76 20.12
C SER B 76 23.97 -23.59 19.57
N GLU B 77 23.25 -22.59 20.11
CA GLU B 77 21.96 -22.20 19.54
C GLU B 77 22.11 -21.67 18.12
N MET B 78 23.16 -20.88 17.88
CA MET B 78 23.31 -20.24 16.57
C MET B 78 23.33 -21.28 15.47
N PHE B 79 24.04 -22.37 15.71
CA PHE B 79 24.12 -23.44 14.72
C PHE B 79 22.75 -24.00 14.38
N THR B 80 21.90 -24.20 15.38
CA THR B 80 20.59 -24.80 15.13
C THR B 80 19.62 -23.77 14.55
N VAL B 81 19.66 -22.55 15.07
CA VAL B 81 18.92 -21.44 14.50
C VAL B 81 19.20 -21.31 13.00
N TYR B 82 20.49 -21.26 12.64
CA TYR B 82 20.90 -21.20 11.25
C TYR B 82 20.18 -22.24 10.39
N ASN B 83 20.34 -23.52 10.74
CA ASN B 83 19.78 -24.58 9.91
C ASN B 83 18.25 -24.57 9.92
N THR B 84 17.64 -24.12 11.03
CA THR B 84 16.19 -24.10 11.12
C THR B 84 15.60 -23.04 10.20
N TYR B 85 16.25 -21.88 10.13
CA TYR B 85 15.79 -20.82 9.24
C TYR B 85 15.86 -21.27 7.78
N LEU B 86 16.86 -22.08 7.42
CA LEU B 86 16.94 -22.54 6.03
C LEU B 86 15.75 -23.42 5.69
N ASP B 87 15.38 -24.34 6.60
CA ASP B 87 14.19 -25.17 6.38
C ASP B 87 12.91 -24.34 6.38
N ARG B 88 12.83 -23.34 7.27
CA ARG B 88 11.64 -22.49 7.31
C ARG B 88 11.50 -21.70 6.01
N ALA B 89 12.63 -21.23 5.48
CA ALA B 89 12.59 -20.54 4.20
C ALA B 89 12.04 -21.47 3.12
N ASP B 90 12.55 -22.71 3.08
CA ASP B 90 12.06 -23.67 2.09
C ASP B 90 10.59 -23.98 2.29
N ALA B 91 10.14 -24.02 3.55
CA ALA B 91 8.71 -24.21 3.79
C ALA B 91 7.91 -23.00 3.32
N ALA B 92 8.44 -21.80 3.54
CA ALA B 92 7.76 -20.59 3.07
C ALA B 92 7.63 -20.61 1.55
N VAL B 93 8.72 -20.89 0.87
CA VAL B 93 8.69 -20.94 -0.58
C VAL B 93 7.75 -22.04 -1.08
N ARG B 94 7.86 -23.25 -0.53
CA ARG B 94 7.03 -24.33 -1.05
C ARG B 94 5.55 -24.02 -0.89
N THR B 95 5.18 -23.28 0.15
CA THR B 95 3.79 -22.96 0.41
C THR B 95 3.41 -21.59 -0.11
N HIS B 96 4.26 -20.99 -0.96
CA HIS B 96 3.99 -19.69 -1.57
C HIS B 96 3.60 -18.66 -0.52
N GLY B 97 4.33 -18.68 0.60
CA GLY B 97 4.23 -17.66 1.61
C GLY B 97 3.28 -17.95 2.75
N ASP B 98 2.56 -19.07 2.69
CA ASP B 98 1.61 -19.39 3.74
C ASP B 98 2.32 -19.66 5.06
N VAL B 99 3.37 -20.48 5.04
CA VAL B 99 4.27 -20.60 6.19
C VAL B 99 4.97 -19.26 6.32
N SER B 100 4.67 -18.52 7.39
CA SER B 100 5.37 -17.27 7.67
C SER B 100 6.87 -17.53 7.82
N PHE B 101 7.68 -16.54 7.49
CA PHE B 101 9.11 -16.60 7.75
C PHE B 101 9.44 -15.56 8.82
N SER B 102 9.76 -16.05 10.00
CA SER B 102 10.09 -15.24 11.17
C SER B 102 11.12 -15.90 12.06
N GLN B 103 11.62 -15.20 13.04
CA GLN B 103 12.66 -15.71 13.91
C GLN B 103 12.30 -16.83 14.85
N GLY B 104 11.02 -17.04 15.08
CA GLY B 104 10.51 -18.04 15.99
C GLY B 104 10.66 -19.48 15.61
N GLY B 105 10.40 -20.33 16.56
CA GLY B 105 10.51 -21.76 16.44
C GLY B 105 9.81 -22.52 17.51
N SER B 106 9.98 -23.81 17.53
CA SER B 106 9.34 -24.68 18.51
C SER B 106 10.35 -25.57 19.20
N PHE B 107 9.92 -26.22 20.30
CA PHE B 107 10.73 -27.28 20.88
C PHE B 107 10.99 -28.38 19.86
N TYR B 108 10.06 -28.62 18.94
CA TYR B 108 10.28 -29.68 17.96
C TYR B 108 11.40 -29.34 16.97
N ASP B 109 11.57 -28.06 16.61
CA ASP B 109 12.69 -27.69 15.75
C ASP B 109 14.02 -28.13 16.37
N ALA B 110 14.21 -27.90 17.67
CA ALA B 110 15.47 -28.30 18.28
C ALA B 110 15.62 -29.81 18.30
N LEU B 111 14.55 -30.53 18.66
CA LEU B 111 14.59 -31.98 18.68
C LEU B 111 14.80 -32.56 17.27
N TYR B 112 14.07 -32.01 16.29
CA TYR B 112 14.25 -32.44 14.91
C TYR B 112 15.63 -32.04 14.41
N GLY B 113 16.08 -30.86 14.85
CA GLY B 113 17.38 -30.37 14.42
C GLY B 113 18.52 -31.28 14.81
N MET B 114 18.54 -31.74 16.07
CA MET B 114 19.69 -32.50 16.56
C MET B 114 19.84 -33.83 15.81
N GLU B 115 18.72 -34.45 15.45
CA GLU B 115 18.74 -35.70 14.70
C GLU B 115 19.02 -35.48 13.23
N THR B 116 18.68 -34.31 12.73
CA THR B 116 18.83 -34.00 11.32
C THR B 116 20.12 -33.26 11.02
N PHE B 117 20.48 -32.26 11.83
CA PHE B 117 21.66 -31.45 11.58
C PHE B 117 22.83 -31.80 12.48
N GLY B 118 22.58 -32.41 13.63
CA GLY B 118 23.61 -32.60 14.60
C GLY B 118 23.64 -31.48 15.62
N LEU B 119 24.67 -31.52 16.46
CA LEU B 119 24.94 -30.46 17.41
C LEU B 119 26.38 -30.03 17.27
N VAL B 120 26.66 -28.79 17.68
CA VAL B 120 28.04 -28.33 17.85
C VAL B 120 28.15 -27.55 19.16
N PRO B 121 29.33 -27.54 19.75
CA PRO B 121 29.55 -26.74 20.97
C PRO B 121 29.42 -25.25 20.70
N GLU B 122 29.11 -24.51 21.78
CA GLU B 122 28.91 -23.07 21.74
C GLU B 122 30.02 -22.32 21.01
N GLU B 123 31.27 -22.67 21.29
CA GLU B 123 32.42 -21.91 20.82
C GLU B 123 32.66 -22.09 19.33
N GLU B 124 32.05 -23.10 18.71
CA GLU B 124 32.14 -23.30 17.27
C GLU B 124 31.18 -22.42 16.48
N MET B 125 30.21 -21.77 17.12
CA MET B 125 29.35 -20.79 16.43
C MET B 125 28.72 -19.89 17.50
N ARG B 126 29.40 -18.77 17.81
CA ARG B 126 28.92 -17.94 18.91
C ARG B 126 27.99 -16.84 18.39
N PRO B 127 27.04 -16.40 19.22
CA PRO B 127 26.24 -15.21 18.86
C PRO B 127 27.13 -13.97 18.69
N GLY B 128 26.75 -13.12 17.73
CA GLY B 128 27.40 -11.86 17.53
C GLY B 128 28.76 -11.88 16.84
N MET B 129 29.35 -13.06 16.60
CA MET B 129 30.74 -13.14 16.15
C MET B 129 30.99 -12.38 14.84
N MET B 130 30.00 -12.31 13.95
CA MET B 130 30.20 -11.70 12.64
C MET B 130 30.03 -10.18 12.63
N TYR B 131 29.41 -9.60 13.64
CA TYR B 131 29.25 -8.15 13.67
C TYR B 131 29.86 -7.59 14.93
N ALA B 132 30.99 -8.17 15.36
CA ALA B 132 31.84 -7.60 16.39
C ALA B 132 31.08 -7.44 17.71
N ASP B 133 30.23 -8.42 18.02
CA ASP B 133 29.48 -8.47 19.27
C ASP B 133 29.69 -9.86 19.88
N THR B 134 29.21 -10.01 21.11
CA THR B 134 29.14 -11.32 21.76
C THR B 134 27.73 -11.81 22.01
N LEU B 135 26.70 -11.01 21.69
CA LEU B 135 25.30 -11.38 21.84
C LEU B 135 24.57 -11.16 20.52
N SER B 136 23.44 -11.85 20.35
CA SER B 136 22.68 -11.75 19.10
C SER B 136 22.00 -10.39 18.93
N ASN B 137 21.99 -9.91 17.69
CA ASN B 137 21.02 -8.90 17.22
C ASN B 137 20.73 -9.25 15.76
N HIS B 138 19.56 -9.84 15.51
CA HIS B 138 19.24 -10.41 14.20
C HIS B 138 18.30 -9.54 13.38
N THR B 139 18.12 -8.27 13.79
CA THR B 139 17.14 -7.42 13.14
C THR B 139 17.48 -7.19 11.67
N GLU B 140 18.75 -6.88 11.38
CA GLU B 140 19.18 -6.69 10.00
C GLU B 140 19.11 -7.99 9.23
N LEU B 141 19.58 -9.09 9.84
CA LEU B 141 19.49 -10.39 9.20
C LEU B 141 18.05 -10.69 8.78
N SER B 142 17.12 -10.50 9.70
CA SER B 142 15.71 -10.70 9.40
C SER B 142 15.22 -9.74 8.34
N ALA B 143 15.63 -8.47 8.41
CA ALA B 143 15.17 -7.53 7.41
C ALA B 143 15.63 -7.96 6.02
N LEU B 144 16.83 -8.51 5.91
CA LEU B 144 17.27 -8.93 4.59
C LEU B 144 16.67 -10.26 4.22
N THR B 145 16.64 -11.22 5.16
CA THR B 145 16.14 -12.54 4.76
C THR B 145 14.63 -12.55 4.60
N ASP B 146 13.90 -11.77 5.42
CA ASP B 146 12.44 -11.65 5.21
C ASP B 146 12.13 -11.13 3.81
N ALA B 147 12.89 -10.15 3.33
CA ALA B 147 12.63 -9.61 1.99
C ALA B 147 12.99 -10.61 0.89
N MET B 148 14.09 -11.34 1.05
CA MET B 148 14.45 -12.32 0.02
C MET B 148 13.43 -13.45 -0.05
N VAL B 149 13.04 -14.01 1.10
CA VAL B 149 12.10 -15.12 1.10
C VAL B 149 10.76 -14.71 0.48
N ALA B 150 10.27 -13.51 0.82
CA ALA B 150 8.99 -13.05 0.26
C ALA B 150 9.10 -12.81 -1.24
N ALA B 151 10.23 -12.24 -1.70
CA ALA B 151 10.39 -12.00 -3.13
C ALA B 151 10.30 -13.30 -3.93
N ILE B 152 10.71 -14.43 -3.33
CA ILE B 152 10.52 -15.72 -3.96
C ILE B 152 9.11 -16.23 -3.72
N ALA B 153 8.70 -16.30 -2.45
CA ALA B 153 7.50 -17.04 -2.10
C ALA B 153 6.22 -16.29 -2.51
N LYS B 154 6.25 -14.95 -2.58
CA LYS B 154 5.06 -14.19 -2.87
C LYS B 154 5.23 -13.25 -4.05
N GLY B 155 6.35 -13.36 -4.77
CA GLY B 155 6.53 -12.61 -6.00
C GLY B 155 5.85 -13.29 -7.16
N LYS B 156 6.27 -12.90 -8.36
CA LYS B 156 5.67 -13.36 -9.61
C LYS B 156 6.57 -14.30 -10.40
N LEU B 157 7.74 -14.66 -9.89
CA LEU B 157 8.61 -15.58 -10.60
C LEU B 157 7.88 -16.91 -10.82
N ARG B 158 7.85 -17.38 -12.09
CA ARG B 158 7.18 -18.63 -12.41
C ARG B 158 8.13 -19.81 -12.62
N LYS B 159 9.44 -19.56 -12.81
CA LYS B 159 10.41 -20.65 -12.91
C LYS B 159 11.67 -20.25 -12.15
N LEU B 160 11.83 -20.76 -10.94
CA LEU B 160 13.00 -20.46 -10.13
C LEU B 160 14.24 -21.16 -10.69
N GLN B 161 15.39 -20.48 -10.63
CA GLN B 161 16.60 -20.94 -11.31
C GLN B 161 17.41 -21.97 -10.52
N SER B 162 18.09 -22.84 -11.25
CA SER B 162 18.88 -23.90 -10.63
C SER B 162 20.17 -24.09 -11.41
N ASP B 163 21.14 -24.72 -10.76
CA ASP B 163 22.41 -24.97 -11.44
C ASP B 163 22.31 -26.29 -12.23
N GLU B 164 23.43 -26.73 -12.79
CA GLU B 164 23.45 -27.94 -13.60
C GLU B 164 23.32 -29.23 -12.78
N ASN B 165 23.29 -29.14 -11.45
CA ASN B 165 23.00 -30.27 -10.58
C ASN B 165 21.61 -30.18 -9.96
N ASN B 166 20.76 -29.26 -10.45
CA ASN B 166 19.40 -29.03 -9.98
C ASN B 166 19.32 -28.45 -8.56
N ALA B 167 20.41 -27.90 -8.03
CA ALA B 167 20.32 -27.20 -6.75
C ALA B 167 19.83 -25.78 -6.99
N MET B 168 18.90 -25.31 -6.15
CA MET B 168 18.22 -24.03 -6.35
C MET B 168 19.11 -22.86 -5.92
N LEU B 169 19.22 -21.84 -6.79
CA LEU B 169 20.07 -20.70 -6.52
C LEU B 169 19.54 -19.85 -5.35
N TRP B 170 18.22 -19.67 -5.25
CA TRP B 170 17.70 -18.83 -4.17
C TRP B 170 18.05 -19.44 -2.80
N LYS B 171 18.04 -20.78 -2.70
CA LYS B 171 18.51 -21.43 -1.48
C LYS B 171 19.98 -21.13 -1.21
N LYS B 172 20.83 -21.14 -2.25
CA LYS B 172 22.22 -20.76 -2.05
C LYS B 172 22.33 -19.36 -1.48
N ALA B 173 21.48 -18.44 -1.94
CA ALA B 173 21.59 -17.05 -1.54
C ALA B 173 21.11 -16.87 -0.11
N VAL B 174 20.02 -17.53 0.26
CA VAL B 174 19.48 -17.37 1.61
C VAL B 174 20.44 -17.99 2.63
N ALA B 175 21.06 -19.11 2.28
CA ALA B 175 22.08 -19.69 3.15
C ALA B 175 23.30 -18.78 3.23
N ALA B 176 23.70 -18.22 2.09
CA ALA B 176 24.88 -17.34 2.10
C ALA B 176 24.65 -16.12 2.98
N VAL B 177 23.44 -15.54 2.95
CA VAL B 177 23.15 -14.39 3.81
C VAL B 177 23.11 -14.82 5.28
N HIS B 178 22.60 -16.01 5.57
CA HIS B 178 22.58 -16.46 6.96
C HIS B 178 23.99 -16.66 7.50
N GLN B 179 24.90 -17.17 6.66
CA GLN B 179 26.29 -17.37 7.11
C GLN B 179 26.99 -16.06 7.37
N ILE B 180 26.68 -15.03 6.59
CA ILE B 180 27.34 -13.75 6.79
C ILE B 180 26.99 -13.15 8.15
N TYR B 181 25.75 -13.32 8.61
CA TYR B 181 25.34 -12.72 9.88
C TYR B 181 25.52 -13.65 11.08
N LEU B 182 25.51 -14.98 10.88
CA LEU B 182 25.58 -15.92 11.99
C LEU B 182 26.82 -16.79 12.06
N GLY B 183 27.55 -16.95 10.96
CA GLY B 183 28.78 -17.72 10.97
C GLY B 183 28.70 -18.91 10.04
N VAL B 184 29.86 -19.39 9.59
CA VAL B 184 29.92 -20.61 8.79
C VAL B 184 29.80 -21.81 9.71
N PRO B 185 28.79 -22.64 9.53
CA PRO B 185 28.66 -23.89 10.32
C PRO B 185 29.87 -24.79 10.15
N PRO B 186 30.39 -25.35 11.23
CA PRO B 186 31.53 -26.26 11.10
C PRO B 186 31.13 -27.54 10.40
N GLU B 187 32.07 -28.08 9.64
CA GLU B 187 31.97 -29.44 9.15
C GLU B 187 32.76 -30.41 10.00
N LYS B 188 33.87 -29.96 10.57
CA LYS B 188 34.52 -30.69 11.62
C LYS B 188 35.15 -29.69 12.57
N PHE B 189 35.41 -30.16 13.78
CA PHE B 189 35.92 -29.32 14.85
C PHE B 189 36.47 -30.23 15.93
N THR B 190 37.37 -29.66 16.73
CA THR B 190 37.96 -30.38 17.84
C THR B 190 37.37 -29.84 19.14
N TYR B 191 36.96 -30.76 20.02
CA TYR B 191 36.30 -30.41 21.27
C TYR B 191 36.82 -31.37 22.33
N LYS B 192 37.45 -30.82 23.36
CA LYS B 192 38.10 -31.58 24.43
C LYS B 192 38.97 -32.70 23.85
N GLY B 193 39.79 -32.33 22.88
CA GLY B 193 40.81 -33.22 22.35
C GLY B 193 40.33 -34.26 21.37
N LYS B 194 39.06 -34.22 20.96
CA LYS B 194 38.53 -35.22 20.04
C LYS B 194 37.83 -34.54 18.88
N GLU B 195 38.07 -35.07 17.68
CA GLU B 195 37.50 -34.50 16.47
C GLU B 195 36.09 -35.06 16.26
N TYR B 196 35.16 -34.19 15.86
CA TYR B 196 33.81 -34.61 15.50
C TYR B 196 33.31 -33.88 14.27
N THR B 197 32.26 -34.44 13.70
CA THR B 197 31.27 -33.72 12.92
C THR B 197 30.12 -33.31 13.80
N PRO B 198 29.26 -32.40 13.33
CA PRO B 198 27.99 -32.17 14.06
C PRO B 198 27.21 -33.46 14.32
N LYS B 199 27.18 -34.39 13.37
CA LYS B 199 26.47 -35.63 13.57
C LYS B 199 27.15 -36.48 14.64
N SER B 200 28.46 -36.67 14.52
CA SER B 200 29.15 -37.55 15.46
C SER B 200 29.22 -36.91 16.84
N PHE B 201 29.17 -35.59 16.92
CA PHE B 201 29.10 -34.93 18.23
C PHE B 201 27.77 -35.22 18.89
N PHE B 202 26.67 -35.02 18.14
CA PHE B 202 25.35 -35.35 18.67
C PHE B 202 25.27 -36.81 19.08
N GLU B 203 25.82 -37.71 18.25
CA GLU B 203 25.82 -39.11 18.63
C GLU B 203 26.53 -39.31 19.97
N SER B 204 27.66 -38.60 20.17
CA SER B 204 28.40 -38.72 21.43
C SER B 204 27.61 -38.22 22.64
N THR B 205 26.51 -37.47 22.47
CA THR B 205 25.72 -37.12 23.66
C THR B 205 24.76 -38.23 24.06
N GLY B 206 24.43 -39.13 23.15
CA GLY B 206 23.49 -40.19 23.49
C GLY B 206 22.04 -39.75 23.60
N LEU B 207 21.72 -38.50 23.25
CA LEU B 207 20.33 -38.07 23.26
C LEU B 207 19.58 -38.70 22.09
N LYS B 208 18.31 -39.04 22.33
CA LYS B 208 17.42 -39.58 21.31
C LYS B 208 16.15 -38.77 21.29
N ALA B 209 15.78 -38.24 20.12
CA ALA B 209 14.52 -37.51 19.99
C ALA B 209 13.33 -38.38 20.40
N SER B 210 13.44 -39.69 20.25
CA SER B 210 12.36 -40.59 20.62
C SER B 210 12.06 -40.62 22.12
N ASP B 211 12.93 -40.06 22.96
CA ASP B 211 12.71 -40.08 24.41
C ASP B 211 11.78 -38.98 24.90
N TYR B 212 11.36 -38.07 24.03
CA TYR B 212 10.69 -36.84 24.45
C TYR B 212 9.31 -36.79 23.84
N VAL B 213 8.31 -36.48 24.66
CA VAL B 213 6.95 -36.31 24.21
C VAL B 213 6.53 -34.87 24.45
N SER B 214 5.67 -34.37 23.57
CA SER B 214 5.08 -33.05 23.70
C SER B 214 3.67 -33.19 24.25
N LEU B 215 3.33 -32.35 25.22
CA LEU B 215 2.04 -32.45 25.88
C LEU B 215 1.34 -31.09 25.89
N THR B 216 0.02 -31.14 25.80
CA THR B 216 -0.83 -29.97 25.76
C THR B 216 -2.18 -30.35 26.37
N SER B 217 -3.10 -29.39 26.42
CA SER B 217 -4.39 -29.61 27.09
C SER B 217 -5.43 -28.69 26.48
N TYR B 218 -6.25 -29.23 25.57
CA TYR B 218 -7.28 -28.41 24.95
C TYR B 218 -8.48 -29.27 24.57
N THR B 219 -9.60 -28.60 24.30
CA THR B 219 -10.85 -29.29 24.04
C THR B 219 -11.27 -29.26 22.57
N HIS B 220 -10.56 -28.53 21.70
CA HIS B 220 -10.90 -28.60 20.28
C HIS B 220 -10.36 -29.86 19.60
N HIS B 221 -9.73 -30.75 20.35
CA HIS B 221 -9.35 -32.07 19.89
C HIS B 221 -9.65 -33.05 21.01
N PRO B 222 -9.84 -34.33 20.71
CA PRO B 222 -10.13 -35.31 21.76
C PRO B 222 -8.93 -35.51 22.68
N PHE B 223 -9.21 -35.71 23.96
CA PHE B 223 -8.16 -36.05 24.92
C PHE B 223 -7.56 -37.41 24.58
N TYR B 224 -6.29 -37.56 24.92
CA TYR B 224 -5.52 -38.78 24.69
C TYR B 224 -5.28 -39.07 23.22
N THR B 225 -5.44 -38.09 22.33
CA THR B 225 -4.96 -38.21 20.97
C THR B 225 -3.78 -37.28 20.76
N GLN B 226 -3.23 -37.32 19.56
CA GLN B 226 -2.14 -36.45 19.12
C GLN B 226 -2.66 -35.50 18.05
N PHE B 227 -2.36 -34.21 18.19
CA PHE B 227 -2.58 -33.25 17.12
C PHE B 227 -1.42 -32.27 17.12
N PRO B 228 -1.23 -31.52 16.02
CA PRO B 228 -0.23 -30.44 16.02
C PRO B 228 -0.83 -29.09 16.36
N LEU B 229 -0.25 -28.40 17.36
CA LEU B 229 -0.77 -27.11 17.82
C LEU B 229 -0.80 -26.12 16.67
N GLU B 230 -1.89 -25.36 16.59
CA GLU B 230 -2.14 -24.45 15.47
C GLU B 230 -1.55 -23.07 15.77
N ILE B 231 -0.21 -23.00 15.73
CA ILE B 231 0.51 -21.75 15.94
C ILE B 231 1.57 -21.60 14.86
N GLN B 232 1.81 -20.36 14.44
CA GLN B 232 2.64 -20.16 13.25
C GLN B 232 4.04 -20.73 13.41
N ASP B 233 4.59 -20.74 14.63
CA ASP B 233 5.94 -21.28 14.79
C ASP B 233 5.99 -22.80 14.80
N ASN B 234 4.84 -23.49 14.74
CA ASN B 234 4.83 -24.95 14.54
C ASN B 234 4.66 -25.31 13.07
N TRP B 235 5.35 -24.59 12.17
CA TRP B 235 5.17 -24.82 10.74
C TRP B 235 5.60 -26.23 10.31
N ARG B 236 6.36 -26.93 11.17
CA ARG B 236 6.67 -28.35 10.95
C ARG B 236 5.51 -29.25 11.33
N HIS B 237 4.55 -28.75 12.11
CA HIS B 237 3.37 -29.48 12.53
C HIS B 237 3.78 -30.70 13.36
N GLY B 238 4.52 -30.40 14.43
CA GLY B 238 4.84 -31.41 15.43
C GLY B 238 3.65 -31.67 16.36
N MET B 239 3.43 -32.96 16.62
CA MET B 239 2.27 -33.39 17.38
C MET B 239 2.50 -33.22 18.88
N SER B 240 1.40 -32.99 19.60
CA SER B 240 1.37 -33.05 21.06
C SER B 240 0.29 -34.05 21.50
N TYR B 241 0.59 -34.79 22.56
CA TYR B 241 -0.45 -35.60 23.18
C TYR B 241 -1.37 -34.68 23.96
N ASN B 242 -2.68 -34.87 23.82
CA ASN B 242 -3.66 -34.03 24.48
C ASN B 242 -4.13 -34.71 25.76
N LEU B 243 -3.94 -34.04 26.89
CA LEU B 243 -4.37 -34.60 28.16
C LEU B 243 -5.37 -33.67 28.84
N PRO B 244 -6.33 -34.22 29.61
CA PRO B 244 -7.20 -33.35 30.41
C PRO B 244 -6.36 -32.54 31.38
N LEU B 245 -6.87 -31.37 31.76
CA LEU B 245 -6.01 -30.35 32.36
C LEU B 245 -5.47 -30.79 33.72
N ASP B 246 -6.28 -31.46 34.55
CA ASP B 246 -5.82 -31.86 35.88
C ASP B 246 -4.68 -32.86 35.80
N GLU B 247 -4.72 -33.75 34.80
CA GLU B 247 -3.62 -34.67 34.58
C GLU B 247 -2.44 -34.00 33.89
N PHE B 248 -2.71 -33.05 33.00
CA PHE B 248 -1.65 -32.23 32.43
C PHE B 248 -0.77 -31.66 33.54
N MET B 249 -1.39 -31.11 34.58
CA MET B 249 -0.64 -30.50 35.67
C MET B 249 -0.01 -31.54 36.60
N GLU B 250 -0.58 -32.73 36.65
CA GLU B 250 0.07 -33.83 37.37
C GLU B 250 1.43 -34.15 36.78
N VAL B 251 1.57 -33.98 35.47
CA VAL B 251 2.84 -34.29 34.81
C VAL B 251 3.90 -33.28 35.23
N PHE B 252 3.50 -32.01 35.43
CA PHE B 252 4.43 -31.00 35.90
C PHE B 252 5.05 -31.38 37.23
N ASP B 253 4.19 -31.67 38.22
CA ASP B 253 4.67 -31.99 39.57
C ASP B 253 5.44 -33.31 39.59
N ASN B 254 4.94 -34.31 38.85
CA ASN B 254 5.60 -35.61 38.86
C ASN B 254 6.98 -35.53 38.23
N ALA B 255 7.11 -34.77 37.13
CA ALA B 255 8.41 -34.63 36.47
C ALA B 255 9.42 -33.99 37.41
N ILE B 256 9.01 -32.93 38.09
CA ILE B 256 9.94 -32.22 38.96
C ILE B 256 10.29 -33.07 40.17
N ASN B 257 9.28 -33.71 40.79
CA ASN B 257 9.55 -34.43 42.02
C ASN B 257 10.41 -35.68 41.80
N THR B 258 10.49 -36.20 40.57
CA THR B 258 11.29 -37.39 40.28
C THR B 258 12.54 -37.09 39.47
N GLY B 259 13.01 -35.84 39.45
CA GLY B 259 14.33 -35.52 38.94
C GLY B 259 14.37 -34.86 37.58
N TYR B 260 13.25 -34.78 36.87
CA TYR B 260 13.21 -34.20 35.52
C TYR B 260 12.97 -32.69 35.56
N THR B 261 13.33 -32.01 34.47
CA THR B 261 12.92 -30.63 34.25
C THR B 261 11.97 -30.59 33.05
N ILE B 262 11.51 -29.39 32.70
CA ILE B 262 10.38 -29.26 31.77
C ILE B 262 10.67 -28.16 30.75
N ALA B 263 10.57 -28.52 29.46
CA ALA B 263 10.57 -27.53 28.38
C ALA B 263 9.19 -26.92 28.29
N TRP B 264 9.11 -25.61 28.51
CA TRP B 264 7.85 -24.97 28.89
C TRP B 264 7.52 -23.86 27.91
N GLY B 265 6.45 -24.05 27.15
CA GLY B 265 5.95 -23.07 26.19
C GLY B 265 4.68 -22.43 26.73
N SER B 266 4.71 -21.10 26.81
CA SER B 266 3.66 -20.36 27.49
C SER B 266 3.54 -18.96 26.90
N ASP B 267 2.36 -18.35 27.14
CA ASP B 267 2.17 -16.92 26.89
C ASP B 267 2.60 -16.15 28.14
N VAL B 268 3.63 -15.33 28.01
CA VAL B 268 4.11 -14.51 29.11
C VAL B 268 3.74 -13.05 28.94
N SER B 269 3.02 -12.70 27.87
CA SER B 269 2.95 -11.31 27.44
C SER B 269 2.37 -10.40 28.52
N GLU B 270 1.22 -10.77 29.08
CA GLU B 270 0.55 -9.92 30.07
C GLU B 270 0.99 -10.20 31.51
N SER B 271 2.04 -11.01 31.71
CA SER B 271 2.26 -11.63 33.01
C SER B 271 2.91 -10.73 34.03
N GLY B 272 3.57 -9.67 33.61
CA GLY B 272 4.24 -8.83 34.58
C GLY B 272 5.45 -9.45 35.23
N PHE B 273 6.02 -10.50 34.64
CA PHE B 273 7.29 -11.00 35.13
C PHE B 273 8.44 -10.07 34.77
N THR B 274 8.20 -9.10 33.87
CA THR B 274 9.21 -8.10 33.58
C THR B 274 9.49 -7.22 34.79
N ARG B 275 8.52 -7.08 35.70
CA ARG B 275 8.59 -6.14 36.80
C ARG B 275 9.24 -6.72 38.05
N ASP B 276 9.07 -8.01 38.33
CA ASP B 276 9.55 -8.54 39.60
C ASP B 276 10.02 -9.99 39.54
N GLY B 277 10.03 -10.63 38.37
CA GLY B 277 10.37 -12.04 38.30
C GLY B 277 9.32 -12.97 38.86
N VAL B 278 8.04 -12.59 38.82
CA VAL B 278 6.95 -13.40 39.33
C VAL B 278 5.79 -13.30 38.36
N ALA B 279 5.10 -14.42 38.13
CA ALA B 279 3.90 -14.46 37.29
C ALA B 279 2.76 -15.01 38.11
N VAL B 280 1.68 -14.23 38.22
CA VAL B 280 0.51 -14.63 38.97
C VAL B 280 -0.72 -14.57 38.06
N MET B 281 -1.87 -14.96 38.59
CA MET B 281 -3.12 -14.87 37.84
C MET B 281 -3.63 -13.44 37.70
N THR B 310 1.39 -6.73 44.46
CA THR B 310 2.64 -7.47 44.36
C THR B 310 2.87 -8.36 45.58
N LYS B 311 1.89 -8.41 46.45
CA LYS B 311 1.90 -9.34 47.57
C LYS B 311 1.29 -10.66 47.14
N PRO B 312 1.60 -11.76 47.83
CA PRO B 312 0.88 -13.01 47.59
C PRO B 312 -0.62 -12.84 47.77
N GLN B 313 -1.39 -13.29 46.79
CA GLN B 313 -2.84 -13.25 46.80
C GLN B 313 -3.38 -14.57 46.29
N PRO B 314 -4.61 -14.94 46.66
CA PRO B 314 -5.16 -16.21 46.19
C PRO B 314 -5.36 -16.18 44.68
N GLN B 315 -4.97 -17.27 44.03
CA GLN B 315 -5.00 -17.38 42.58
C GLN B 315 -6.34 -17.92 42.10
N LYS B 316 -6.86 -17.34 41.02
CA LYS B 316 -8.04 -17.90 40.36
C LYS B 316 -7.65 -19.22 39.70
N TRP B 317 -8.18 -20.33 40.19
CA TRP B 317 -7.86 -21.63 39.62
C TRP B 317 -8.74 -21.86 38.40
N CYS B 318 -8.14 -21.88 37.22
CA CYS B 318 -8.93 -21.87 35.99
C CYS B 318 -9.53 -23.25 35.70
N THR B 319 -10.71 -23.24 35.08
CA THR B 319 -11.29 -24.44 34.52
C THR B 319 -10.81 -24.67 33.09
N GLN B 320 -11.10 -25.87 32.58
CA GLN B 320 -10.66 -26.25 31.25
C GLN B 320 -11.29 -25.37 30.18
N ALA B 321 -12.53 -24.95 30.40
CA ALA B 321 -13.23 -24.14 29.41
C ALA B 321 -12.71 -22.71 29.41
N GLU B 322 -12.45 -22.13 30.59
CA GLU B 322 -11.93 -20.77 30.64
C GLU B 322 -10.56 -20.71 29.97
N ARG B 323 -9.78 -21.77 30.14
CA ARG B 323 -8.45 -21.78 29.55
C ARG B 323 -8.53 -22.05 28.04
N GLN B 324 -9.47 -22.90 27.61
CA GLN B 324 -9.73 -23.08 26.18
C GLN B 324 -10.25 -21.79 25.57
N LEU B 325 -11.02 -21.03 26.33
CA LEU B 325 -11.54 -19.76 25.83
C LEU B 325 -10.41 -18.79 25.50
N ALA B 326 -9.45 -18.66 26.42
CA ALA B 326 -8.35 -17.71 26.22
C ALA B 326 -7.51 -18.07 25.00
N TYR B 327 -7.40 -19.35 24.69
CA TYR B 327 -6.64 -19.76 23.52
C TYR B 327 -7.43 -19.50 22.24
N ASP B 328 -8.74 -19.72 22.29
CA ASP B 328 -9.58 -19.52 21.11
C ASP B 328 -9.78 -18.05 20.77
N ASN B 329 -9.64 -17.14 21.73
CA ASN B 329 -10.03 -15.75 21.52
C ASN B 329 -8.84 -14.79 21.42
N TYR B 330 -7.63 -15.33 21.34
CA TYR B 330 -6.36 -14.61 21.17
C TYR B 330 -5.80 -14.05 22.47
N GLU B 331 -6.40 -14.34 23.63
CA GLU B 331 -5.81 -13.85 24.88
C GLU B 331 -4.57 -14.63 25.27
N THR B 332 -4.52 -15.88 24.86
CA THR B 332 -3.37 -16.71 25.12
C THR B 332 -2.70 -16.93 23.79
N THR B 333 -1.56 -16.33 23.63
CA THR B 333 -0.84 -16.35 22.38
C THR B 333 0.62 -15.94 22.57
N ASP B 334 1.39 -15.94 21.49
CA ASP B 334 2.82 -15.60 21.53
C ASP B 334 3.54 -16.55 22.46
N ASP B 335 3.60 -17.80 22.03
CA ASP B 335 4.19 -18.85 22.80
C ASP B 335 5.66 -18.62 22.97
N HIS B 336 6.05 -18.43 24.22
CA HIS B 336 7.41 -18.14 24.63
C HIS B 336 7.92 -19.36 25.31
N GLY B 337 9.13 -19.75 25.00
CA GLY B 337 9.71 -20.98 25.53
C GLY B 337 10.71 -20.72 26.64
N MET B 338 10.59 -21.48 27.73
CA MET B 338 11.50 -21.39 28.87
C MET B 338 11.62 -22.77 29.49
N GLN B 339 12.29 -22.84 30.64
CA GLN B 339 12.52 -24.10 31.33
C GLN B 339 12.01 -24.03 32.77
N ILE B 340 11.12 -24.95 33.13
CA ILE B 340 10.70 -25.15 34.52
C ILE B 340 11.58 -26.23 35.12
N TYR B 341 12.24 -25.92 36.25
CA TYR B 341 13.17 -26.84 36.87
C TYR B 341 12.95 -27.02 38.37
N GLY B 342 11.87 -26.48 38.93
CA GLY B 342 11.64 -26.69 40.34
C GLY B 342 10.30 -26.17 40.81
N ILE B 343 10.00 -26.48 42.08
CA ILE B 343 8.83 -26.02 42.81
C ILE B 343 9.30 -25.18 43.99
N ALA B 344 8.66 -24.04 44.20
CA ALA B 344 8.97 -23.19 45.34
C ALA B 344 7.67 -22.74 45.98
N LYS B 345 7.77 -22.28 47.23
CA LYS B 345 6.66 -21.75 47.99
C LYS B 345 6.96 -20.30 48.39
N ASP B 346 5.95 -19.44 48.29
CA ASP B 346 6.04 -18.11 48.92
C ASP B 346 5.71 -18.23 50.42
N GLN B 347 5.82 -17.10 51.12
CA GLN B 347 5.66 -17.10 52.57
C GLN B 347 4.25 -17.42 53.03
N GLU B 348 3.30 -17.55 52.11
CA GLU B 348 1.91 -17.85 52.48
C GLU B 348 1.42 -19.15 51.87
N GLY B 349 2.35 -20.04 51.50
CA GLY B 349 2.03 -21.38 51.09
C GLY B 349 1.70 -21.55 49.63
N ASN B 350 1.45 -20.46 48.90
CA ASN B 350 1.17 -20.56 47.48
C ASN B 350 2.33 -21.23 46.75
N GLU B 351 2.01 -21.89 45.64
CA GLU B 351 2.94 -22.75 44.91
C GLU B 351 3.32 -22.13 43.58
N TYR B 352 4.62 -22.19 43.27
CA TYR B 352 5.20 -21.64 42.05
C TYR B 352 6.14 -22.66 41.42
N TYR B 353 6.18 -22.65 40.10
CA TYR B 353 7.25 -23.31 39.36
C TYR B 353 8.40 -22.34 39.18
N MET B 354 9.62 -22.84 39.42
CA MET B 354 10.80 -22.03 39.17
C MET B 354 11.19 -22.13 37.70
N VAL B 355 11.41 -20.97 37.08
CA VAL B 355 11.58 -20.83 35.64
C VAL B 355 13.00 -20.36 35.37
N LYS B 356 13.68 -21.03 34.45
CA LYS B 356 14.94 -20.53 33.90
C LYS B 356 14.62 -19.84 32.58
N ASN B 357 14.94 -18.55 32.49
CA ASN B 357 14.78 -17.73 31.30
C ASN B 357 16.12 -17.65 30.55
N SER B 358 16.09 -17.07 29.36
CA SER B 358 17.26 -16.90 28.53
C SER B 358 17.48 -15.43 28.19
N TRP B 359 17.18 -14.54 29.16
CA TRP B 359 17.35 -13.11 29.00
C TRP B 359 18.49 -12.55 29.82
N GLY B 360 19.43 -13.39 30.22
CA GLY B 360 20.52 -12.93 31.02
C GLY B 360 20.16 -12.91 32.50
N THR B 361 21.05 -12.32 33.29
CA THR B 361 21.02 -12.42 34.74
C THR B 361 20.85 -11.08 35.42
N ASN B 362 20.62 -10.00 34.67
CA ASN B 362 20.34 -8.70 35.28
C ASN B 362 18.83 -8.54 35.50
N SER B 363 18.33 -9.31 36.46
CA SER B 363 16.94 -9.29 36.91
C SER B 363 16.94 -9.65 38.39
N LYS B 364 15.77 -9.55 39.03
CA LYS B 364 15.74 -9.63 40.49
C LYS B 364 16.26 -10.98 40.99
N TYR B 365 16.01 -12.06 40.26
CA TYR B 365 16.47 -13.39 40.67
C TYR B 365 17.53 -13.95 39.71
N ASN B 366 18.28 -13.06 39.05
CA ASN B 366 19.46 -13.42 38.25
C ASN B 366 19.11 -14.38 37.12
N GLY B 367 18.07 -14.03 36.37
CA GLY B 367 17.70 -14.79 35.19
C GLY B 367 16.68 -15.89 35.42
N ILE B 368 16.43 -16.29 36.66
CA ILE B 368 15.33 -17.18 36.97
C ILE B 368 14.16 -16.34 37.49
N TRP B 369 12.99 -16.94 37.54
CA TRP B 369 11.84 -16.28 38.15
C TRP B 369 10.77 -17.32 38.44
N TYR B 370 9.66 -16.87 39.03
CA TYR B 370 8.67 -17.77 39.61
C TYR B 370 7.31 -17.60 38.94
N ALA B 371 6.69 -18.73 38.61
CA ALA B 371 5.39 -18.75 37.96
C ALA B 371 4.47 -19.57 38.83
N SER B 372 3.40 -18.95 39.32
CA SER B 372 2.48 -19.67 40.19
C SER B 372 1.88 -20.87 39.46
N LYS B 373 1.49 -21.89 40.25
CA LYS B 373 0.88 -23.06 39.62
C LYS B 373 -0.34 -22.67 38.81
N ALA B 374 -1.16 -21.76 39.34
CA ALA B 374 -2.36 -21.32 38.65
C ALA B 374 -2.01 -20.70 37.31
N PHE B 375 -1.09 -19.73 37.30
CA PHE B 375 -0.68 -19.11 36.05
C PHE B 375 -0.23 -20.15 35.04
N VAL B 376 0.59 -21.09 35.46
CA VAL B 376 1.08 -22.11 34.54
C VAL B 376 -0.09 -22.95 34.02
N ARG B 377 -1.05 -23.23 34.90
CA ARG B 377 -2.27 -23.93 34.49
C ARG B 377 -3.03 -23.16 33.39
N TYR B 378 -3.14 -21.84 33.54
CA TYR B 378 -3.95 -21.06 32.61
C TYR B 378 -3.25 -20.89 31.26
N LYS B 379 -1.98 -20.50 31.27
CA LYS B 379 -1.34 -19.95 30.06
C LYS B 379 -0.35 -20.88 29.38
N THR B 380 -0.16 -22.10 29.84
CA THR B 380 0.73 -23.01 29.13
C THR B 380 0.10 -23.45 27.82
N MET B 381 0.92 -23.49 26.76
CA MET B 381 0.48 -24.02 25.47
C MET B 381 1.03 -25.40 25.18
N ASN B 382 2.31 -25.65 25.43
CA ASN B 382 2.81 -27.02 25.31
C ASN B 382 4.04 -27.19 26.17
N ILE B 383 4.31 -28.44 26.55
CA ILE B 383 5.53 -28.77 27.25
C ILE B 383 6.18 -29.98 26.60
N VAL B 384 7.49 -30.11 26.83
CA VAL B 384 8.25 -31.27 26.40
C VAL B 384 8.97 -31.84 27.63
N VAL B 385 8.83 -33.14 27.85
CA VAL B 385 9.48 -33.84 28.96
C VAL B 385 9.96 -35.19 28.43
N HIS B 386 10.88 -35.80 29.18
CA HIS B 386 11.22 -37.18 28.92
C HIS B 386 9.99 -38.06 29.12
N LYS B 387 9.91 -39.16 28.36
CA LYS B 387 8.82 -40.10 28.52
C LYS B 387 8.75 -40.61 29.97
N ASP B 388 9.90 -40.93 30.56
CA ASP B 388 9.98 -41.46 31.92
C ASP B 388 9.53 -40.47 32.99
N ALA B 389 9.28 -39.21 32.65
CA ALA B 389 8.75 -38.25 33.60
C ALA B 389 7.23 -38.32 33.72
N LEU B 390 6.54 -39.02 32.83
CA LEU B 390 5.10 -39.13 32.95
C LEU B 390 4.73 -40.16 34.02
N PRO B 391 3.73 -39.87 34.85
CA PRO B 391 3.20 -40.90 35.76
C PRO B 391 2.78 -42.15 35.01
N LYS B 392 2.86 -43.29 35.69
CA LYS B 392 2.55 -44.58 35.06
C LYS B 392 1.13 -44.60 34.49
N ALA B 393 0.15 -44.11 35.24
CA ALA B 393 -1.24 -44.18 34.80
C ALA B 393 -1.47 -43.30 33.58
N ILE B 394 -0.95 -42.06 33.60
CA ILE B 394 -1.12 -41.16 32.47
C ILE B 394 -0.41 -41.72 31.23
N LYS B 395 0.84 -42.17 31.40
CA LYS B 395 1.60 -42.73 30.30
C LYS B 395 0.84 -43.85 29.58
N ALA B 396 0.12 -44.70 30.34
CA ALA B 396 -0.57 -45.83 29.74
C ALA B 396 -1.81 -45.42 28.95
N LYS B 397 -2.49 -44.34 29.34
CA LYS B 397 -3.67 -43.90 28.60
C LYS B 397 -3.34 -43.28 27.25
N LEU B 398 -2.06 -43.03 26.95
CA LEU B 398 -1.64 -42.47 25.66
C LEU B 398 -0.93 -43.46 24.77
N GLY B 399 -0.78 -44.72 25.21
CA GLY B 399 -0.07 -45.73 24.46
C GLY B 399 1.43 -45.59 24.45
N ILE B 400 2.01 -44.75 25.30
CA ILE B 400 3.45 -44.52 25.28
C ILE B 400 4.14 -45.67 25.99
N LYS B 401 5.12 -46.28 25.33
CA LYS B 401 5.85 -47.41 25.91
C LYS B 401 6.77 -46.98 27.05
N GLY C 29 -5.07 -32.51 -36.35
CA GLY C 29 -5.86 -33.00 -35.24
C GLY C 29 -5.60 -34.46 -34.88
N PHE C 30 -6.15 -34.89 -33.73
CA PHE C 30 -5.97 -36.22 -33.20
C PHE C 30 -7.24 -37.03 -33.36
N VAL C 31 -7.06 -38.34 -33.50
CA VAL C 31 -8.15 -39.31 -33.44
C VAL C 31 -7.72 -40.42 -32.49
N PHE C 32 -8.58 -40.74 -31.52
CA PHE C 32 -8.22 -41.62 -30.42
C PHE C 32 -9.11 -42.85 -30.40
N THR C 33 -8.49 -44.01 -30.13
CA THR C 33 -9.17 -45.27 -29.89
C THR C 33 -9.06 -45.61 -28.41
N THR C 34 -10.17 -46.06 -27.81
CA THR C 34 -10.13 -46.48 -26.42
C THR C 34 -9.55 -47.87 -26.31
N VAL C 35 -8.55 -48.03 -25.44
CA VAL C 35 -8.02 -49.35 -25.15
C VAL C 35 -8.80 -50.02 -24.03
N LYS C 36 -9.21 -49.26 -23.02
CA LYS C 36 -9.92 -49.84 -21.88
C LYS C 36 -10.55 -48.78 -20.96
N GLU C 37 -11.84 -48.94 -20.62
CA GLU C 37 -12.58 -48.02 -19.74
C GLU C 37 -13.06 -48.73 -18.48
N ASN C 38 -13.41 -47.92 -17.47
CA ASN C 38 -14.07 -48.39 -16.26
C ASN C 38 -15.21 -47.43 -15.90
N PRO C 39 -16.33 -47.94 -15.38
CA PRO C 39 -17.53 -47.11 -15.22
C PRO C 39 -17.31 -45.85 -14.38
N ILE C 40 -17.83 -44.73 -14.90
CA ILE C 40 -17.87 -43.44 -14.22
C ILE C 40 -19.33 -42.98 -14.20
N THR C 41 -19.62 -42.01 -13.33
CA THR C 41 -20.94 -41.38 -13.36
C THR C 41 -20.91 -40.24 -14.38
N SER C 42 -22.05 -39.57 -14.53
CA SER C 42 -22.21 -38.48 -15.52
C SER C 42 -21.15 -37.41 -15.33
N VAL C 43 -20.99 -36.52 -16.30
CA VAL C 43 -20.03 -35.44 -16.12
C VAL C 43 -20.73 -34.31 -15.35
N LYS C 44 -20.05 -33.80 -14.31
CA LYS C 44 -20.55 -32.69 -13.52
C LYS C 44 -19.91 -31.38 -13.94
N ASN C 45 -20.44 -30.27 -13.41
CA ASN C 45 -19.96 -28.94 -13.76
C ASN C 45 -19.81 -28.11 -12.50
N GLN C 46 -18.56 -27.93 -12.06
CA GLN C 46 -18.29 -27.07 -10.91
C GLN C 46 -18.53 -25.60 -11.22
N ASN C 47 -18.45 -25.22 -12.50
CA ASN C 47 -18.62 -23.84 -12.96
C ASN C 47 -17.69 -22.94 -12.14
N ARG C 48 -18.16 -21.79 -11.63
CA ARG C 48 -17.25 -20.74 -11.14
C ARG C 48 -16.89 -20.93 -9.67
N ALA C 49 -16.13 -21.99 -9.41
CA ALA C 49 -15.67 -22.21 -8.05
C ALA C 49 -14.47 -23.14 -8.10
N GLY C 50 -13.53 -22.93 -7.17
CA GLY C 50 -12.34 -23.77 -7.07
C GLY C 50 -12.60 -25.09 -6.35
N THR C 51 -13.73 -25.71 -6.66
CA THR C 51 -14.24 -26.88 -5.95
C THR C 51 -13.86 -28.19 -6.62
N CYS C 52 -12.87 -28.17 -7.51
CA CYS C 52 -12.51 -29.39 -8.24
C CYS C 52 -12.11 -30.51 -7.30
N TRP C 53 -11.44 -30.16 -6.19
CA TRP C 53 -11.02 -31.17 -5.23
C TRP C 53 -12.21 -32.00 -4.75
N CYS C 54 -13.37 -31.36 -4.60
CA CYS C 54 -14.51 -32.07 -4.06
C CYS C 54 -15.29 -32.79 -5.16
N TYR C 55 -15.49 -32.15 -6.31
CA TYR C 55 -16.22 -32.82 -7.39
C TYR C 55 -15.45 -34.04 -7.91
N SER C 56 -14.12 -33.95 -7.96
CA SER C 56 -13.32 -35.09 -8.43
C SER C 56 -13.27 -36.19 -7.39
N SER C 57 -13.16 -35.85 -6.11
CA SER C 57 -13.23 -36.86 -5.07
C SER C 57 -14.50 -37.69 -5.20
N TYR C 58 -15.64 -37.01 -5.31
CA TYR C 58 -16.93 -37.69 -5.38
C TYR C 58 -17.09 -38.43 -6.69
N SER C 59 -16.59 -37.86 -7.79
CA SER C 59 -16.56 -38.60 -9.04
C SER C 59 -15.81 -39.91 -8.87
N PHE C 60 -14.68 -39.86 -8.17
CA PHE C 60 -13.85 -41.04 -7.92
C PHE C 60 -14.57 -42.04 -7.02
N LEU C 61 -15.19 -41.55 -5.93
CA LEU C 61 -15.89 -42.44 -5.01
C LEU C 61 -17.15 -43.03 -5.63
N GLU C 62 -17.85 -42.25 -6.46
CA GLU C 62 -19.01 -42.81 -7.16
C GLU C 62 -18.59 -43.97 -8.05
N SER C 63 -17.47 -43.82 -8.77
CA SER C 63 -16.94 -44.93 -9.56
C SER C 63 -16.61 -46.12 -8.67
N GLU C 64 -16.12 -45.85 -7.46
CA GLU C 64 -15.83 -46.91 -6.49
C GLU C 64 -17.10 -47.60 -6.03
N LEU C 65 -18.17 -46.83 -5.79
CA LEU C 65 -19.45 -47.43 -5.39
C LEU C 65 -20.02 -48.32 -6.51
N LEU C 66 -19.85 -47.91 -7.76
CA LEU C 66 -20.28 -48.72 -8.90
C LEU C 66 -19.57 -50.07 -8.92
N ARG C 67 -18.26 -50.05 -8.72
CA ARG C 67 -17.44 -51.26 -8.81
C ARG C 67 -17.57 -52.11 -7.55
N MET C 68 -17.84 -51.49 -6.40
CA MET C 68 -18.14 -52.25 -5.20
C MET C 68 -19.51 -52.91 -5.28
N GLY C 69 -20.43 -52.35 -6.05
CA GLY C 69 -21.74 -52.92 -6.24
C GLY C 69 -22.87 -52.25 -5.50
N LYS C 70 -22.75 -50.97 -5.16
CA LYS C 70 -23.75 -50.24 -4.40
C LYS C 70 -24.73 -49.47 -5.27
N GLY C 71 -24.58 -49.54 -6.60
CA GLY C 71 -25.40 -48.72 -7.47
C GLY C 71 -24.82 -47.33 -7.69
N GLU C 72 -25.59 -46.53 -8.41
CA GLU C 72 -25.20 -45.17 -8.76
C GLU C 72 -25.54 -44.22 -7.62
N TYR C 73 -24.63 -43.29 -7.35
CA TYR C 73 -24.78 -42.29 -6.29
C TYR C 73 -24.47 -40.91 -6.85
N ASP C 74 -25.09 -39.89 -6.25
CA ASP C 74 -24.77 -38.50 -6.55
C ASP C 74 -24.64 -37.78 -5.22
N LEU C 75 -23.39 -37.56 -4.77
CA LEU C 75 -23.14 -36.93 -3.50
C LEU C 75 -23.09 -35.40 -3.63
N SER C 76 -23.39 -34.72 -2.53
CA SER C 76 -23.45 -33.25 -2.48
C SER C 76 -22.08 -32.68 -2.11
N GLU C 77 -21.39 -32.13 -3.11
CA GLU C 77 -20.16 -31.39 -2.86
C GLU C 77 -20.42 -30.15 -2.05
N MET C 78 -21.55 -29.49 -2.33
CA MET C 78 -21.85 -28.24 -1.65
C MET C 78 -21.88 -28.43 -0.13
N PHE C 79 -22.34 -29.61 0.32
CA PHE C 79 -22.45 -29.86 1.75
C PHE C 79 -21.08 -29.93 2.42
N THR C 80 -20.15 -30.67 1.84
CA THR C 80 -18.83 -30.72 2.47
C THR C 80 -17.91 -29.59 2.01
N VAL C 81 -18.18 -28.98 0.85
CA VAL C 81 -17.51 -27.73 0.53
C VAL C 81 -17.80 -26.72 1.62
N TYR C 82 -19.07 -26.63 2.02
CA TYR C 82 -19.49 -25.76 3.10
C TYR C 82 -18.71 -26.06 4.38
N ASN C 83 -18.67 -27.33 4.79
CA ASN C 83 -18.07 -27.68 6.08
C ASN C 83 -16.56 -27.52 6.04
N THR C 84 -15.92 -27.90 4.94
CA THR C 84 -14.47 -27.73 4.84
C THR C 84 -14.08 -26.28 5.05
N TYR C 85 -14.88 -25.35 4.50
CA TYR C 85 -14.56 -23.92 4.59
C TYR C 85 -14.58 -23.43 6.02
N LEU C 86 -15.55 -23.87 6.82
CA LEU C 86 -15.61 -23.41 8.20
C LEU C 86 -14.36 -23.85 8.97
N ASP C 87 -13.95 -25.10 8.79
CA ASP C 87 -12.69 -25.56 9.39
C ASP C 87 -11.51 -24.73 8.90
N ARG C 88 -11.44 -24.50 7.58
CA ARG C 88 -10.31 -23.75 7.04
C ARG C 88 -10.27 -22.34 7.61
N ALA C 89 -11.44 -21.70 7.68
CA ALA C 89 -11.57 -20.44 8.38
C ALA C 89 -10.99 -20.53 9.79
N ASP C 90 -11.42 -21.52 10.56
CA ASP C 90 -10.84 -21.74 11.89
C ASP C 90 -9.32 -21.89 11.81
N ALA C 91 -8.81 -22.70 10.88
CA ALA C 91 -7.36 -22.87 10.73
C ALA C 91 -6.64 -21.56 10.39
N ALA C 92 -7.26 -20.70 9.57
CA ALA C 92 -6.58 -19.44 9.26
C ALA C 92 -6.52 -18.53 10.48
N VAL C 93 -7.58 -18.52 11.28
CA VAL C 93 -7.63 -17.70 12.49
C VAL C 93 -6.65 -18.21 13.55
N ARG C 94 -6.53 -19.53 13.72
CA ARG C 94 -5.54 -20.04 14.67
C ARG C 94 -4.12 -19.69 14.28
N THR C 95 -3.79 -19.83 13.00
CA THR C 95 -2.46 -19.52 12.50
C THR C 95 -2.32 -18.05 12.13
N HIS C 96 -3.26 -17.20 12.55
CA HIS C 96 -3.19 -15.75 12.32
C HIS C 96 -2.84 -15.40 10.87
N GLY C 97 -3.55 -16.02 9.94
CA GLY C 97 -3.41 -15.75 8.51
C GLY C 97 -2.39 -16.58 7.78
N ASP C 98 -1.60 -17.40 8.47
CA ASP C 98 -0.64 -18.26 7.78
C ASP C 98 -1.35 -19.25 6.86
N VAL C 99 -2.34 -19.97 7.38
CA VAL C 99 -3.16 -20.83 6.52
C VAL C 99 -4.01 -19.92 5.63
N SER C 100 -3.74 -19.94 4.33
CA SER C 100 -4.52 -19.12 3.41
C SER C 100 -5.97 -19.60 3.39
N PHE C 101 -6.90 -18.65 3.23
CA PHE C 101 -8.31 -18.98 3.16
C PHE C 101 -8.74 -18.82 1.70
N SER C 102 -9.11 -19.92 1.07
CA SER C 102 -9.35 -19.90 -0.36
C SER C 102 -10.24 -21.08 -0.72
N GLN C 103 -10.74 -21.09 -1.95
CA GLN C 103 -11.79 -22.02 -2.36
C GLN C 103 -11.28 -23.45 -2.48
N GLY C 104 -9.99 -23.63 -2.77
CA GLY C 104 -9.43 -24.94 -3.07
C GLY C 104 -9.42 -25.90 -1.88
N GLY C 105 -8.78 -27.04 -2.12
CA GLY C 105 -8.76 -28.10 -1.13
C GLY C 105 -8.10 -29.32 -1.70
N SER C 106 -8.34 -30.46 -1.03
CA SER C 106 -7.62 -31.70 -1.34
C SER C 106 -8.58 -32.88 -1.33
N PHE C 107 -8.14 -33.97 -1.98
CA PHE C 107 -8.78 -35.26 -1.80
C PHE C 107 -8.97 -35.58 -0.33
N TYR C 108 -7.93 -35.31 0.48
CA TYR C 108 -8.01 -35.63 1.90
C TYR C 108 -9.14 -34.89 2.60
N ASP C 109 -9.41 -33.63 2.17
CA ASP C 109 -10.53 -32.87 2.72
C ASP C 109 -11.83 -33.65 2.61
N ALA C 110 -12.03 -34.34 1.49
CA ALA C 110 -13.25 -35.09 1.25
C ALA C 110 -13.28 -36.37 2.10
N LEU C 111 -12.17 -37.13 2.11
CA LEU C 111 -12.15 -38.37 2.88
C LEU C 111 -12.30 -38.09 4.37
N TYR C 112 -11.61 -37.06 4.86
CA TYR C 112 -11.79 -36.65 6.24
C TYR C 112 -13.22 -36.18 6.50
N GLY C 113 -13.71 -35.24 5.68
CA GLY C 113 -15.04 -34.71 5.88
C GLY C 113 -16.11 -35.80 5.87
N MET C 114 -15.93 -36.79 4.99
CA MET C 114 -16.90 -37.88 4.90
C MET C 114 -17.05 -38.61 6.23
N GLU C 115 -15.93 -38.88 6.92
CA GLU C 115 -15.98 -39.53 8.24
C GLU C 115 -16.34 -38.57 9.35
N THR C 116 -16.19 -37.25 9.13
CA THR C 116 -16.37 -36.27 10.19
C THR C 116 -17.72 -35.57 10.12
N PHE C 117 -18.11 -35.08 8.95
CA PHE C 117 -19.37 -34.38 8.78
C PHE C 117 -20.48 -35.27 8.25
N GLY C 118 -20.14 -36.35 7.57
CA GLY C 118 -21.13 -37.17 6.91
C GLY C 118 -21.27 -36.79 5.45
N LEU C 119 -22.24 -37.45 4.81
CA LEU C 119 -22.56 -37.20 3.40
C LEU C 119 -24.06 -36.99 3.26
N VAL C 120 -24.44 -36.20 2.26
CA VAL C 120 -25.86 -36.07 1.92
C VAL C 120 -26.02 -36.19 0.41
N PRO C 121 -27.15 -36.70 -0.08
CA PRO C 121 -27.37 -36.71 -1.53
C PRO C 121 -27.37 -35.30 -2.10
N GLU C 122 -26.99 -35.20 -3.38
CA GLU C 122 -26.95 -33.90 -4.06
C GLU C 122 -28.26 -33.15 -3.90
N GLU C 123 -29.37 -33.88 -3.85
CA GLU C 123 -30.69 -33.28 -3.77
C GLU C 123 -30.86 -32.39 -2.55
N GLU C 124 -30.11 -32.61 -1.47
CA GLU C 124 -30.31 -31.89 -0.22
C GLU C 124 -29.49 -30.61 -0.11
N MET C 125 -28.55 -30.36 -1.02
CA MET C 125 -27.79 -29.12 -1.04
C MET C 125 -27.11 -28.93 -2.40
N ARG C 126 -27.88 -28.42 -3.35
CA ARG C 126 -27.50 -28.29 -4.75
C ARG C 126 -26.74 -26.99 -4.96
N PRO C 127 -25.88 -26.93 -5.98
CA PRO C 127 -25.18 -25.68 -6.26
C PRO C 127 -26.17 -24.64 -6.73
N GLY C 128 -25.97 -23.39 -6.28
CA GLY C 128 -26.68 -22.25 -6.83
C GLY C 128 -28.11 -22.06 -6.36
N MET C 129 -28.62 -22.93 -5.46
CA MET C 129 -30.02 -22.87 -5.05
C MET C 129 -30.40 -21.55 -4.38
N MET C 130 -29.44 -20.77 -3.85
CA MET C 130 -29.78 -19.56 -3.10
C MET C 130 -29.72 -18.28 -3.91
N TYR C 131 -29.11 -18.29 -5.08
CA TYR C 131 -29.06 -17.10 -5.93
C TYR C 131 -29.68 -17.38 -7.29
N ALA C 132 -30.80 -18.11 -7.29
CA ALA C 132 -31.64 -18.31 -8.46
C ALA C 132 -30.87 -18.96 -9.62
N ASP C 133 -30.04 -19.95 -9.29
CA ASP C 133 -29.16 -20.57 -10.26
C ASP C 133 -29.17 -22.08 -10.06
N THR C 134 -28.48 -22.79 -10.96
CA THR C 134 -28.31 -24.24 -10.83
C THR C 134 -26.85 -24.66 -10.79
N LEU C 135 -25.91 -23.75 -10.99
CA LEU C 135 -24.49 -24.06 -10.93
C LEU C 135 -23.81 -23.03 -10.01
N SER C 136 -22.67 -23.44 -9.46
CA SER C 136 -21.97 -22.61 -8.49
C SER C 136 -21.42 -21.33 -9.12
N ASN C 137 -21.60 -20.21 -8.42
CA ASN C 137 -20.74 -19.05 -8.57
C ASN C 137 -20.41 -18.56 -7.17
N HIS C 138 -19.17 -18.78 -6.73
CA HIS C 138 -18.79 -18.51 -5.36
C HIS C 138 -17.92 -17.27 -5.21
N THR C 139 -17.92 -16.40 -6.23
CA THR C 139 -17.04 -15.22 -6.22
C THR C 139 -17.45 -14.23 -5.14
N GLU C 140 -18.73 -13.87 -5.06
CA GLU C 140 -19.18 -12.95 -4.02
C GLU C 140 -19.05 -13.58 -2.63
N LEU C 141 -19.40 -14.86 -2.50
CA LEU C 141 -19.18 -15.57 -1.23
C LEU C 141 -17.73 -15.44 -0.77
N SER C 142 -16.77 -15.59 -1.69
CA SER C 142 -15.37 -15.49 -1.30
C SER C 142 -15.00 -14.05 -0.95
N ALA C 143 -15.42 -13.09 -1.77
CA ALA C 143 -15.15 -11.68 -1.48
C ALA C 143 -15.56 -11.33 -0.05
N LEU C 144 -16.74 -11.78 0.38
CA LEU C 144 -17.20 -11.48 1.73
C LEU C 144 -16.42 -12.26 2.79
N THR C 145 -16.32 -13.58 2.62
CA THR C 145 -15.74 -14.42 3.66
C THR C 145 -14.21 -14.26 3.72
N ASP C 146 -13.55 -14.08 2.58
CA ASP C 146 -12.12 -13.76 2.60
C ASP C 146 -11.87 -12.50 3.43
N ALA C 147 -12.66 -11.45 3.20
CA ALA C 147 -12.45 -10.22 3.95
C ALA C 147 -12.75 -10.43 5.43
N MET C 148 -13.84 -11.15 5.75
CA MET C 148 -14.18 -11.42 7.14
C MET C 148 -13.07 -12.18 7.85
N VAL C 149 -12.64 -13.30 7.26
CA VAL C 149 -11.62 -14.13 7.89
C VAL C 149 -10.33 -13.34 8.05
N ALA C 150 -9.99 -12.53 7.04
CA ALA C 150 -8.79 -11.72 7.15
C ALA C 150 -8.93 -10.62 8.21
N ALA C 151 -10.12 -10.07 8.39
CA ALA C 151 -10.30 -9.06 9.42
C ALA C 151 -10.05 -9.63 10.82
N ILE C 152 -10.36 -10.91 11.01
CA ILE C 152 -10.03 -11.56 12.28
C ILE C 152 -8.59 -12.01 12.29
N ALA C 153 -8.19 -12.78 11.28
CA ALA C 153 -6.93 -13.51 11.33
C ALA C 153 -5.74 -12.57 11.25
N LYS C 154 -5.85 -11.50 10.45
CA LYS C 154 -4.74 -10.60 10.17
C LYS C 154 -4.97 -9.18 10.66
N GLY C 155 -6.03 -8.94 11.41
CA GLY C 155 -6.31 -7.63 11.94
C GLY C 155 -5.67 -7.42 13.29
N LYS C 156 -6.18 -6.43 14.01
CA LYS C 156 -5.55 -6.02 15.26
C LYS C 156 -6.39 -6.36 16.48
N LEU C 157 -7.43 -7.19 16.32
CA LEU C 157 -8.27 -7.51 17.45
C LEU C 157 -7.47 -8.27 18.49
N ARG C 158 -7.50 -7.78 19.73
CA ARG C 158 -6.70 -8.38 20.79
C ARG C 158 -7.47 -9.45 21.56
N LYS C 159 -8.79 -9.40 21.56
CA LYS C 159 -9.59 -10.42 22.26
C LYS C 159 -10.91 -10.61 21.53
N LEU C 160 -11.10 -11.77 20.90
CA LEU C 160 -12.31 -12.05 20.15
C LEU C 160 -13.48 -12.36 21.08
N GLN C 161 -14.68 -11.93 20.69
CA GLN C 161 -15.83 -12.01 21.58
C GLN C 161 -16.52 -13.37 21.52
N SER C 162 -17.07 -13.77 22.66
CA SER C 162 -17.79 -15.03 22.72
C SER C 162 -19.05 -14.86 23.56
N ASP C 163 -19.89 -15.89 23.57
CA ASP C 163 -21.12 -15.87 24.34
C ASP C 163 -20.93 -16.66 25.65
N GLU C 164 -22.02 -16.88 26.36
CA GLU C 164 -21.95 -17.49 27.69
C GLU C 164 -21.57 -18.95 27.62
N ASN C 165 -21.64 -19.58 26.45
CA ASN C 165 -21.15 -20.93 26.25
C ASN C 165 -19.77 -20.97 25.64
N ASN C 166 -19.05 -19.84 25.69
CA ASN C 166 -17.72 -19.70 25.09
C ASN C 166 -17.73 -20.00 23.60
N ALA C 167 -18.87 -19.89 22.92
CA ALA C 167 -18.88 -20.02 21.48
C ALA C 167 -18.50 -18.69 20.83
N MET C 168 -17.65 -18.75 19.80
CA MET C 168 -17.09 -17.56 19.19
C MET C 168 -18.10 -16.87 18.27
N LEU C 169 -18.25 -15.56 18.42
CA LEU C 169 -19.15 -14.81 17.54
C LEU C 169 -18.66 -14.75 16.09
N TRP C 170 -17.35 -14.74 15.84
CA TRP C 170 -16.91 -14.64 14.46
C TRP C 170 -17.17 -15.93 13.68
N LYS C 171 -17.23 -17.08 14.35
CA LYS C 171 -17.56 -18.31 13.64
C LYS C 171 -19.03 -18.40 13.29
N LYS C 172 -19.90 -17.94 14.19
CA LYS C 172 -21.32 -17.73 13.84
C LYS C 172 -21.43 -16.86 12.59
N ALA C 173 -20.69 -15.75 12.58
CA ALA C 173 -20.75 -14.85 11.44
C ALA C 173 -20.33 -15.56 10.17
N VAL C 174 -19.19 -16.27 10.21
CA VAL C 174 -18.68 -16.90 9.00
C VAL C 174 -19.60 -18.04 8.57
N ALA C 175 -20.03 -18.87 9.52
CA ALA C 175 -20.95 -19.95 9.16
C ALA C 175 -22.27 -19.39 8.61
N ALA C 176 -22.74 -18.27 9.17
CA ALA C 176 -24.02 -17.73 8.70
C ALA C 176 -23.88 -17.16 7.30
N VAL C 177 -22.74 -16.53 6.99
CA VAL C 177 -22.60 -16.02 5.63
C VAL C 177 -22.48 -17.19 4.65
N HIS C 178 -21.84 -18.30 5.05
CA HIS C 178 -21.69 -19.44 4.13
C HIS C 178 -23.04 -20.07 3.80
N GLN C 179 -23.95 -20.12 4.79
CA GLN C 179 -25.27 -20.70 4.57
C GLN C 179 -26.15 -19.79 3.73
N ILE C 180 -25.99 -18.47 3.88
CA ILE C 180 -26.72 -17.54 3.03
C ILE C 180 -26.42 -17.79 1.56
N TYR C 181 -25.17 -18.11 1.25
CA TYR C 181 -24.76 -18.32 -0.14
C TYR C 181 -24.81 -19.79 -0.57
N LEU C 182 -24.61 -20.74 0.34
CA LEU C 182 -24.51 -22.14 -0.06
C LEU C 182 -25.72 -22.98 0.34
N GLY C 183 -26.51 -22.55 1.31
CA GLY C 183 -27.61 -23.32 1.84
C GLY C 183 -27.34 -23.77 3.26
N VAL C 184 -28.40 -24.21 3.92
CA VAL C 184 -28.34 -24.65 5.31
C VAL C 184 -28.18 -26.17 5.33
N PRO C 185 -27.15 -26.71 5.97
CA PRO C 185 -26.95 -28.17 6.00
C PRO C 185 -28.11 -28.88 6.66
N PRO C 186 -28.63 -29.94 6.04
CA PRO C 186 -29.70 -30.73 6.68
C PRO C 186 -29.14 -31.51 7.86
N GLU C 187 -29.83 -31.44 8.98
CA GLU C 187 -29.51 -32.34 10.09
C GLU C 187 -30.22 -33.68 9.99
N LYS C 188 -31.34 -33.74 9.25
CA LYS C 188 -32.04 -35.00 9.04
C LYS C 188 -32.78 -34.91 7.73
N PHE C 189 -32.84 -36.02 6.98
CA PHE C 189 -33.45 -35.98 5.67
C PHE C 189 -33.91 -37.39 5.28
N THR C 190 -34.84 -37.45 4.33
CA THR C 190 -35.36 -38.69 3.81
C THR C 190 -34.73 -38.99 2.45
N TYR C 191 -34.25 -40.22 2.27
CA TYR C 191 -33.66 -40.63 0.99
C TYR C 191 -34.13 -42.05 0.64
N LYS C 192 -34.75 -42.19 -0.52
CA LYS C 192 -35.26 -43.47 -1.04
C LYS C 192 -35.98 -44.26 0.05
N GLY C 193 -36.94 -43.61 0.68
CA GLY C 193 -37.82 -44.25 1.66
C GLY C 193 -37.34 -44.21 3.08
N LYS C 194 -36.05 -44.47 3.31
CA LYS C 194 -35.48 -44.43 4.65
C LYS C 194 -34.97 -43.04 4.94
N GLU C 195 -35.11 -42.61 6.18
CA GLU C 195 -34.57 -41.31 6.57
C GLU C 195 -33.15 -41.48 7.09
N TYR C 196 -32.37 -40.41 6.98
CA TYR C 196 -30.95 -40.50 7.33
C TYR C 196 -30.52 -39.26 8.10
N THR C 197 -29.39 -39.38 8.77
CA THR C 197 -28.51 -38.31 9.15
C THR C 197 -27.34 -38.32 8.17
N PRO C 198 -26.55 -37.24 8.07
CA PRO C 198 -25.39 -37.32 7.18
C PRO C 198 -24.40 -38.39 7.60
N LYS C 199 -24.29 -38.64 8.91
CA LYS C 199 -23.44 -39.74 9.39
C LYS C 199 -23.97 -41.09 8.93
N SER C 200 -25.23 -41.40 9.28
CA SER C 200 -25.83 -42.67 8.92
C SER C 200 -25.97 -42.83 7.42
N PHE C 201 -26.21 -41.73 6.70
CA PHE C 201 -26.15 -41.82 5.25
C PHE C 201 -24.75 -42.18 4.79
N PHE C 202 -23.74 -41.57 5.42
CA PHE C 202 -22.36 -41.96 5.17
C PHE C 202 -22.13 -43.44 5.50
N GLU C 203 -22.75 -43.96 6.54
CA GLU C 203 -22.53 -45.38 6.84
C GLU C 203 -23.25 -46.27 5.84
N SER C 204 -24.37 -45.81 5.28
CA SER C 204 -25.10 -46.59 4.27
C SER C 204 -24.23 -46.93 3.07
N THR C 205 -23.32 -46.04 2.68
CA THR C 205 -22.48 -46.33 1.52
C THR C 205 -21.41 -47.37 1.80
N GLY C 206 -21.00 -47.52 3.06
CA GLY C 206 -19.97 -48.48 3.38
C GLY C 206 -18.58 -48.08 2.94
N LEU C 207 -18.34 -46.79 2.72
CA LEU C 207 -16.99 -46.32 2.45
C LEU C 207 -16.28 -46.03 3.76
N LYS C 208 -15.02 -46.36 3.71
CA LYS C 208 -14.10 -46.18 4.79
C LYS C 208 -12.90 -45.40 4.26
N ALA C 209 -12.40 -44.48 5.06
CA ALA C 209 -11.24 -43.67 4.68
C ALA C 209 -10.00 -44.52 4.49
N SER C 210 -9.86 -45.51 5.35
CA SER C 210 -8.75 -46.43 5.39
C SER C 210 -8.48 -47.21 4.11
N ASP C 211 -9.52 -47.49 3.32
CA ASP C 211 -9.40 -48.21 2.06
C ASP C 211 -8.52 -47.52 1.02
N TYR C 212 -8.51 -46.21 1.06
CA TYR C 212 -7.79 -45.39 0.12
C TYR C 212 -6.52 -44.76 0.69
N VAL C 213 -5.49 -44.69 -0.12
CA VAL C 213 -4.25 -44.06 0.28
C VAL C 213 -3.75 -43.06 -0.73
N SER C 214 -3.05 -42.04 -0.27
CA SER C 214 -2.52 -41.02 -1.17
C SER C 214 -1.07 -41.35 -1.50
N LEU C 215 -0.74 -41.27 -2.78
CA LEU C 215 0.58 -41.62 -3.28
C LEU C 215 1.17 -40.46 -4.08
N THR C 216 2.48 -40.29 -4.01
CA THR C 216 3.19 -39.26 -4.75
C THR C 216 4.60 -39.78 -5.06
N SER C 217 5.44 -38.93 -5.64
CA SER C 217 6.77 -39.37 -6.07
C SER C 217 7.69 -38.16 -6.07
N TYR C 218 8.55 -38.05 -5.07
CA TYR C 218 9.52 -36.96 -5.00
C TYR C 218 10.78 -37.45 -4.28
N THR C 219 11.86 -36.67 -4.43
CA THR C 219 13.17 -37.04 -3.88
C THR C 219 13.58 -36.23 -2.68
N HIS C 220 12.79 -35.24 -2.27
CA HIS C 220 13.15 -34.43 -1.11
C HIS C 220 12.64 -35.03 0.19
N HIS C 221 12.11 -36.24 0.13
CA HIS C 221 11.85 -37.13 1.25
C HIS C 221 12.21 -38.53 0.79
N PRO C 222 12.72 -39.38 1.68
CA PRO C 222 13.12 -40.72 1.26
C PRO C 222 11.92 -41.48 0.70
N PHE C 223 12.20 -42.44 -0.18
CA PHE C 223 11.15 -43.18 -0.82
C PHE C 223 10.57 -44.22 0.14
N TYR C 224 9.33 -44.64 -0.14
CA TYR C 224 8.52 -45.47 0.77
C TYR C 224 8.40 -44.81 2.14
N THR C 225 8.04 -43.53 2.12
CA THR C 225 7.90 -42.75 3.35
C THR C 225 6.59 -41.99 3.32
N GLN C 226 6.29 -41.37 4.45
CA GLN C 226 5.11 -40.55 4.67
C GLN C 226 5.53 -39.10 4.80
N PHE C 227 4.94 -38.22 4.00
CA PHE C 227 5.15 -36.79 4.21
C PHE C 227 3.94 -36.01 3.72
N PRO C 228 3.64 -34.87 4.34
CA PRO C 228 2.54 -34.02 3.86
C PRO C 228 3.04 -33.14 2.72
N LEU C 229 2.34 -33.17 1.60
CA LEU C 229 2.72 -32.33 0.47
C LEU C 229 2.65 -30.87 0.87
N GLU C 230 3.66 -30.11 0.46
CA GLU C 230 3.85 -28.73 0.91
C GLU C 230 3.14 -27.77 -0.05
N ILE C 231 1.81 -27.89 -0.09
CA ILE C 231 1.01 -27.02 -0.94
C ILE C 231 -0.10 -26.41 -0.11
N GLN C 232 -0.50 -25.19 -0.48
CA GLN C 232 -1.39 -24.39 0.38
C GLN C 232 -2.72 -25.07 0.60
N ASP C 233 -3.24 -25.80 -0.38
CA ASP C 233 -4.56 -26.38 -0.21
C ASP C 233 -4.55 -27.62 0.66
N ASN C 234 -3.37 -28.12 1.02
CA ASN C 234 -3.20 -29.20 2.00
C ASN C 234 -3.01 -28.64 3.39
N TRP C 235 -3.78 -27.61 3.78
CA TRP C 235 -3.65 -27.01 5.10
C TRP C 235 -3.93 -28.01 6.23
N ARG C 236 -4.49 -29.17 5.92
CA ARG C 236 -4.69 -30.22 6.90
C ARG C 236 -3.52 -31.19 7.01
N HIS C 237 -2.54 -31.10 6.11
CA HIS C 237 -1.30 -31.89 6.18
C HIS C 237 -1.56 -33.39 6.00
N GLY C 238 -2.53 -33.72 5.16
CA GLY C 238 -2.74 -35.07 4.70
C GLY C 238 -1.47 -35.72 4.15
N MET C 239 -1.19 -36.91 4.64
CA MET C 239 0.06 -37.58 4.35
C MET C 239 -0.04 -38.33 3.03
N SER C 240 1.09 -38.49 2.37
CA SER C 240 1.15 -39.15 1.07
C SER C 240 2.32 -40.12 1.05
N TYR C 241 2.13 -41.27 0.42
CA TYR C 241 3.19 -42.28 0.32
C TYR C 241 4.06 -42.00 -0.90
N ASN C 242 5.36 -42.26 -0.77
CA ASN C 242 6.36 -41.75 -1.72
C ASN C 242 7.04 -42.90 -2.45
N LEU C 243 6.75 -43.03 -3.75
CA LEU C 243 7.27 -44.05 -4.66
C LEU C 243 8.29 -43.47 -5.61
N PRO C 244 9.20 -44.29 -6.14
CA PRO C 244 9.99 -43.85 -7.30
C PRO C 244 9.12 -43.74 -8.54
N LEU C 245 9.47 -42.78 -9.40
CA LEU C 245 8.61 -42.39 -10.52
C LEU C 245 8.25 -43.55 -11.44
N ASP C 246 8.99 -44.65 -11.43
CA ASP C 246 8.59 -45.73 -12.32
C ASP C 246 7.65 -46.72 -11.66
N GLU C 247 7.83 -47.01 -10.36
CA GLU C 247 6.80 -47.78 -9.66
C GLU C 247 5.52 -46.97 -9.54
N PHE C 248 5.68 -45.68 -9.28
CA PHE C 248 4.55 -44.77 -9.22
C PHE C 248 3.72 -44.83 -10.49
N MET C 249 4.36 -44.90 -11.65
CA MET C 249 3.52 -44.98 -12.84
C MET C 249 3.02 -46.39 -13.11
N GLU C 250 3.55 -47.38 -12.40
CA GLU C 250 3.01 -48.73 -12.53
C GLU C 250 1.71 -48.90 -11.74
N VAL C 251 1.52 -48.13 -10.65
CA VAL C 251 0.24 -48.22 -9.96
C VAL C 251 -0.88 -47.64 -10.84
N PHE C 252 -0.56 -46.59 -11.60
CA PHE C 252 -1.55 -46.01 -12.51
C PHE C 252 -1.98 -47.03 -13.58
N ASP C 253 -1.02 -47.61 -14.28
CA ASP C 253 -1.36 -48.60 -15.29
C ASP C 253 -1.97 -49.85 -14.69
N ASN C 254 -1.59 -50.23 -13.46
CA ASN C 254 -2.17 -51.42 -12.86
C ASN C 254 -3.61 -51.15 -12.43
N ALA C 255 -3.83 -50.02 -11.73
CA ALA C 255 -5.17 -49.66 -11.28
C ALA C 255 -6.18 -49.68 -12.41
N ILE C 256 -5.82 -49.14 -13.57
CA ILE C 256 -6.73 -49.12 -14.71
C ILE C 256 -7.05 -50.53 -15.18
N ASN C 257 -6.00 -51.32 -15.48
CA ASN C 257 -6.22 -52.61 -16.12
C ASN C 257 -6.90 -53.61 -15.19
N THR C 258 -6.73 -53.45 -13.87
CA THR C 258 -7.48 -54.28 -12.94
C THR C 258 -8.84 -53.70 -12.60
N GLY C 259 -9.22 -52.59 -13.22
CA GLY C 259 -10.59 -52.11 -13.19
C GLY C 259 -10.90 -50.95 -12.27
N TYR C 260 -9.89 -50.16 -11.86
CA TYR C 260 -10.06 -49.09 -10.88
C TYR C 260 -9.87 -47.73 -11.54
N THR C 261 -10.57 -46.76 -10.98
CA THR C 261 -10.31 -45.36 -11.29
C THR C 261 -9.33 -44.78 -10.28
N ILE C 262 -8.85 -43.57 -10.58
CA ILE C 262 -7.82 -42.90 -9.81
C ILE C 262 -8.27 -41.46 -9.56
N ALA C 263 -8.16 -41.00 -8.32
CA ALA C 263 -8.31 -39.58 -8.01
C ALA C 263 -6.97 -38.90 -8.33
N TRP C 264 -6.97 -38.04 -9.33
CA TRP C 264 -5.73 -37.55 -9.93
C TRP C 264 -5.61 -36.05 -9.74
N GLY C 265 -4.71 -35.65 -8.84
CA GLY C 265 -4.36 -34.25 -8.66
C GLY C 265 -3.08 -33.92 -9.41
N SER C 266 -3.14 -32.85 -10.21
CA SER C 266 -2.05 -32.58 -11.13
C SER C 266 -1.97 -31.10 -11.47
N ASP C 267 -0.88 -30.75 -12.15
CA ASP C 267 -0.68 -29.42 -12.73
C ASP C 267 -1.20 -29.43 -14.17
N VAL C 268 -2.22 -28.63 -14.43
CA VAL C 268 -2.80 -28.54 -15.76
C VAL C 268 -2.52 -27.18 -16.40
N SER C 269 -1.87 -26.27 -15.70
CA SER C 269 -1.38 -25.02 -16.28
C SER C 269 -0.12 -25.34 -17.07
N GLU C 270 -0.32 -25.82 -18.30
CA GLU C 270 0.80 -26.19 -19.14
C GLU C 270 0.41 -26.01 -20.60
N SER C 271 1.39 -25.60 -21.42
CA SER C 271 1.19 -25.52 -22.86
C SER C 271 0.69 -26.85 -23.41
N GLY C 272 1.05 -27.96 -22.77
CA GLY C 272 0.58 -29.25 -23.22
C GLY C 272 -0.89 -29.50 -22.92
N PHE C 273 -1.41 -28.92 -21.84
CA PHE C 273 -2.81 -29.10 -21.49
C PHE C 273 -3.66 -28.14 -22.33
N THR C 274 -4.57 -28.69 -23.11
CA THR C 274 -5.35 -27.90 -24.05
C THR C 274 -6.80 -27.80 -23.61
N ARG C 275 -7.46 -26.76 -24.12
CA ARG C 275 -8.92 -26.65 -24.10
C ARG C 275 -9.57 -27.51 -25.18
N ASP C 276 -8.79 -28.06 -26.10
CA ASP C 276 -9.27 -28.97 -27.13
C ASP C 276 -9.31 -30.42 -26.66
N GLY C 277 -9.12 -30.68 -25.36
CA GLY C 277 -9.36 -31.99 -24.79
C GLY C 277 -8.17 -32.93 -24.70
N VAL C 278 -6.94 -32.43 -24.87
CA VAL C 278 -5.75 -33.27 -24.90
C VAL C 278 -4.65 -32.61 -24.08
N ALA C 279 -3.88 -33.42 -23.35
CA ALA C 279 -2.76 -32.95 -22.54
C ALA C 279 -1.52 -33.74 -22.94
N VAL C 280 -0.67 -33.14 -23.77
CA VAL C 280 0.53 -33.81 -24.28
C VAL C 280 1.78 -33.21 -23.64
N MET C 281 2.95 -33.79 -23.96
CA MET C 281 4.25 -33.33 -23.46
C MET C 281 5.24 -33.39 -24.62
N PRO C 282 5.09 -32.51 -25.61
CA PRO C 282 5.88 -32.65 -26.84
C PRO C 282 7.36 -32.37 -26.61
N ASP C 283 8.18 -32.93 -27.51
CA ASP C 283 9.63 -32.85 -27.48
C ASP C 283 10.11 -31.71 -28.37
N ASP C 284 11.43 -31.54 -28.45
CA ASP C 284 12.06 -30.64 -29.40
C ASP C 284 12.56 -31.37 -30.65
N GLU C 285 12.28 -32.68 -30.77
CA GLU C 285 12.52 -33.38 -32.01
C GLU C 285 11.64 -32.87 -33.14
N LYS C 286 10.50 -32.26 -32.81
CA LYS C 286 9.63 -31.63 -33.80
C LYS C 286 10.20 -30.28 -34.22
N LYS C 307 3.81 -26.92 -34.71
CA LYS C 307 2.46 -27.33 -34.34
C LYS C 307 2.48 -28.44 -33.27
N LEU C 308 2.98 -28.08 -32.07
CA LEU C 308 3.32 -29.07 -31.05
C LEU C 308 2.09 -29.71 -30.40
N ASN C 309 0.99 -28.96 -30.26
CA ASN C 309 -0.19 -29.45 -29.56
C ASN C 309 -1.31 -29.92 -30.49
N THR C 310 -1.29 -29.55 -31.76
CA THR C 310 -2.46 -29.77 -32.61
C THR C 310 -2.49 -31.15 -33.24
N LYS C 311 -1.34 -31.79 -33.42
CA LYS C 311 -1.24 -33.10 -34.07
C LYS C 311 -0.27 -33.97 -33.27
N PRO C 312 -0.37 -35.30 -33.41
CA PRO C 312 0.49 -36.20 -32.62
C PRO C 312 1.97 -36.02 -32.95
N GLN C 313 2.81 -36.12 -31.93
CA GLN C 313 4.23 -35.81 -32.08
C GLN C 313 5.00 -36.59 -31.03
N PRO C 314 6.33 -36.67 -31.18
CA PRO C 314 7.15 -37.35 -30.17
C PRO C 314 7.02 -36.71 -28.80
N GLN C 315 7.02 -37.56 -27.78
CA GLN C 315 6.85 -37.16 -26.39
C GLN C 315 8.18 -37.08 -25.67
N LYS C 316 8.27 -36.15 -24.71
CA LYS C 316 9.44 -36.02 -23.85
C LYS C 316 9.16 -36.75 -22.54
N TRP C 317 9.89 -37.84 -22.31
CA TRP C 317 9.73 -38.67 -21.12
C TRP C 317 10.79 -38.27 -20.09
N CYS C 318 10.34 -37.90 -18.90
CA CYS C 318 11.18 -37.21 -17.92
C CYS C 318 11.89 -38.19 -16.99
N THR C 319 13.10 -37.83 -16.59
CA THR C 319 13.74 -38.51 -15.48
C THR C 319 13.08 -38.08 -14.18
N GLN C 320 13.48 -38.72 -13.08
CA GLN C 320 12.97 -38.30 -11.77
C GLN C 320 13.51 -36.93 -11.38
N ALA C 321 14.75 -36.63 -11.78
CA ALA C 321 15.37 -35.37 -11.40
C ALA C 321 14.76 -34.21 -12.18
N GLU C 322 14.57 -34.37 -13.50
CA GLU C 322 13.91 -33.33 -14.31
C GLU C 322 12.57 -32.95 -13.72
N ARG C 323 11.85 -33.96 -13.19
CA ARG C 323 10.55 -33.82 -12.51
C ARG C 323 10.52 -33.20 -11.12
N GLN C 324 11.41 -33.64 -10.25
CA GLN C 324 11.54 -33.00 -8.95
C GLN C 324 11.83 -31.52 -9.12
N LEU C 325 12.67 -31.19 -10.09
CA LEU C 325 13.03 -29.79 -10.32
C LEU C 325 11.80 -28.95 -10.61
N ALA C 326 10.88 -29.47 -11.44
CA ALA C 326 9.71 -28.70 -11.83
C ALA C 326 8.84 -28.38 -10.63
N TYR C 327 8.81 -29.27 -9.64
CA TYR C 327 8.07 -29.01 -8.41
C TYR C 327 8.81 -28.07 -7.47
N ASP C 328 10.15 -28.11 -7.49
CA ASP C 328 10.93 -27.19 -6.68
C ASP C 328 10.96 -25.79 -7.27
N ASN C 329 10.90 -25.66 -8.60
CA ASN C 329 11.14 -24.37 -9.23
C ASN C 329 9.88 -23.66 -9.69
N TYR C 330 8.69 -24.18 -9.32
CA TYR C 330 7.36 -23.60 -9.53
C TYR C 330 6.74 -23.97 -10.88
N GLU C 331 7.39 -24.80 -11.71
CA GLU C 331 6.74 -25.25 -12.93
C GLU C 331 5.68 -26.31 -12.67
N THR C 332 5.55 -26.83 -11.45
CA THR C 332 4.52 -27.83 -11.14
C THR C 332 3.86 -27.44 -9.82
N THR C 333 2.64 -26.91 -9.90
CA THR C 333 1.85 -26.44 -8.76
C THR C 333 0.52 -27.22 -8.70
N ASP C 334 -0.13 -27.21 -7.53
CA ASP C 334 -1.30 -28.07 -7.32
C ASP C 334 -2.51 -27.43 -7.99
N ASP C 335 -2.60 -27.66 -9.29
CA ASP C 335 -3.65 -27.00 -10.07
C ASP C 335 -5.00 -27.65 -9.84
N HIS C 336 -5.12 -28.94 -10.11
CA HIS C 336 -6.44 -29.46 -10.42
C HIS C 336 -6.57 -30.90 -9.98
N GLY C 337 -7.76 -31.23 -9.47
CA GLY C 337 -8.13 -32.60 -9.14
C GLY C 337 -9.15 -33.13 -10.14
N MET C 338 -8.80 -34.25 -10.77
CA MET C 338 -9.72 -34.88 -11.72
C MET C 338 -9.80 -36.38 -11.45
N GLN C 339 -10.37 -37.11 -12.40
CA GLN C 339 -10.48 -38.58 -12.34
C GLN C 339 -10.06 -39.20 -13.65
N ILE C 340 -9.20 -40.20 -13.56
CA ILE C 340 -8.73 -40.87 -14.76
C ILE C 340 -9.35 -42.24 -14.74
N TYR C 341 -10.04 -42.58 -15.81
CA TYR C 341 -10.75 -43.86 -15.84
C TYR C 341 -10.28 -44.95 -16.79
N GLY C 342 -9.26 -44.71 -17.59
CA GLY C 342 -8.75 -45.70 -18.50
C GLY C 342 -7.69 -45.23 -19.46
N ILE C 343 -7.49 -46.03 -20.51
CA ILE C 343 -6.33 -45.94 -21.39
C ILE C 343 -6.77 -45.95 -22.84
N ALA C 344 -6.01 -45.26 -23.69
CA ALA C 344 -6.34 -45.09 -25.10
C ALA C 344 -5.07 -44.81 -25.90
N LYS C 345 -5.18 -45.02 -27.21
CA LYS C 345 -4.12 -44.68 -28.16
C LYS C 345 -4.66 -43.67 -29.18
N ASP C 346 -3.77 -42.82 -29.69
CA ASP C 346 -4.13 -41.89 -30.76
C ASP C 346 -3.85 -42.55 -32.11
N GLN C 347 -3.97 -41.78 -33.20
CA GLN C 347 -3.89 -42.39 -34.53
C GLN C 347 -2.46 -42.69 -34.97
N GLU C 348 -1.51 -42.45 -34.08
CA GLU C 348 -0.12 -42.79 -34.34
C GLU C 348 0.43 -43.78 -33.34
N GLY C 349 -0.42 -44.33 -32.49
CA GLY C 349 0.00 -45.30 -31.52
C GLY C 349 0.48 -44.75 -30.21
N ASN C 350 0.55 -43.42 -30.07
CA ASN C 350 0.96 -42.79 -28.81
C ASN C 350 -0.12 -43.04 -27.79
N GLU C 351 0.31 -43.31 -26.56
CA GLU C 351 -0.53 -43.64 -25.43
C GLU C 351 -1.01 -42.49 -24.53
N TYR C 352 -2.28 -42.52 -24.14
CA TYR C 352 -2.90 -41.49 -23.33
C TYR C 352 -3.78 -42.05 -22.21
N TYR C 353 -4.21 -41.21 -21.30
CA TYR C 353 -5.13 -41.62 -20.23
C TYR C 353 -6.47 -40.89 -20.36
N MET C 354 -7.56 -41.58 -20.00
CA MET C 354 -8.90 -41.04 -20.16
C MET C 354 -9.32 -40.38 -18.85
N VAL C 355 -9.37 -39.06 -18.83
CA VAL C 355 -9.68 -38.32 -17.62
C VAL C 355 -11.06 -37.71 -17.73
N LYS C 356 -11.80 -37.77 -16.63
CA LYS C 356 -13.11 -37.16 -16.52
C LYS C 356 -13.01 -35.87 -15.70
N ASN C 357 -13.32 -34.75 -16.34
CA ASN C 357 -13.20 -33.44 -15.71
C ASN C 357 -14.53 -33.01 -15.10
N SER C 358 -14.49 -31.90 -14.38
CA SER C 358 -15.64 -31.36 -13.68
C SER C 358 -16.08 -30.03 -14.28
N TRP C 359 -16.02 -29.90 -15.61
CA TRP C 359 -16.33 -28.64 -16.28
C TRP C 359 -17.51 -28.79 -17.22
N GLY C 360 -18.45 -29.66 -16.89
CA GLY C 360 -19.57 -29.89 -17.78
C GLY C 360 -19.13 -30.70 -18.99
N THR C 361 -20.01 -30.74 -19.99
CA THR C 361 -19.85 -31.59 -21.15
C THR C 361 -19.71 -30.82 -22.46
N ASN C 362 -19.52 -29.51 -22.42
CA ASN C 362 -19.37 -28.69 -23.62
C ASN C 362 -17.89 -28.56 -23.96
N SER C 363 -17.37 -29.59 -24.62
CA SER C 363 -15.98 -29.68 -25.03
C SER C 363 -15.89 -30.75 -26.10
N LYS C 364 -14.69 -30.89 -26.69
CA LYS C 364 -14.54 -31.76 -27.87
C LYS C 364 -14.98 -33.19 -27.58
N TYR C 365 -14.82 -33.66 -26.36
CA TYR C 365 -15.16 -35.03 -25.99
C TYR C 365 -16.13 -35.05 -24.81
N ASN C 366 -17.04 -34.08 -24.80
CA ASN C 366 -18.11 -33.95 -23.81
C ASN C 366 -17.58 -34.09 -22.38
N GLY C 367 -16.71 -33.14 -22.03
CA GLY C 367 -16.18 -33.06 -20.69
C GLY C 367 -15.14 -34.10 -20.34
N ILE C 368 -14.61 -34.83 -21.32
CA ILE C 368 -13.52 -35.78 -21.09
C ILE C 368 -12.29 -35.28 -21.84
N TRP C 369 -11.14 -35.38 -21.19
CA TRP C 369 -9.84 -35.03 -21.75
C TRP C 369 -9.01 -36.30 -21.90
N TYR C 370 -7.97 -36.24 -22.73
CA TYR C 370 -7.00 -37.32 -22.80
C TYR C 370 -5.64 -36.79 -22.34
N ALA C 371 -5.11 -37.40 -21.27
CA ALA C 371 -3.84 -37.01 -20.68
C ALA C 371 -2.78 -38.07 -20.97
N SER C 372 -1.75 -37.66 -21.71
CA SER C 372 -0.68 -38.55 -22.12
C SER C 372 0.17 -39.01 -20.92
N LYS C 373 0.69 -40.24 -21.03
CA LYS C 373 1.58 -40.78 -20.00
C LYS C 373 2.74 -39.86 -19.69
N ALA C 374 3.44 -39.43 -20.73
CA ALA C 374 4.56 -38.51 -20.55
C ALA C 374 4.14 -37.26 -19.80
N PHE C 375 2.89 -36.82 -19.99
CA PHE C 375 2.35 -35.70 -19.23
C PHE C 375 2.00 -36.12 -17.81
N VAL C 376 1.31 -37.26 -17.66
CA VAL C 376 0.86 -37.65 -16.33
C VAL C 376 2.03 -37.94 -15.40
N ARG C 377 3.13 -38.49 -15.94
CA ARG C 377 4.28 -38.81 -15.10
C ARG C 377 5.11 -37.56 -14.75
N TYR C 378 5.13 -36.55 -15.63
CA TYR C 378 5.85 -35.33 -15.31
C TYR C 378 5.10 -34.49 -14.28
N LYS C 379 3.79 -34.32 -14.46
CA LYS C 379 3.08 -33.24 -13.81
C LYS C 379 2.04 -33.68 -12.78
N THR C 380 2.01 -34.96 -12.40
CA THR C 380 1.16 -35.38 -11.29
C THR C 380 1.74 -34.97 -9.94
N MET C 381 0.88 -34.49 -9.05
CA MET C 381 1.29 -34.10 -7.70
C MET C 381 0.94 -35.13 -6.66
N ASN C 382 -0.24 -35.74 -6.78
CA ASN C 382 -0.57 -36.91 -5.99
C ASN C 382 -1.76 -37.61 -6.65
N ILE C 383 -1.89 -38.89 -6.37
CA ILE C 383 -3.07 -39.66 -6.75
C ILE C 383 -3.58 -40.38 -5.51
N VAL C 384 -4.89 -40.45 -5.36
CA VAL C 384 -5.52 -41.29 -4.35
C VAL C 384 -6.18 -42.46 -5.04
N VAL C 385 -5.77 -43.67 -4.67
CA VAL C 385 -6.41 -44.89 -5.13
C VAL C 385 -6.76 -45.77 -3.93
N HIS C 386 -7.61 -46.75 -4.21
CA HIS C 386 -7.95 -47.79 -3.27
C HIS C 386 -6.83 -48.81 -3.21
N LYS C 387 -6.58 -49.35 -2.00
CA LYS C 387 -5.43 -50.24 -1.78
C LYS C 387 -5.36 -51.37 -2.80
N ASP C 388 -6.50 -51.95 -3.16
CA ASP C 388 -6.48 -53.16 -4.00
C ASP C 388 -6.07 -52.89 -5.44
N ALA C 389 -5.82 -51.62 -5.81
CA ALA C 389 -5.30 -51.25 -7.13
C ALA C 389 -3.78 -51.28 -7.20
N LEU C 390 -3.10 -51.27 -6.04
CA LEU C 390 -1.65 -51.39 -6.02
C LEU C 390 -1.24 -52.79 -6.46
N PRO C 391 -0.12 -52.94 -7.16
CA PRO C 391 0.45 -54.27 -7.38
C PRO C 391 0.89 -54.87 -6.04
N LYS C 392 1.00 -56.19 -5.99
CA LYS C 392 1.38 -56.84 -4.75
C LYS C 392 2.76 -56.41 -4.30
N ALA C 393 3.70 -56.35 -5.23
CA ALA C 393 5.06 -55.98 -4.89
C ALA C 393 5.20 -54.55 -4.40
N ILE C 394 4.56 -53.62 -5.09
CA ILE C 394 4.61 -52.20 -4.74
C ILE C 394 3.95 -51.98 -3.40
N LYS C 395 2.85 -52.68 -3.18
CA LYS C 395 2.09 -52.64 -1.96
C LYS C 395 2.94 -53.12 -0.81
N ALA C 396 3.72 -54.17 -1.07
CA ALA C 396 4.57 -54.79 -0.08
C ALA C 396 5.62 -53.86 0.49
N LYS C 397 6.25 -53.03 -0.34
CA LYS C 397 7.30 -52.20 0.20
C LYS C 397 6.63 -51.21 1.09
N LEU C 398 6.79 -51.46 2.38
CA LEU C 398 6.21 -50.65 3.41
C LEU C 398 4.72 -50.40 3.24
N GLY C 399 3.90 -51.43 3.20
CA GLY C 399 2.49 -51.15 3.02
C GLY C 399 1.58 -52.29 3.42
N ILE C 400 0.64 -52.01 4.33
CA ILE C 400 -0.25 -53.05 4.85
C ILE C 400 -1.23 -53.57 3.80
N GLY D 29 -11.27 25.72 42.26
CA GLY D 29 -11.32 25.76 40.81
C GLY D 29 -12.65 26.24 40.24
N PHE D 30 -13.52 25.30 39.89
CA PHE D 30 -14.85 25.59 39.37
C PHE D 30 -15.90 25.30 40.44
N VAL D 31 -16.93 26.13 40.49
CA VAL D 31 -18.05 25.99 41.42
C VAL D 31 -19.31 26.40 40.66
N PHE D 32 -20.17 25.42 40.36
CA PHE D 32 -21.35 25.65 39.54
C PHE D 32 -22.61 25.57 40.38
N THR D 33 -23.56 26.45 40.09
CA THR D 33 -24.89 26.41 40.67
C THR D 33 -25.92 26.67 39.57
N THR D 34 -27.01 25.90 39.61
CA THR D 34 -27.97 25.82 38.51
C THR D 34 -28.90 27.03 38.49
N VAL D 35 -28.99 27.68 37.33
CA VAL D 35 -29.96 28.76 37.16
C VAL D 35 -31.32 28.21 36.74
N LYS D 36 -31.34 27.23 35.85
CA LYS D 36 -32.58 26.65 35.35
C LYS D 36 -32.29 25.27 34.76
N GLU D 37 -33.18 24.32 35.02
CA GLU D 37 -32.95 22.93 34.70
C GLU D 37 -34.26 22.28 34.30
N ASN D 38 -34.23 21.47 33.23
CA ASN D 38 -35.46 20.86 32.75
C ASN D 38 -35.32 19.33 32.76
N PRO D 39 -36.42 18.60 32.97
CA PRO D 39 -36.29 17.18 33.35
C PRO D 39 -35.73 16.27 32.25
N ILE D 40 -34.79 15.42 32.66
CA ILE D 40 -34.13 14.43 31.81
C ILE D 40 -34.18 13.09 32.54
N THR D 41 -33.85 12.03 31.80
CA THR D 41 -33.92 10.67 32.33
C THR D 41 -32.54 10.25 32.87
N SER D 42 -32.33 8.96 33.09
CA SER D 42 -31.05 8.48 33.60
C SER D 42 -29.90 8.93 32.70
N VAL D 43 -28.69 8.75 33.19
CA VAL D 43 -27.48 8.92 32.38
C VAL D 43 -27.08 7.54 31.87
N LYS D 44 -26.96 7.40 30.56
CA LYS D 44 -26.65 6.10 29.97
C LYS D 44 -25.19 6.06 29.52
N ASN D 45 -24.78 4.90 29.03
CA ASN D 45 -23.38 4.64 28.77
C ASN D 45 -23.25 3.92 27.43
N GLN D 46 -22.74 4.63 26.43
CA GLN D 46 -22.55 4.06 25.10
C GLN D 46 -21.31 3.18 25.03
N ASN D 47 -20.39 3.32 25.98
CA ASN D 47 -19.13 2.57 26.06
C ASN D 47 -18.41 2.55 24.70
N ARG D 48 -17.99 1.40 24.19
CA ARG D 48 -17.07 1.35 23.05
C ARG D 48 -17.83 1.17 21.74
N ALA D 49 -18.58 2.21 21.41
CA ALA D 49 -19.21 2.35 20.11
C ALA D 49 -19.35 3.83 19.82
N GLY D 50 -19.27 4.19 18.54
CA GLY D 50 -19.47 5.55 18.12
C GLY D 50 -20.93 5.95 18.02
N THR D 51 -21.74 5.49 18.98
CA THR D 51 -23.19 5.61 18.91
C THR D 51 -23.72 6.79 19.70
N CYS D 52 -22.93 7.86 19.85
CA CYS D 52 -23.39 9.05 20.55
C CYS D 52 -24.59 9.67 19.87
N TRP D 53 -24.69 9.54 18.56
CA TRP D 53 -25.81 10.14 17.83
C TRP D 53 -27.12 9.54 18.26
N CYS D 54 -27.13 8.26 18.61
CA CYS D 54 -28.38 7.63 19.04
C CYS D 54 -28.67 7.92 20.50
N TYR D 55 -27.68 7.75 21.39
CA TYR D 55 -27.95 7.88 22.83
C TYR D 55 -28.36 9.31 23.18
N SER D 56 -27.72 10.30 22.57
CA SER D 56 -28.11 11.68 22.78
C SER D 56 -29.49 11.96 22.19
N SER D 57 -29.78 11.40 21.01
CA SER D 57 -31.07 11.63 20.36
C SER D 57 -32.20 11.11 21.23
N TYR D 58 -32.08 9.87 21.70
CA TYR D 58 -33.14 9.30 22.52
C TYR D 58 -33.26 10.03 23.85
N SER D 59 -32.12 10.29 24.51
CA SER D 59 -32.07 11.11 25.71
C SER D 59 -32.88 12.41 25.53
N PHE D 60 -32.91 12.91 24.29
CA PHE D 60 -33.58 14.17 23.99
C PHE D 60 -35.08 13.98 23.81
N LEU D 61 -35.50 12.97 23.03
CA LEU D 61 -36.93 12.74 22.86
C LEU D 61 -37.58 12.26 24.16
N GLU D 62 -36.89 11.43 24.94
CA GLU D 62 -37.41 11.06 26.24
C GLU D 62 -37.75 12.30 27.07
N SER D 63 -36.89 13.32 27.01
CA SER D 63 -37.22 14.58 27.66
C SER D 63 -38.49 15.17 27.08
N GLU D 64 -38.60 15.19 25.75
CA GLU D 64 -39.84 15.59 25.11
C GLU D 64 -41.01 14.75 25.60
N LEU D 65 -40.83 13.42 25.65
CA LEU D 65 -41.89 12.54 26.11
C LEU D 65 -42.33 12.90 27.53
N LEU D 66 -41.37 13.07 28.44
CA LEU D 66 -41.68 13.55 29.78
C LEU D 66 -42.36 14.91 29.74
N ARG D 67 -41.69 15.88 29.12
CA ARG D 67 -42.23 17.22 28.97
C ARG D 67 -43.64 17.21 28.37
N MET D 68 -43.92 16.28 27.46
CA MET D 68 -45.26 16.13 26.89
C MET D 68 -46.21 15.33 27.80
N GLY D 69 -45.74 14.92 28.98
CA GLY D 69 -46.61 14.33 29.97
C GLY D 69 -46.93 12.87 29.78
N LYS D 70 -46.04 12.10 29.15
CA LYS D 70 -46.35 10.70 28.82
C LYS D 70 -45.42 9.70 29.50
N GLY D 71 -44.74 10.09 30.58
CA GLY D 71 -44.05 9.15 31.44
C GLY D 71 -42.59 8.92 31.04
N GLU D 72 -41.83 8.40 32.00
CA GLU D 72 -40.41 8.14 31.80
C GLU D 72 -40.25 7.01 30.80
N TYR D 73 -39.69 7.30 29.64
CA TYR D 73 -39.42 6.31 28.62
C TYR D 73 -37.92 6.04 28.54
N ASP D 74 -37.57 4.83 28.11
CA ASP D 74 -36.18 4.49 27.86
C ASP D 74 -36.11 3.63 26.59
N LEU D 75 -35.83 4.27 25.47
CA LEU D 75 -35.82 3.61 24.17
C LEU D 75 -34.51 2.84 23.95
N SER D 76 -34.58 1.86 23.06
CA SER D 76 -33.43 1.02 22.71
C SER D 76 -32.64 1.66 21.59
N GLU D 77 -31.45 2.16 21.92
CA GLU D 77 -30.53 2.64 20.88
C GLU D 77 -30.15 1.52 19.92
N MET D 78 -29.84 0.34 20.47
CA MET D 78 -29.33 -0.76 19.65
C MET D 78 -30.30 -1.14 18.54
N PHE D 79 -31.60 -1.13 18.82
CA PHE D 79 -32.59 -1.36 17.76
C PHE D 79 -32.43 -0.36 16.63
N THR D 80 -32.27 0.92 16.98
CA THR D 80 -32.15 1.97 15.97
C THR D 80 -30.78 1.93 15.31
N VAL D 81 -29.72 1.80 16.11
CA VAL D 81 -28.37 1.64 15.58
C VAL D 81 -28.33 0.52 14.55
N TYR D 82 -28.98 -0.60 14.88
CA TYR D 82 -28.96 -1.77 14.00
C TYR D 82 -29.56 -1.44 12.63
N ASN D 83 -30.75 -0.83 12.61
CA ASN D 83 -31.40 -0.56 11.34
C ASN D 83 -30.70 0.57 10.58
N THR D 84 -30.17 1.54 11.30
CA THR D 84 -29.43 2.60 10.65
C THR D 84 -28.23 2.03 9.89
N TYR D 85 -27.48 1.12 10.52
CA TYR D 85 -26.30 0.58 9.85
C TYR D 85 -26.67 -0.16 8.56
N LEU D 86 -27.82 -0.86 8.57
CA LEU D 86 -28.23 -1.56 7.36
C LEU D 86 -28.46 -0.58 6.21
N ASP D 87 -29.05 0.59 6.50
CA ASP D 87 -29.21 1.61 5.47
C ASP D 87 -27.87 2.25 5.09
N ARG D 88 -27.02 2.52 6.07
CA ARG D 88 -25.71 3.10 5.79
C ARG D 88 -24.92 2.19 4.86
N ALA D 89 -24.97 0.86 5.09
CA ALA D 89 -24.33 -0.07 4.17
C ALA D 89 -24.92 0.03 2.76
N ASP D 90 -26.26 0.08 2.67
CA ASP D 90 -26.91 0.27 1.37
C ASP D 90 -26.44 1.55 0.69
N ALA D 91 -26.34 2.63 1.45
CA ALA D 91 -25.85 3.88 0.88
C ALA D 91 -24.41 3.72 0.38
N ALA D 92 -23.56 3.06 1.17
CA ALA D 92 -22.17 2.88 0.78
C ALA D 92 -22.06 2.07 -0.50
N VAL D 93 -22.83 0.98 -0.59
CA VAL D 93 -22.78 0.09 -1.74
C VAL D 93 -23.35 0.76 -2.99
N ARG D 94 -24.46 1.49 -2.83
CA ARG D 94 -25.02 2.22 -3.98
C ARG D 94 -24.07 3.30 -4.50
N THR D 95 -23.29 3.91 -3.63
CA THR D 95 -22.38 4.96 -4.07
C THR D 95 -20.97 4.43 -4.27
N HIS D 96 -20.82 3.11 -4.32
CA HIS D 96 -19.54 2.47 -4.64
C HIS D 96 -18.45 2.97 -3.71
N GLY D 97 -18.81 3.16 -2.45
CA GLY D 97 -17.86 3.45 -1.41
C GLY D 97 -17.73 4.91 -1.05
N ASP D 98 -18.36 5.83 -1.80
CA ASP D 98 -18.24 7.24 -1.45
C ASP D 98 -18.85 7.51 -0.10
N VAL D 99 -20.06 6.99 0.13
CA VAL D 99 -20.60 7.09 1.48
C VAL D 99 -19.82 6.14 2.37
N SER D 100 -19.08 6.70 3.32
CA SER D 100 -18.28 5.90 4.21
C SER D 100 -19.17 5.08 5.14
N PHE D 101 -18.66 3.92 5.56
CA PHE D 101 -19.39 3.02 6.44
C PHE D 101 -18.67 3.02 7.78
N SER D 102 -19.36 3.51 8.81
CA SER D 102 -18.76 3.65 10.13
C SER D 102 -19.87 3.72 11.16
N GLN D 103 -19.48 3.94 12.41
CA GLN D 103 -20.39 3.76 13.53
C GLN D 103 -21.24 4.98 13.80
N GLY D 104 -20.83 6.15 13.32
CA GLY D 104 -21.50 7.39 13.62
C GLY D 104 -22.81 7.57 12.86
N GLY D 105 -23.43 8.72 13.11
CA GLY D 105 -24.77 8.97 12.61
C GLY D 105 -25.21 10.39 12.94
N SER D 106 -26.50 10.63 12.84
CA SER D 106 -27.03 11.97 12.97
C SER D 106 -28.34 11.97 13.77
N PHE D 107 -28.73 13.16 14.25
CA PHE D 107 -30.04 13.32 14.85
C PHE D 107 -31.13 12.89 13.88
N TYR D 108 -30.96 13.22 12.60
CA TYR D 108 -31.96 12.83 11.61
C TYR D 108 -32.06 11.32 11.49
N ASP D 109 -30.93 10.60 11.60
CA ASP D 109 -30.97 9.14 11.58
C ASP D 109 -32.00 8.63 12.58
N ALA D 110 -32.04 9.23 13.77
CA ALA D 110 -32.97 8.79 14.80
C ALA D 110 -34.40 9.27 14.53
N LEU D 111 -34.54 10.48 13.95
CA LEU D 111 -35.88 10.98 13.63
C LEU D 111 -36.47 10.24 12.44
N TYR D 112 -35.66 10.00 11.41
CA TYR D 112 -36.10 9.12 10.32
C TYR D 112 -36.37 7.71 10.84
N GLY D 113 -35.48 7.20 11.70
CA GLY D 113 -35.60 5.82 12.18
C GLY D 113 -36.91 5.56 12.91
N MET D 114 -37.34 6.50 13.76
CA MET D 114 -38.52 6.25 14.59
C MET D 114 -39.79 6.20 13.74
N GLU D 115 -39.84 6.97 12.65
CA GLU D 115 -40.99 6.95 11.76
C GLU D 115 -40.91 5.82 10.75
N THR D 116 -39.71 5.25 10.54
CA THR D 116 -39.47 4.25 9.52
C THR D 116 -39.36 2.83 10.09
N PHE D 117 -38.60 2.67 11.17
CA PHE D 117 -38.40 1.36 11.77
C PHE D 117 -39.26 1.15 13.00
N GLY D 118 -39.60 2.22 13.70
CA GLY D 118 -40.32 2.13 14.94
C GLY D 118 -39.41 2.38 16.13
N LEU D 119 -39.92 2.03 17.30
CA LEU D 119 -39.14 2.09 18.53
C LEU D 119 -39.42 0.83 19.33
N VAL D 120 -38.43 0.38 20.09
CA VAL D 120 -38.62 -0.71 21.03
C VAL D 120 -37.98 -0.32 22.36
N PRO D 121 -38.47 -0.84 23.49
CA PRO D 121 -37.86 -0.50 24.77
C PRO D 121 -36.49 -1.14 24.92
N GLU D 122 -35.68 -0.55 25.82
CA GLU D 122 -34.34 -1.05 26.08
C GLU D 122 -34.32 -2.57 26.26
N GLU D 123 -35.19 -3.08 27.13
CA GLU D 123 -35.15 -4.48 27.54
C GLU D 123 -35.23 -5.44 26.37
N GLU D 124 -35.90 -5.07 25.28
CA GLU D 124 -36.07 -5.97 24.14
C GLU D 124 -34.87 -6.00 23.21
N MET D 125 -33.85 -5.17 23.43
CA MET D 125 -32.60 -5.20 22.66
C MET D 125 -31.53 -4.39 23.37
N ARG D 126 -30.78 -5.04 24.26
CA ARG D 126 -29.84 -4.43 25.16
C ARG D 126 -28.44 -4.44 24.56
N PRO D 127 -27.64 -3.42 24.87
CA PRO D 127 -26.22 -3.47 24.49
C PRO D 127 -25.52 -4.65 25.16
N GLY D 128 -24.81 -5.44 24.36
CA GLY D 128 -23.88 -6.42 24.89
C GLY D 128 -24.42 -7.81 25.11
N MET D 129 -25.74 -8.01 25.04
CA MET D 129 -26.34 -9.31 25.35
C MET D 129 -25.67 -10.46 24.60
N MET D 130 -25.21 -10.21 23.37
CA MET D 130 -24.74 -11.27 22.50
C MET D 130 -23.34 -11.75 22.85
N TYR D 131 -22.56 -10.94 23.56
CA TYR D 131 -21.20 -11.29 23.96
C TYR D 131 -21.02 -11.14 25.46
N ALA D 132 -22.05 -11.50 26.24
CA ALA D 132 -21.98 -11.66 27.70
C ALA D 132 -21.55 -10.37 28.41
N ASP D 133 -22.26 -9.29 28.10
CA ASP D 133 -21.94 -7.97 28.63
C ASP D 133 -23.21 -7.14 28.71
N THR D 134 -23.17 -6.04 29.48
CA THR D 134 -24.32 -5.16 29.62
C THR D 134 -24.14 -3.81 28.95
N LEU D 135 -23.03 -3.61 28.21
CA LEU D 135 -22.76 -2.36 27.51
C LEU D 135 -22.06 -2.67 26.18
N SER D 136 -21.95 -1.65 25.34
CA SER D 136 -21.57 -1.85 23.94
C SER D 136 -20.06 -1.98 23.76
N ASN D 137 -19.65 -2.85 22.84
CA ASN D 137 -18.30 -2.86 22.29
C ASN D 137 -18.38 -3.49 20.90
N HIS D 138 -18.46 -2.62 19.89
CA HIS D 138 -18.67 -3.05 18.51
C HIS D 138 -17.42 -2.95 17.67
N THR D 139 -16.24 -3.09 18.29
CA THR D 139 -15.01 -3.07 17.54
C THR D 139 -14.94 -4.22 16.55
N GLU D 140 -15.15 -5.44 17.05
CA GLU D 140 -15.11 -6.61 16.18
C GLU D 140 -16.25 -6.57 15.16
N LEU D 141 -17.45 -6.19 15.60
CA LEU D 141 -18.56 -6.04 14.66
C LEU D 141 -18.19 -5.07 13.53
N SER D 142 -17.58 -3.94 13.88
CA SER D 142 -17.15 -3.00 12.85
C SER D 142 -16.03 -3.59 12.00
N ALA D 143 -15.10 -4.32 12.61
CA ALA D 143 -14.06 -4.98 11.85
C ALA D 143 -14.67 -5.84 10.74
N LEU D 144 -15.68 -6.64 11.09
CA LEU D 144 -16.25 -7.54 10.09
C LEU D 144 -17.13 -6.79 9.10
N THR D 145 -18.02 -5.93 9.60
CA THR D 145 -18.96 -5.28 8.68
C THR D 145 -18.27 -4.24 7.80
N ASP D 146 -17.25 -3.53 8.31
CA ASP D 146 -16.49 -2.62 7.45
C ASP D 146 -15.81 -3.38 6.32
N ALA D 147 -15.23 -4.55 6.63
CA ALA D 147 -14.62 -5.37 5.58
C ALA D 147 -15.66 -5.91 4.60
N MET D 148 -16.82 -6.34 5.09
CA MET D 148 -17.84 -6.87 4.18
C MET D 148 -18.36 -5.79 3.25
N VAL D 149 -18.67 -4.62 3.79
CA VAL D 149 -19.25 -3.57 2.95
C VAL D 149 -18.24 -3.13 1.89
N ALA D 150 -16.97 -2.99 2.29
CA ALA D 150 -15.93 -2.61 1.34
C ALA D 150 -15.74 -3.66 0.24
N ALA D 151 -15.75 -4.94 0.60
CA ALA D 151 -15.65 -5.97 -0.42
C ALA D 151 -16.74 -5.85 -1.47
N ILE D 152 -17.94 -5.39 -1.08
CA ILE D 152 -18.98 -5.10 -2.08
C ILE D 152 -18.76 -3.72 -2.73
N ALA D 153 -18.76 -2.65 -1.92
CA ALA D 153 -18.84 -1.30 -2.46
C ALA D 153 -17.60 -0.90 -3.27
N LYS D 154 -16.41 -1.37 -2.86
CA LYS D 154 -15.16 -1.00 -3.52
C LYS D 154 -14.46 -2.18 -4.18
N GLY D 155 -15.09 -3.35 -4.23
CA GLY D 155 -14.49 -4.48 -4.89
C GLY D 155 -14.66 -4.43 -6.39
N LYS D 156 -14.32 -5.54 -7.03
CA LYS D 156 -14.40 -5.65 -8.48
C LYS D 156 -15.58 -6.49 -8.95
N LEU D 157 -16.55 -6.77 -8.09
CA LEU D 157 -17.69 -7.58 -8.50
C LEU D 157 -18.59 -6.80 -9.45
N ARG D 158 -19.04 -7.47 -10.51
CA ARG D 158 -19.81 -6.78 -11.53
C ARG D 158 -21.30 -7.10 -11.49
N LYS D 159 -21.72 -8.20 -10.88
CA LYS D 159 -23.15 -8.52 -10.78
C LYS D 159 -23.45 -9.17 -9.43
N LEU D 160 -23.95 -8.37 -8.48
CA LEU D 160 -24.26 -8.87 -7.14
C LEU D 160 -25.40 -9.90 -7.19
N GLN D 161 -25.28 -10.93 -6.37
CA GLN D 161 -26.25 -12.02 -6.47
C GLN D 161 -27.54 -11.70 -5.72
N SER D 162 -28.64 -12.23 -6.25
CA SER D 162 -29.94 -12.09 -5.64
C SER D 162 -30.69 -13.41 -5.70
N ASP D 163 -31.71 -13.53 -4.85
CA ASP D 163 -32.48 -14.76 -4.78
C ASP D 163 -33.66 -14.70 -5.75
N GLU D 164 -34.55 -15.67 -5.64
CA GLU D 164 -35.69 -15.79 -6.53
C GLU D 164 -36.66 -14.62 -6.43
N ASN D 165 -36.64 -13.87 -5.33
CA ASN D 165 -37.53 -12.72 -5.16
C ASN D 165 -36.81 -11.40 -5.38
N ASN D 166 -35.59 -11.44 -5.91
CA ASN D 166 -34.74 -10.30 -6.25
C ASN D 166 -34.13 -9.63 -5.03
N ALA D 167 -34.18 -10.28 -3.87
CA ALA D 167 -33.54 -9.76 -2.67
C ALA D 167 -32.03 -10.03 -2.72
N MET D 168 -31.27 -9.04 -2.25
CA MET D 168 -29.81 -9.08 -2.37
C MET D 168 -29.18 -9.97 -1.31
N LEU D 169 -28.34 -10.91 -1.76
CA LEU D 169 -27.67 -11.81 -0.82
C LEU D 169 -26.71 -11.07 0.09
N TRP D 170 -25.94 -10.11 -0.45
CA TRP D 170 -25.00 -9.40 0.40
C TRP D 170 -25.71 -8.65 1.52
N LYS D 171 -26.94 -8.17 1.27
CA LYS D 171 -27.70 -7.51 2.33
C LYS D 171 -28.09 -8.50 3.42
N LYS D 172 -28.41 -9.74 3.04
CA LYS D 172 -28.71 -10.72 4.08
C LYS D 172 -27.48 -10.99 4.91
N ALA D 173 -26.32 -11.11 4.26
CA ALA D 173 -25.07 -11.34 4.97
C ALA D 173 -24.80 -10.22 5.98
N VAL D 174 -24.97 -8.97 5.57
CA VAL D 174 -24.69 -7.84 6.46
C VAL D 174 -25.70 -7.80 7.60
N ALA D 175 -26.97 -8.07 7.32
CA ALA D 175 -27.98 -8.09 8.36
C ALA D 175 -27.74 -9.23 9.35
N ALA D 176 -27.44 -10.43 8.84
CA ALA D 176 -27.19 -11.57 9.69
C ALA D 176 -26.01 -11.31 10.64
N VAL D 177 -24.93 -10.73 10.12
CA VAL D 177 -23.78 -10.47 10.98
C VAL D 177 -24.13 -9.41 12.04
N HIS D 178 -24.92 -8.39 11.66
CA HIS D 178 -25.33 -7.39 12.64
C HIS D 178 -26.22 -8.00 13.73
N GLN D 179 -27.02 -9.02 13.39
CA GLN D 179 -27.84 -9.65 14.42
C GLN D 179 -26.98 -10.43 15.40
N ILE D 180 -25.96 -11.14 14.91
CA ILE D 180 -25.14 -11.96 15.78
C ILE D 180 -24.44 -11.10 16.85
N TYR D 181 -24.18 -9.83 16.56
CA TYR D 181 -23.50 -8.96 17.53
C TYR D 181 -24.41 -7.96 18.23
N LEU D 182 -25.59 -7.63 17.68
CA LEU D 182 -26.44 -6.63 18.30
C LEU D 182 -27.74 -7.19 18.85
N GLY D 183 -28.12 -8.38 18.42
CA GLY D 183 -29.39 -8.97 18.79
C GLY D 183 -30.35 -9.01 17.61
N VAL D 184 -31.38 -9.83 17.76
CA VAL D 184 -32.46 -9.93 16.78
C VAL D 184 -33.49 -8.85 17.12
N PRO D 185 -33.80 -7.94 16.21
CA PRO D 185 -34.83 -6.96 16.48
C PRO D 185 -36.16 -7.65 16.74
N PRO D 186 -36.97 -7.13 17.65
CA PRO D 186 -38.26 -7.76 17.96
C PRO D 186 -39.29 -7.50 16.88
N GLU D 187 -40.03 -8.54 16.52
CA GLU D 187 -41.19 -8.36 15.67
C GLU D 187 -42.43 -8.03 16.47
N LYS D 188 -42.63 -8.72 17.59
CA LYS D 188 -43.68 -8.39 18.53
C LYS D 188 -43.12 -8.52 19.94
N PHE D 189 -43.71 -7.78 20.88
CA PHE D 189 -43.25 -7.80 22.26
C PHE D 189 -44.32 -7.19 23.13
N THR D 190 -44.27 -7.51 24.42
CA THR D 190 -45.23 -6.98 25.39
C THR D 190 -44.51 -6.02 26.32
N TYR D 191 -45.10 -4.86 26.55
CA TYR D 191 -44.54 -3.81 27.39
C TYR D 191 -45.64 -3.27 28.29
N LYS D 192 -45.53 -3.55 29.60
CA LYS D 192 -46.49 -3.10 30.61
C LYS D 192 -47.92 -3.53 30.25
N GLY D 193 -48.07 -4.83 29.96
CA GLY D 193 -49.36 -5.44 29.81
C GLY D 193 -49.95 -5.41 28.42
N LYS D 194 -49.43 -4.56 27.52
CA LYS D 194 -49.95 -4.42 26.18
C LYS D 194 -48.87 -4.81 25.18
N GLU D 195 -49.27 -5.52 24.14
CA GLU D 195 -48.32 -5.97 23.13
C GLU D 195 -48.29 -4.98 21.96
N TYR D 196 -47.09 -4.68 21.49
CA TYR D 196 -46.90 -3.77 20.38
C TYR D 196 -46.03 -4.43 19.33
N THR D 197 -46.01 -3.76 18.21
CA THR D 197 -45.01 -3.90 17.18
C THR D 197 -44.16 -2.61 17.32
N PRO D 198 -42.98 -2.58 16.70
CA PRO D 198 -42.14 -1.40 16.78
C PRO D 198 -42.85 -0.19 16.21
N LYS D 199 -43.56 -0.33 15.10
CA LYS D 199 -44.32 0.78 14.60
C LYS D 199 -45.42 1.15 15.59
N SER D 200 -46.13 0.17 16.12
CA SER D 200 -47.22 0.48 17.04
C SER D 200 -46.74 1.10 18.31
N PHE D 201 -45.61 0.61 18.80
CA PHE D 201 -45.02 1.12 20.01
C PHE D 201 -44.64 2.57 19.81
N PHE D 202 -44.08 2.91 18.66
CA PHE D 202 -43.73 4.28 18.35
C PHE D 202 -44.97 5.15 18.27
N GLU D 203 -46.04 4.58 17.72
CA GLU D 203 -47.32 5.23 17.58
C GLU D 203 -47.92 5.59 18.94
N SER D 204 -47.72 4.75 19.93
CA SER D 204 -48.19 5.00 21.27
C SER D 204 -47.60 6.26 21.87
N THR D 205 -46.33 6.49 21.63
CA THR D 205 -45.63 7.64 22.14
C THR D 205 -46.17 8.94 21.62
N GLY D 206 -46.80 8.91 20.47
CA GLY D 206 -47.30 10.14 19.88
C GLY D 206 -46.23 11.08 19.36
N LEU D 207 -44.98 10.64 19.28
CA LEU D 207 -43.94 11.49 18.71
C LEU D 207 -44.20 11.68 17.21
N LYS D 208 -43.70 12.79 16.69
CA LYS D 208 -43.76 13.07 15.26
C LYS D 208 -42.43 13.69 14.85
N ALA D 209 -41.79 13.11 13.84
CA ALA D 209 -40.63 13.77 13.25
C ALA D 209 -40.97 15.18 12.80
N SER D 210 -42.23 15.41 12.44
CA SER D 210 -42.67 16.69 11.90
C SER D 210 -42.59 17.83 12.92
N ASP D 211 -42.51 17.52 14.21
CA ASP D 211 -42.48 18.53 15.26
C ASP D 211 -41.07 19.07 15.54
N TYR D 212 -40.04 18.54 14.87
CA TYR D 212 -38.66 18.83 15.19
C TYR D 212 -37.95 19.39 13.97
N VAL D 213 -37.15 20.44 14.19
CA VAL D 213 -36.39 21.10 13.14
C VAL D 213 -34.92 21.06 13.50
N SER D 214 -34.06 20.90 12.49
CA SER D 214 -32.62 21.01 12.65
C SER D 214 -32.20 22.44 12.33
N LEU D 215 -31.24 22.94 13.08
CA LEU D 215 -30.79 24.32 12.96
C LEU D 215 -29.26 24.38 12.96
N THR D 216 -28.69 25.23 12.09
CA THR D 216 -27.26 25.47 12.07
C THR D 216 -27.01 26.95 11.80
N SER D 217 -25.74 27.34 11.75
CA SER D 217 -25.39 28.75 11.50
C SER D 217 -24.06 28.80 10.75
N TYR D 218 -24.13 29.00 9.44
CA TYR D 218 -22.93 29.19 8.63
C TYR D 218 -23.26 30.16 7.48
N THR D 219 -22.22 30.59 6.80
CA THR D 219 -22.34 31.60 5.76
C THR D 219 -22.04 31.08 4.36
N HIS D 220 -21.64 29.82 4.20
CA HIS D 220 -21.46 29.28 2.85
C HIS D 220 -22.81 28.87 2.23
N HIS D 221 -23.92 29.20 2.86
CA HIS D 221 -25.26 29.12 2.31
C HIS D 221 -26.04 30.31 2.86
N PRO D 222 -26.98 30.87 2.07
CA PRO D 222 -27.72 32.04 2.54
C PRO D 222 -28.49 31.76 3.83
N PHE D 223 -28.71 32.81 4.60
CA PHE D 223 -29.47 32.64 5.83
C PHE D 223 -30.95 32.44 5.52
N TYR D 224 -31.68 31.96 6.53
CA TYR D 224 -33.12 31.70 6.43
C TYR D 224 -33.47 30.76 5.28
N THR D 225 -32.52 29.92 4.87
CA THR D 225 -32.79 28.81 3.96
C THR D 225 -32.33 27.51 4.60
N GLN D 226 -32.55 26.41 3.88
CA GLN D 226 -32.19 25.08 4.34
C GLN D 226 -31.06 24.53 3.48
N PHE D 227 -30.18 23.74 4.10
CA PHE D 227 -29.20 22.99 3.32
C PHE D 227 -28.75 21.77 4.12
N PRO D 228 -28.30 20.70 3.46
CA PRO D 228 -27.74 19.54 4.18
C PRO D 228 -26.30 19.83 4.56
N LEU D 229 -26.02 19.82 5.86
CA LEU D 229 -24.66 19.96 6.36
C LEU D 229 -23.74 18.94 5.71
N GLU D 230 -22.55 19.40 5.32
CA GLU D 230 -21.65 18.61 4.47
C GLU D 230 -20.62 17.87 5.32
N ILE D 231 -21.12 16.91 6.11
CA ILE D 231 -20.31 16.07 6.98
C ILE D 231 -20.65 14.60 6.75
N GLN D 232 -19.66 13.73 7.01
CA GLN D 232 -19.79 12.32 6.65
C GLN D 232 -20.92 11.61 7.37
N ASP D 233 -21.22 12.00 8.61
CA ASP D 233 -22.29 11.29 9.29
C ASP D 233 -23.68 11.74 8.83
N ASN D 234 -23.78 12.70 7.92
CA ASN D 234 -25.06 13.10 7.34
C ASN D 234 -25.27 12.47 5.97
N TRP D 235 -24.94 11.19 5.82
CA TRP D 235 -25.06 10.54 4.53
C TRP D 235 -26.50 10.43 4.04
N ARG D 236 -27.50 10.61 4.94
CA ARG D 236 -28.88 10.79 4.54
C ARG D 236 -29.17 12.19 4.01
N HIS D 237 -28.28 13.15 4.24
CA HIS D 237 -28.42 14.52 3.74
C HIS D 237 -29.64 15.22 4.35
N GLY D 238 -29.75 15.13 5.67
CA GLY D 238 -30.82 15.84 6.36
C GLY D 238 -30.60 17.33 6.28
N MET D 239 -31.66 18.07 5.96
CA MET D 239 -31.62 19.52 5.91
C MET D 239 -31.49 20.12 7.31
N SER D 240 -30.89 21.30 7.36
CA SER D 240 -30.89 22.13 8.56
C SER D 240 -31.34 23.53 8.17
N TYR D 241 -32.09 24.19 9.06
CA TYR D 241 -32.35 25.61 8.92
C TYR D 241 -31.13 26.41 9.36
N ASN D 242 -30.82 27.46 8.59
CA ASN D 242 -29.58 28.23 8.80
C ASN D 242 -29.98 29.64 9.18
N LEU D 243 -29.57 30.06 10.39
CA LEU D 243 -29.86 31.36 10.98
C LEU D 243 -28.59 32.10 11.32
N PRO D 244 -28.64 33.44 11.36
CA PRO D 244 -27.48 34.20 11.83
C PRO D 244 -27.14 33.83 13.26
N LEU D 245 -25.84 33.93 13.58
CA LEU D 245 -25.32 33.30 14.80
C LEU D 245 -25.97 33.87 16.06
N ASP D 246 -26.23 35.17 16.10
CA ASP D 246 -26.88 35.75 17.28
C ASP D 246 -28.26 35.13 17.51
N GLU D 247 -29.09 35.07 16.46
CA GLU D 247 -30.40 34.44 16.58
C GLU D 247 -30.30 32.96 16.90
N PHE D 248 -29.26 32.31 16.38
CA PHE D 248 -28.99 30.90 16.67
C PHE D 248 -28.90 30.66 18.17
N MET D 249 -28.08 31.46 18.87
CA MET D 249 -27.96 31.29 20.31
C MET D 249 -29.20 31.77 21.06
N GLU D 250 -29.99 32.67 20.49
CA GLU D 250 -31.30 32.95 21.06
C GLU D 250 -32.11 31.67 21.16
N VAL D 251 -32.08 30.85 20.10
CA VAL D 251 -32.87 29.62 20.09
C VAL D 251 -32.49 28.73 21.26
N PHE D 252 -31.19 28.70 21.61
CA PHE D 252 -30.75 28.00 22.80
C PHE D 252 -31.47 28.52 24.05
N ASP D 253 -31.33 29.83 24.31
CA ASP D 253 -31.84 30.40 25.56
C ASP D 253 -33.34 30.17 25.69
N ASN D 254 -34.10 30.47 24.62
CA ASN D 254 -35.53 30.28 24.66
C ASN D 254 -35.89 28.84 25.00
N ALA D 255 -35.32 27.88 24.26
CA ALA D 255 -35.69 26.48 24.44
C ALA D 255 -35.60 26.06 25.90
N ILE D 256 -34.46 26.35 26.54
CA ILE D 256 -34.30 25.97 27.94
C ILE D 256 -35.31 26.73 28.81
N ASN D 257 -35.49 28.03 28.53
CA ASN D 257 -36.30 28.88 29.39
C ASN D 257 -37.78 28.52 29.39
N THR D 258 -38.26 27.81 28.37
CA THR D 258 -39.68 27.52 28.27
C THR D 258 -39.95 26.00 28.30
N GLY D 259 -39.07 25.25 28.96
CA GLY D 259 -39.29 23.85 29.23
C GLY D 259 -38.53 22.90 28.33
N TYR D 260 -38.11 23.38 27.18
CA TYR D 260 -37.42 22.59 26.18
C TYR D 260 -35.97 22.20 26.39
N THR D 261 -35.63 21.04 25.86
CA THR D 261 -34.32 20.43 25.89
C THR D 261 -33.78 20.42 24.45
N ILE D 262 -32.47 20.57 24.28
CA ILE D 262 -31.87 20.67 22.96
C ILE D 262 -30.99 19.52 22.52
N ALA D 263 -31.19 19.01 21.30
CA ALA D 263 -30.31 17.97 20.80
C ALA D 263 -29.10 18.74 20.30
N TRP D 264 -27.97 18.52 20.94
CA TRP D 264 -26.78 19.29 20.64
C TRP D 264 -25.62 18.56 20.01
N GLY D 265 -25.18 19.06 18.89
CA GLY D 265 -24.06 18.49 18.21
C GLY D 265 -22.99 19.53 18.05
N SER D 266 -21.82 19.20 18.52
CA SER D 266 -20.71 20.13 18.40
C SER D 266 -19.41 19.36 18.28
N ASP D 267 -18.33 20.11 18.06
CA ASP D 267 -16.99 19.54 18.14
C ASP D 267 -16.56 19.61 19.60
N VAL D 268 -16.42 18.45 20.22
CA VAL D 268 -15.82 18.35 21.54
C VAL D 268 -14.33 18.11 21.48
N SER D 269 -13.77 17.90 20.28
CA SER D 269 -12.34 17.71 20.14
C SER D 269 -11.66 19.08 20.15
N GLU D 270 -11.76 19.73 21.30
CA GLU D 270 -11.16 21.05 21.47
C GLU D 270 -10.36 21.08 22.76
N SER D 271 -9.35 21.96 22.78
CA SER D 271 -8.59 22.20 24.00
C SER D 271 -9.50 22.56 25.16
N GLY D 272 -10.65 23.18 24.87
CA GLY D 272 -11.56 23.56 25.93
C GLY D 272 -12.31 22.38 26.52
N PHE D 273 -12.71 21.42 25.69
CA PHE D 273 -13.47 20.29 26.22
C PHE D 273 -12.57 19.40 27.06
N THR D 274 -13.10 18.91 28.19
CA THR D 274 -12.26 18.19 29.14
C THR D 274 -12.93 16.90 29.59
N ARG D 275 -12.09 16.01 30.11
CA ARG D 275 -12.52 14.85 30.89
C ARG D 275 -12.99 15.23 32.29
N ASP D 276 -12.64 16.44 32.79
CA ASP D 276 -13.11 16.94 34.09
C ASP D 276 -14.43 17.71 33.98
N GLY D 277 -15.17 17.53 32.89
CA GLY D 277 -16.55 17.93 32.85
C GLY D 277 -16.84 19.37 32.48
N VAL D 278 -15.87 20.07 31.90
CA VAL D 278 -16.06 21.46 31.50
C VAL D 278 -15.58 21.64 30.06
N ALA D 279 -16.39 22.33 29.26
CA ALA D 279 -16.04 22.73 27.90
C ALA D 279 -16.11 24.25 27.86
N VAL D 280 -14.96 24.89 27.75
CA VAL D 280 -14.88 26.34 27.87
C VAL D 280 -13.93 26.84 26.77
N MET D 281 -14.02 28.14 26.47
CA MET D 281 -13.31 28.73 25.33
C MET D 281 -12.44 29.91 25.75
N PRO D 282 -11.42 29.68 26.57
CA PRO D 282 -10.62 30.79 27.12
C PRO D 282 -9.98 31.67 26.04
N ASP D 283 -10.02 32.98 26.27
CA ASP D 283 -9.35 33.97 25.41
C ASP D 283 -7.91 34.11 25.87
N ASP D 284 -7.02 33.29 25.29
CA ASP D 284 -5.65 33.16 25.77
C ASP D 284 -4.98 34.51 26.00
N GLU D 285 -5.37 35.54 25.23
CA GLU D 285 -4.76 36.86 25.41
C GLU D 285 -5.28 37.56 26.67
N LYS D 286 -6.59 37.48 26.93
CA LYS D 286 -7.17 38.14 28.08
C LYS D 286 -6.60 37.59 29.39
N VAL D 287 -6.52 36.26 29.50
CA VAL D 287 -5.95 35.63 30.69
C VAL D 287 -4.49 36.03 30.88
N GLN D 288 -3.74 36.18 29.77
CA GLN D 288 -2.32 36.46 29.86
C GLN D 288 -2.05 37.87 30.37
N GLU D 289 -2.91 38.84 30.03
CA GLU D 289 -2.78 40.18 30.57
C GLU D 289 -2.86 40.19 32.09
N LEU D 290 -3.64 39.28 32.69
CA LEU D 290 -3.85 39.25 34.13
C LEU D 290 -2.73 38.56 34.89
N SER D 291 -1.92 37.74 34.21
CA SER D 291 -0.78 37.07 34.83
C SER D 291 0.46 37.96 34.90
N GLY D 292 0.59 38.92 33.98
CA GLY D 292 1.60 39.95 34.08
C GLY D 292 2.95 39.63 33.46
N SER D 293 3.23 38.37 33.16
CA SER D 293 4.53 37.95 32.64
C SER D 293 4.38 37.45 31.21
N ASP D 294 5.16 38.01 30.29
CA ASP D 294 5.09 37.68 28.86
C ASP D 294 5.20 36.18 28.59
N GLU D 305 -0.56 23.92 32.26
CA GLU D 305 0.13 24.25 33.51
C GLU D 305 -0.19 25.67 33.98
N LYS D 306 -0.61 26.52 33.04
CA LYS D 306 -1.15 27.84 33.37
C LYS D 306 -2.60 27.69 33.81
N LYS D 307 -3.38 28.77 33.76
CA LYS D 307 -4.71 28.78 34.37
C LYS D 307 -5.85 28.57 33.37
N LEU D 308 -5.54 28.24 32.11
CA LEU D 308 -6.49 28.48 31.02
C LEU D 308 -7.77 27.66 31.15
N ASN D 309 -7.68 26.39 31.56
CA ASN D 309 -8.83 25.49 31.49
C ASN D 309 -9.41 25.04 32.83
N THR D 310 -8.70 25.22 33.95
CA THR D 310 -9.13 24.65 35.22
C THR D 310 -9.81 25.66 36.15
N LYS D 311 -9.75 26.95 35.85
CA LYS D 311 -10.38 28.00 36.62
C LYS D 311 -11.17 28.91 35.70
N PRO D 312 -12.09 29.72 36.24
CA PRO D 312 -12.83 30.66 35.40
C PRO D 312 -11.95 31.77 34.87
N GLN D 313 -12.14 32.11 33.59
CA GLN D 313 -11.50 33.27 32.98
C GLN D 313 -12.39 33.79 31.87
N PRO D 314 -12.17 35.02 31.40
CA PRO D 314 -13.01 35.57 30.33
C PRO D 314 -12.59 35.00 28.98
N GLN D 315 -13.48 35.14 28.01
CA GLN D 315 -13.25 34.39 26.78
C GLN D 315 -13.90 35.04 25.56
N LYS D 316 -13.34 34.68 24.39
CA LYS D 316 -13.70 35.30 23.13
C LYS D 316 -15.14 34.96 22.76
N TRP D 317 -15.94 35.99 22.46
CA TRP D 317 -17.26 35.82 21.88
C TRP D 317 -17.08 35.91 20.37
N CYS D 318 -17.11 34.76 19.69
CA CYS D 318 -16.59 34.65 18.34
C CYS D 318 -17.49 35.35 17.33
N THR D 319 -16.86 35.96 16.34
CA THR D 319 -17.63 36.48 15.23
C THR D 319 -18.11 35.33 14.34
N GLN D 320 -19.09 35.64 13.49
CA GLN D 320 -19.60 34.65 12.56
C GLN D 320 -18.50 34.15 11.62
N ALA D 321 -17.61 35.06 11.23
CA ALA D 321 -16.52 34.72 10.32
C ALA D 321 -15.51 33.78 10.97
N GLU D 322 -15.11 34.08 12.21
CA GLU D 322 -14.22 33.19 12.96
C GLU D 322 -14.85 31.82 13.11
N ARG D 323 -16.14 31.78 13.39
CA ARG D 323 -16.90 30.53 13.38
C ARG D 323 -16.76 29.81 12.04
N GLN D 324 -16.96 30.55 10.94
CA GLN D 324 -16.98 29.94 9.62
C GLN D 324 -15.60 29.39 9.25
N LEU D 325 -14.54 30.15 9.55
CA LEU D 325 -13.17 29.69 9.30
C LEU D 325 -12.92 28.35 9.97
N ALA D 326 -13.33 28.21 11.24
CA ALA D 326 -13.07 26.99 11.99
C ALA D 326 -13.74 25.78 11.34
N TYR D 327 -14.91 25.98 10.75
CA TYR D 327 -15.57 24.88 10.07
C TYR D 327 -15.03 24.69 8.65
N ASP D 328 -14.60 25.79 8.01
CA ASP D 328 -13.91 25.69 6.72
C ASP D 328 -12.54 25.00 6.83
N ASN D 329 -11.81 25.24 7.91
CA ASN D 329 -10.41 24.86 7.95
C ASN D 329 -10.13 23.62 8.79
N TYR D 330 -11.16 22.87 9.18
CA TYR D 330 -11.09 21.61 9.93
C TYR D 330 -10.91 21.76 11.44
N GLU D 331 -10.94 22.97 12.01
CA GLU D 331 -10.86 23.08 13.46
C GLU D 331 -12.19 22.77 14.15
N THR D 332 -13.29 22.81 13.43
CA THR D 332 -14.59 22.42 13.97
C THR D 332 -15.08 21.24 13.15
N THR D 333 -14.85 20.05 13.64
CA THR D 333 -15.16 18.93 12.81
C THR D 333 -15.95 17.74 13.28
N ASP D 334 -15.67 17.27 14.47
CA ASP D 334 -16.20 16.01 14.90
C ASP D 334 -17.71 15.76 15.01
N ASP D 335 -18.51 16.78 15.20
CA ASP D 335 -19.96 16.56 15.34
C ASP D 335 -20.45 15.50 16.34
N HIS D 336 -19.97 15.60 17.57
CA HIS D 336 -20.39 14.75 18.66
C HIS D 336 -21.77 15.17 19.10
N GLY D 337 -22.62 14.22 19.44
CA GLY D 337 -23.99 14.52 19.87
C GLY D 337 -24.14 14.40 21.38
N MET D 338 -24.86 15.35 21.98
CA MET D 338 -25.14 15.38 23.41
C MET D 338 -26.46 16.11 23.61
N GLN D 339 -26.87 16.28 24.87
CA GLN D 339 -28.11 16.99 25.19
C GLN D 339 -27.92 18.15 26.13
N ILE D 340 -28.41 19.30 25.74
CA ILE D 340 -28.31 20.45 26.60
C ILE D 340 -29.61 20.51 27.37
N TYR D 341 -29.55 20.20 28.67
CA TYR D 341 -30.75 20.16 29.50
C TYR D 341 -30.90 21.24 30.53
N GLY D 342 -30.12 22.30 30.41
CA GLY D 342 -30.23 23.36 31.38
C GLY D 342 -29.13 24.39 31.30
N ILE D 343 -29.10 25.25 32.30
CA ILE D 343 -28.14 26.31 32.38
C ILE D 343 -27.45 26.35 33.72
N ALA D 344 -26.32 27.02 33.77
CA ALA D 344 -25.62 27.19 35.04
C ALA D 344 -24.78 28.46 34.98
N LYS D 345 -24.14 28.78 36.10
CA LYS D 345 -23.20 29.88 36.15
C LYS D 345 -22.13 29.57 37.19
N ASP D 346 -20.97 30.14 36.94
CA ASP D 346 -19.83 29.98 37.78
C ASP D 346 -19.69 31.15 38.73
N GLN D 347 -18.68 31.08 39.58
CA GLN D 347 -18.43 32.09 40.58
C GLN D 347 -18.23 33.47 40.04
N GLU D 348 -17.61 33.60 38.89
CA GLU D 348 -17.38 34.91 38.32
C GLU D 348 -18.54 35.43 37.47
N GLY D 349 -19.62 34.68 37.36
CA GLY D 349 -20.76 35.13 36.58
C GLY D 349 -20.91 34.70 35.13
N ASN D 350 -20.01 33.82 34.70
CA ASN D 350 -20.01 33.25 33.35
C ASN D 350 -21.11 32.21 33.22
N GLU D 351 -21.78 32.20 32.08
CA GLU D 351 -22.97 31.39 31.90
C GLU D 351 -22.66 30.15 31.07
N TYR D 352 -22.89 29.00 31.65
CA TYR D 352 -22.67 27.74 30.97
C TYR D 352 -23.99 27.09 30.64
N TYR D 353 -23.86 26.02 29.88
CA TYR D 353 -24.96 25.15 29.51
C TYR D 353 -24.72 23.80 30.17
N MET D 354 -25.76 23.25 30.79
CA MET D 354 -25.67 21.92 31.36
C MET D 354 -25.97 20.90 30.29
N VAL D 355 -25.07 19.95 30.09
CA VAL D 355 -25.20 19.01 29.00
C VAL D 355 -25.17 17.59 29.54
N LYS D 356 -26.18 16.81 29.19
CA LYS D 356 -26.25 15.40 29.50
C LYS D 356 -25.47 14.64 28.44
N ASN D 357 -24.63 13.71 28.88
CA ASN D 357 -23.70 13.05 27.98
C ASN D 357 -23.62 11.57 28.32
N SER D 358 -23.54 10.75 27.28
CA SER D 358 -23.79 9.30 27.40
C SER D 358 -22.51 8.50 27.65
N TRP D 359 -21.73 8.87 28.67
CA TRP D 359 -20.48 8.19 28.95
C TRP D 359 -20.45 7.55 30.34
N GLY D 360 -21.60 7.40 30.99
CA GLY D 360 -21.61 6.87 32.33
C GLY D 360 -21.61 7.97 33.36
N THR D 361 -21.44 7.55 34.63
CA THR D 361 -21.59 8.44 35.77
C THR D 361 -20.31 8.59 36.59
N ASN D 362 -19.17 8.09 36.12
CA ASN D 362 -17.90 8.25 36.84
C ASN D 362 -17.10 9.44 36.30
N SER D 363 -17.77 10.57 36.05
CA SER D 363 -17.13 11.84 35.81
C SER D 363 -17.11 12.62 37.12
N LYS D 364 -16.51 13.82 37.11
CA LYS D 364 -16.49 14.62 38.32
C LYS D 364 -17.89 15.05 38.72
N TYR D 365 -18.80 15.17 37.75
CA TYR D 365 -20.16 15.63 38.01
C TYR D 365 -21.19 14.65 37.46
N ASN D 366 -20.90 13.35 37.52
CA ASN D 366 -21.88 12.28 37.32
C ASN D 366 -22.48 12.28 35.91
N GLY D 367 -21.58 12.18 34.93
CA GLY D 367 -21.97 12.16 33.53
C GLY D 367 -22.46 13.47 32.98
N ILE D 368 -22.50 14.54 33.80
CA ILE D 368 -22.92 15.88 33.39
C ILE D 368 -21.67 16.70 33.08
N TRP D 369 -21.77 17.52 32.05
CA TRP D 369 -20.75 18.46 31.64
C TRP D 369 -21.35 19.87 31.66
N TYR D 370 -20.48 20.87 31.75
CA TYR D 370 -20.88 22.26 31.63
C TYR D 370 -20.16 22.87 30.44
N ALA D 371 -20.92 23.36 29.47
CA ALA D 371 -20.36 23.95 28.25
C ALA D 371 -20.61 25.45 28.27
N SER D 372 -19.52 26.22 28.34
CA SER D 372 -19.60 27.67 28.19
C SER D 372 -20.43 28.07 26.99
N LYS D 373 -21.28 29.08 27.18
CA LYS D 373 -22.06 29.60 26.05
C LYS D 373 -21.15 30.02 24.92
N ALA D 374 -20.04 30.70 25.25
CA ALA D 374 -19.06 31.07 24.23
C ALA D 374 -18.58 29.85 23.47
N PHE D 375 -18.19 28.80 24.19
CA PHE D 375 -17.80 27.55 23.55
C PHE D 375 -18.89 27.08 22.61
N VAL D 376 -20.13 27.01 23.10
CA VAL D 376 -21.23 26.40 22.36
C VAL D 376 -21.49 27.19 21.09
N ARG D 377 -21.41 28.50 21.19
CA ARG D 377 -21.62 29.33 20.01
C ARG D 377 -20.48 29.16 18.99
N TYR D 378 -19.25 28.92 19.45
CA TYR D 378 -18.15 28.80 18.50
C TYR D 378 -18.12 27.43 17.85
N LYS D 379 -18.40 26.37 18.61
CA LYS D 379 -18.14 25.00 18.19
C LYS D 379 -19.38 24.17 17.89
N THR D 380 -20.59 24.72 18.05
CA THR D 380 -21.79 23.97 17.70
C THR D 380 -21.86 23.77 16.19
N MET D 381 -22.21 22.54 15.78
CA MET D 381 -22.42 22.24 14.37
C MET D 381 -23.90 22.13 13.99
N ASN D 382 -24.72 21.54 14.85
CA ASN D 382 -26.16 21.58 14.58
C ASN D 382 -26.92 21.21 15.84
N ILE D 383 -28.14 21.76 15.95
CA ILE D 383 -29.04 21.41 17.03
C ILE D 383 -30.40 21.03 16.46
N VAL D 384 -31.13 20.22 17.22
CA VAL D 384 -32.49 19.85 16.89
C VAL D 384 -33.35 20.14 18.11
N VAL D 385 -34.41 20.93 17.91
CA VAL D 385 -35.39 21.23 18.96
C VAL D 385 -36.80 21.09 18.37
N HIS D 386 -37.79 21.11 19.25
CA HIS D 386 -39.17 21.08 18.83
C HIS D 386 -39.44 22.41 18.14
N LYS D 387 -40.36 22.45 17.19
CA LYS D 387 -40.72 23.69 16.52
C LYS D 387 -41.24 24.75 17.51
N ASP D 388 -41.98 24.33 18.54
CA ASP D 388 -42.51 25.20 19.57
C ASP D 388 -41.44 25.96 20.35
N ALA D 389 -40.28 25.37 20.52
CA ALA D 389 -39.15 25.97 21.22
C ALA D 389 -38.61 27.23 20.57
N LEU D 390 -38.75 27.37 19.28
CA LEU D 390 -38.30 28.52 18.56
C LEU D 390 -39.05 29.79 18.88
N PRO D 391 -38.40 30.92 18.71
CA PRO D 391 -39.07 32.19 18.87
C PRO D 391 -39.93 32.46 17.66
N LYS D 392 -41.04 33.14 17.88
CA LYS D 392 -42.02 33.47 16.86
C LYS D 392 -41.51 34.39 15.78
N ALA D 393 -40.70 35.35 16.15
CA ALA D 393 -40.16 36.24 15.15
C ALA D 393 -39.29 35.46 14.17
N ILE D 394 -38.50 34.54 14.68
CA ILE D 394 -37.63 33.72 13.86
C ILE D 394 -38.41 32.82 12.92
N LYS D 395 -39.54 32.32 13.40
CA LYS D 395 -40.36 31.44 12.61
C LYS D 395 -40.83 32.09 11.34
N ALA D 396 -41.19 33.37 11.37
CA ALA D 396 -41.58 34.06 10.15
C ALA D 396 -40.41 34.10 9.17
N LYS D 397 -39.21 34.34 9.68
CA LYS D 397 -38.04 34.33 8.82
C LYS D 397 -37.88 32.94 8.24
N LEU D 398 -38.00 31.94 9.10
CA LEU D 398 -37.91 30.57 8.66
C LEU D 398 -39.05 30.10 7.76
N GLY D 399 -40.26 30.56 8.00
CA GLY D 399 -41.42 30.14 7.26
C GLY D 399 -42.05 28.86 7.80
N ILE D 400 -41.75 28.55 9.05
CA ILE D 400 -42.21 27.34 9.72
C ILE D 400 -43.60 27.61 10.29
N LYS D 401 -44.61 26.94 9.75
CA LYS D 401 -46.00 27.17 10.13
C LYS D 401 -46.26 26.79 11.60
N GLU E 28 -26.53 -5.61 -45.60
CA GLU E 28 -26.36 -4.73 -44.45
C GLU E 28 -27.28 -5.15 -43.29
N GLY E 29 -26.85 -4.84 -42.08
CA GLY E 29 -27.54 -5.27 -40.88
C GLY E 29 -28.65 -4.37 -40.39
N PHE E 30 -28.35 -3.11 -40.08
CA PHE E 30 -29.35 -2.15 -39.62
C PHE E 30 -29.49 -1.05 -40.66
N VAL E 31 -30.72 -0.83 -41.14
CA VAL E 31 -31.03 0.27 -42.03
C VAL E 31 -32.17 1.06 -41.39
N PHE E 32 -31.93 2.34 -41.11
CA PHE E 32 -32.86 3.13 -40.30
C PHE E 32 -33.61 4.16 -41.14
N THR E 33 -34.86 4.39 -40.73
CA THR E 33 -35.71 5.43 -41.29
C THR E 33 -36.19 6.33 -40.17
N THR E 34 -36.01 7.64 -40.33
CA THR E 34 -36.48 8.57 -39.30
C THR E 34 -38.01 8.61 -39.29
N VAL E 35 -38.60 8.45 -38.13
CA VAL E 35 -40.03 8.71 -37.98
C VAL E 35 -40.28 10.17 -37.62
N LYS E 36 -39.53 10.71 -36.67
CA LYS E 36 -39.68 12.11 -36.29
C LYS E 36 -38.46 12.51 -35.46
N GLU E 37 -37.74 13.55 -35.89
CA GLU E 37 -36.62 14.06 -35.11
C GLU E 37 -36.74 15.57 -34.98
N ASN E 38 -36.14 16.10 -33.93
CA ASN E 38 -36.18 17.49 -33.55
C ASN E 38 -34.80 18.13 -33.70
N PRO E 39 -34.73 19.42 -34.00
CA PRO E 39 -33.46 20.03 -34.40
C PRO E 39 -32.39 19.97 -33.32
N ILE E 40 -31.18 19.59 -33.75
CA ILE E 40 -30.01 19.54 -32.88
C ILE E 40 -28.92 20.41 -33.48
N THR E 41 -27.97 20.84 -32.64
CA THR E 41 -26.80 21.50 -33.19
C THR E 41 -25.77 20.47 -33.64
N SER E 42 -24.64 20.95 -34.15
CA SER E 42 -23.59 20.06 -34.63
C SER E 42 -23.11 19.12 -33.52
N VAL E 43 -22.63 17.96 -33.94
CA VAL E 43 -22.05 16.97 -33.03
C VAL E 43 -20.71 17.47 -32.54
N LYS E 44 -20.49 17.41 -31.22
CA LYS E 44 -19.27 17.88 -30.57
C LYS E 44 -18.40 16.71 -30.14
N ASN E 45 -17.19 17.02 -29.67
CA ASN E 45 -16.17 16.01 -29.38
C ASN E 45 -15.49 16.34 -28.04
N GLN E 46 -15.90 15.62 -26.98
CA GLN E 46 -15.31 15.81 -25.65
C GLN E 46 -13.89 15.27 -25.56
N ASN E 47 -13.49 14.40 -26.49
CA ASN E 47 -12.14 13.80 -26.56
C ASN E 47 -11.81 13.17 -25.21
N ARG E 48 -10.66 13.47 -24.62
CA ARG E 48 -10.14 12.68 -23.49
C ARG E 48 -10.46 13.37 -22.16
N ALA E 49 -11.74 13.28 -21.79
CA ALA E 49 -12.21 13.78 -20.51
C ALA E 49 -13.59 13.22 -20.29
N GLY E 50 -13.89 12.85 -19.05
CA GLY E 50 -15.20 12.36 -18.70
C GLY E 50 -16.20 13.48 -18.53
N THR E 51 -16.34 14.32 -19.56
CA THR E 51 -17.21 15.50 -19.51
C THR E 51 -18.51 15.31 -20.27
N CYS E 52 -18.93 14.05 -20.45
CA CYS E 52 -20.18 13.77 -21.15
C CYS E 52 -21.34 14.51 -20.52
N TRP E 53 -21.33 14.63 -19.19
CA TRP E 53 -22.42 15.31 -18.51
C TRP E 53 -22.62 16.72 -19.07
N CYS E 54 -21.53 17.45 -19.30
CA CYS E 54 -21.69 18.84 -19.68
C CYS E 54 -21.93 18.99 -21.17
N TYR E 55 -21.29 18.15 -22.00
CA TYR E 55 -21.53 18.20 -23.43
C TYR E 55 -22.98 17.81 -23.75
N SER E 56 -23.48 16.75 -23.12
CA SER E 56 -24.87 16.36 -23.38
C SER E 56 -25.84 17.39 -22.80
N SER E 57 -25.52 17.96 -21.64
CA SER E 57 -26.39 19.03 -21.14
C SER E 57 -26.51 20.16 -22.14
N TYR E 58 -25.39 20.55 -22.75
CA TYR E 58 -25.41 21.67 -23.67
C TYR E 58 -25.99 21.30 -25.05
N SER E 59 -25.83 20.05 -25.50
CA SER E 59 -26.58 19.59 -26.67
C SER E 59 -28.07 19.79 -26.43
N PHE E 60 -28.53 19.43 -25.23
CA PHE E 60 -29.92 19.55 -24.83
C PHE E 60 -30.36 21.01 -24.77
N LEU E 61 -29.59 21.83 -24.05
CA LEU E 61 -29.95 23.23 -23.90
C LEU E 61 -29.88 23.99 -25.25
N GLU E 62 -28.95 23.61 -26.13
CA GLU E 62 -28.91 24.26 -27.44
C GLU E 62 -30.14 23.88 -28.26
N SER E 63 -30.61 22.64 -28.15
CA SER E 63 -31.85 22.28 -28.81
C SER E 63 -33.01 23.06 -28.20
N GLU E 64 -32.97 23.29 -26.87
CA GLU E 64 -34.01 24.08 -26.22
C GLU E 64 -34.04 25.51 -26.78
N LEU E 65 -32.85 26.10 -26.94
CA LEU E 65 -32.76 27.42 -27.56
C LEU E 65 -33.33 27.43 -28.97
N LEU E 66 -32.96 26.43 -29.79
CA LEU E 66 -33.54 26.32 -31.12
C LEU E 66 -35.06 26.22 -31.05
N ARG E 67 -35.55 25.36 -30.15
CA ARG E 67 -36.99 25.15 -30.00
C ARG E 67 -37.68 26.43 -29.59
N MET E 68 -37.05 27.22 -28.72
CA MET E 68 -37.67 28.45 -28.28
C MET E 68 -37.46 29.60 -29.24
N GLY E 69 -36.90 29.35 -30.42
CA GLY E 69 -36.82 30.38 -31.44
C GLY E 69 -35.69 31.36 -31.30
N LYS E 70 -34.74 31.10 -30.39
CA LYS E 70 -33.59 31.95 -30.12
C LYS E 70 -32.39 31.67 -31.02
N GLY E 71 -32.48 30.69 -31.91
CA GLY E 71 -31.38 30.38 -32.80
C GLY E 71 -30.35 29.43 -32.22
N GLU E 72 -29.27 29.27 -33.00
CA GLU E 72 -28.24 28.30 -32.71
C GLU E 72 -27.16 28.90 -31.82
N TYR E 73 -26.87 28.25 -30.69
CA TYR E 73 -25.79 28.61 -29.77
C TYR E 73 -24.76 27.49 -29.71
N ASP E 74 -23.53 27.88 -29.34
CA ASP E 74 -22.43 26.96 -29.03
C ASP E 74 -21.89 27.40 -27.67
N LEU E 75 -22.34 26.74 -26.60
CA LEU E 75 -21.94 27.13 -25.25
C LEU E 75 -20.64 26.44 -24.82
N SER E 76 -19.86 27.13 -23.99
CA SER E 76 -18.55 26.61 -23.56
C SER E 76 -18.73 25.59 -22.43
N GLU E 77 -18.58 24.29 -22.75
CA GLU E 77 -18.49 23.28 -21.70
C GLU E 77 -17.33 23.55 -20.75
N MET E 78 -16.20 24.06 -21.26
CA MET E 78 -15.00 24.20 -20.44
C MET E 78 -15.21 25.19 -19.30
N PHE E 79 -15.95 26.27 -19.57
CA PHE E 79 -16.29 27.23 -18.52
C PHE E 79 -17.09 26.56 -17.41
N THR E 80 -18.09 25.75 -17.76
CA THR E 80 -18.91 25.11 -16.75
C THR E 80 -18.14 23.99 -16.06
N VAL E 81 -17.39 23.22 -16.84
CA VAL E 81 -16.53 22.17 -16.29
C VAL E 81 -15.55 22.75 -15.28
N TYR E 82 -14.97 23.91 -15.61
CA TYR E 82 -14.04 24.57 -14.70
C TYR E 82 -14.71 24.90 -13.35
N ASN E 83 -15.86 25.57 -13.39
CA ASN E 83 -16.51 25.99 -12.14
C ASN E 83 -17.07 24.82 -11.36
N THR E 84 -17.55 23.79 -12.03
CA THR E 84 -18.10 22.63 -11.32
C THR E 84 -17.02 21.88 -10.56
N TYR E 85 -15.82 21.74 -11.14
CA TYR E 85 -14.76 21.01 -10.43
C TYR E 85 -14.33 21.74 -9.17
N LEU E 86 -14.37 23.08 -9.18
CA LEU E 86 -14.03 23.80 -7.97
C LEU E 86 -15.05 23.55 -6.87
N ASP E 87 -16.34 23.46 -7.23
CA ASP E 87 -17.36 23.05 -6.25
C ASP E 87 -17.17 21.59 -5.84
N ARG E 88 -16.88 20.70 -6.79
CA ARG E 88 -16.73 19.30 -6.44
C ARG E 88 -15.53 19.09 -5.53
N ALA E 89 -14.48 19.89 -5.72
CA ALA E 89 -13.32 19.84 -4.82
C ALA E 89 -13.71 20.28 -3.42
N ASP E 90 -14.48 21.36 -3.33
CA ASP E 90 -14.97 21.82 -2.02
C ASP E 90 -15.82 20.74 -1.35
N ALA E 91 -16.68 20.06 -2.12
CA ALA E 91 -17.48 18.99 -1.54
C ALA E 91 -16.60 17.83 -1.05
N ALA E 92 -15.53 17.50 -1.79
CA ALA E 92 -14.61 16.46 -1.32
C ALA E 92 -13.90 16.87 -0.04
N VAL E 93 -13.50 18.13 0.05
CA VAL E 93 -12.77 18.56 1.23
C VAL E 93 -13.70 18.62 2.45
N ARG E 94 -14.95 19.05 2.26
CA ARG E 94 -15.86 19.16 3.40
C ARG E 94 -16.28 17.80 3.94
N THR E 95 -16.40 16.78 3.08
CA THR E 95 -16.73 15.44 3.53
C THR E 95 -15.50 14.59 3.74
N HIS E 96 -14.33 15.22 3.86
CA HIS E 96 -13.09 14.50 4.19
C HIS E 96 -12.87 13.32 3.26
N GLY E 97 -13.28 13.47 1.99
CA GLY E 97 -12.96 12.51 0.96
C GLY E 97 -14.10 11.62 0.54
N ASP E 98 -15.22 11.65 1.27
CA ASP E 98 -16.37 10.82 0.89
C ASP E 98 -16.89 11.21 -0.49
N VAL E 99 -17.07 12.50 -0.76
CA VAL E 99 -17.41 12.86 -2.13
C VAL E 99 -16.16 12.61 -2.98
N SER E 100 -16.27 11.65 -3.91
CA SER E 100 -15.16 11.41 -4.83
C SER E 100 -14.89 12.65 -5.67
N PHE E 101 -13.64 12.92 -5.96
CA PHE E 101 -13.28 13.99 -6.86
C PHE E 101 -12.84 13.34 -8.16
N SER E 102 -13.60 13.55 -9.23
CA SER E 102 -13.30 12.99 -10.54
C SER E 102 -13.89 13.90 -11.61
N GLN E 103 -13.77 13.45 -12.87
CA GLN E 103 -14.10 14.28 -14.03
C GLN E 103 -15.58 14.32 -14.36
N GLY E 104 -16.39 13.42 -13.81
CA GLY E 104 -17.79 13.33 -14.16
C GLY E 104 -18.66 14.39 -13.48
N GLY E 105 -19.97 14.21 -13.67
CA GLY E 105 -20.94 15.15 -13.15
C GLY E 105 -22.32 14.80 -13.66
N SER E 106 -23.24 15.76 -13.57
CA SER E 106 -24.64 15.48 -13.81
C SER E 106 -25.25 16.58 -14.65
N PHE E 107 -26.44 16.32 -15.19
CA PHE E 107 -27.24 17.38 -15.80
C PHE E 107 -27.51 18.49 -14.80
N TYR E 108 -27.73 18.12 -13.53
CA TYR E 108 -28.04 19.14 -12.55
C TYR E 108 -26.86 20.11 -12.37
N ASP E 109 -25.62 19.59 -12.48
CA ASP E 109 -24.44 20.46 -12.48
C ASP E 109 -24.54 21.57 -13.52
N ALA E 110 -24.98 21.23 -14.73
CA ALA E 110 -25.09 22.23 -15.79
C ALA E 110 -26.26 23.18 -15.55
N LEU E 111 -27.37 22.68 -15.01
CA LEU E 111 -28.52 23.53 -14.80
C LEU E 111 -28.29 24.45 -13.62
N TYR E 112 -27.71 23.90 -12.55
CA TYR E 112 -27.30 24.72 -11.43
C TYR E 112 -26.20 25.69 -11.85
N GLY E 113 -25.32 25.22 -12.74
CA GLY E 113 -24.18 26.04 -13.11
C GLY E 113 -24.59 27.29 -13.85
N MET E 114 -25.52 27.15 -14.77
CA MET E 114 -25.93 28.28 -15.60
C MET E 114 -26.62 29.37 -14.76
N GLU E 115 -27.37 28.97 -13.72
CA GLU E 115 -27.97 29.96 -12.83
C GLU E 115 -26.97 30.53 -11.84
N THR E 116 -25.85 29.84 -11.58
CA THR E 116 -24.91 30.28 -10.59
C THR E 116 -23.67 30.92 -11.18
N PHE E 117 -23.10 30.36 -12.23
CA PHE E 117 -21.90 30.92 -12.84
C PHE E 117 -22.19 31.71 -14.09
N GLY E 118 -23.33 31.50 -14.73
CA GLY E 118 -23.60 32.07 -16.03
C GLY E 118 -23.18 31.12 -17.14
N LEU E 119 -23.26 31.63 -18.37
CA LEU E 119 -22.81 30.92 -19.57
C LEU E 119 -21.82 31.77 -20.34
N VAL E 120 -20.95 31.13 -21.11
CA VAL E 120 -20.13 31.86 -22.07
C VAL E 120 -20.10 31.10 -23.39
N PRO E 121 -19.93 31.84 -24.50
CA PRO E 121 -19.75 31.20 -25.80
C PRO E 121 -18.49 30.35 -25.84
N GLU E 122 -18.55 29.30 -26.68
CA GLU E 122 -17.45 28.35 -26.85
C GLU E 122 -16.12 29.06 -27.09
N GLU E 123 -16.13 30.11 -27.90
CA GLU E 123 -14.88 30.76 -28.31
C GLU E 123 -14.16 31.46 -27.16
N GLU E 124 -14.84 31.76 -26.06
CA GLU E 124 -14.16 32.43 -24.94
C GLU E 124 -13.47 31.44 -24.00
N MET E 125 -13.67 30.13 -24.16
CA MET E 125 -12.93 29.15 -23.35
C MET E 125 -13.02 27.79 -24.07
N ARG E 126 -12.09 27.54 -25.03
CA ARG E 126 -12.05 26.38 -25.91
C ARG E 126 -11.33 25.20 -25.25
N PRO E 127 -11.70 23.97 -25.61
CA PRO E 127 -10.89 22.81 -25.19
C PRO E 127 -9.48 22.93 -25.72
N GLY E 128 -8.51 22.48 -24.92
CA GLY E 128 -7.16 22.32 -25.41
C GLY E 128 -6.35 23.60 -25.58
N MET E 129 -6.93 24.79 -25.37
CA MET E 129 -6.24 26.03 -25.74
C MET E 129 -4.93 26.23 -24.95
N MET E 130 -4.84 25.72 -23.71
CA MET E 130 -3.65 25.99 -22.90
C MET E 130 -2.50 25.03 -23.20
N TYR E 131 -2.74 23.94 -23.91
CA TYR E 131 -1.66 23.02 -24.22
C TYR E 131 -1.58 22.75 -25.71
N ALA E 132 -1.89 23.76 -26.51
CA ALA E 132 -1.65 23.77 -27.95
C ALA E 132 -2.44 22.68 -28.68
N ASP E 133 -3.61 22.31 -28.18
CA ASP E 133 -4.52 21.43 -28.89
C ASP E 133 -5.83 22.17 -29.12
N THR E 134 -6.76 21.51 -29.82
CA THR E 134 -8.11 22.02 -29.96
C THR E 134 -9.16 21.10 -29.35
N LEU E 135 -8.74 20.00 -28.74
CA LEU E 135 -9.65 19.07 -28.08
C LEU E 135 -9.13 18.81 -26.69
N SER E 136 -10.06 18.46 -25.78
CA SER E 136 -9.69 18.28 -24.38
C SER E 136 -8.78 17.07 -24.22
N ASN E 137 -7.84 17.19 -23.30
CA ASN E 137 -7.14 16.03 -22.74
C ASN E 137 -6.87 16.45 -21.30
N HIS E 138 -7.69 15.95 -20.39
CA HIS E 138 -7.62 16.37 -19.02
C HIS E 138 -6.88 15.37 -18.14
N THR E 139 -6.11 14.46 -18.75
CA THR E 139 -5.42 13.42 -17.96
C THR E 139 -4.40 14.04 -17.00
N GLU E 140 -3.54 14.92 -17.51
CA GLU E 140 -2.57 15.58 -16.65
C GLU E 140 -3.25 16.48 -15.63
N LEU E 141 -4.25 17.25 -16.05
CA LEU E 141 -5.01 18.10 -15.11
C LEU E 141 -5.57 17.26 -13.93
N SER E 142 -6.18 16.11 -14.25
CA SER E 142 -6.69 15.25 -13.18
C SER E 142 -5.58 14.68 -12.31
N ALA E 143 -4.48 14.24 -12.93
CA ALA E 143 -3.38 13.68 -12.13
C ALA E 143 -2.97 14.64 -11.02
N LEU E 144 -2.83 15.92 -11.34
CA LEU E 144 -2.43 16.90 -10.33
C LEU E 144 -3.57 17.19 -9.38
N THR E 145 -4.78 17.46 -9.91
CA THR E 145 -5.84 17.94 -9.04
C THR E 145 -6.40 16.82 -8.17
N ASP E 146 -6.55 15.60 -8.72
CA ASP E 146 -6.89 14.48 -7.85
C ASP E 146 -5.89 14.39 -6.69
N ALA E 147 -4.60 14.47 -6.99
CA ALA E 147 -3.62 14.32 -5.92
C ALA E 147 -3.70 15.49 -4.94
N MET E 148 -3.98 16.70 -5.45
CA MET E 148 -4.08 17.87 -4.59
C MET E 148 -5.30 17.78 -3.68
N VAL E 149 -6.44 17.35 -4.21
CA VAL E 149 -7.66 17.30 -3.42
C VAL E 149 -7.55 16.21 -2.35
N ALA E 150 -7.02 15.04 -2.72
CA ALA E 150 -6.79 13.98 -1.74
C ALA E 150 -5.83 14.42 -0.63
N ALA E 151 -4.80 15.20 -0.97
CA ALA E 151 -3.84 15.62 0.07
C ALA E 151 -4.52 16.49 1.12
N ILE E 152 -5.56 17.23 0.72
CA ILE E 152 -6.33 18.01 1.69
C ILE E 152 -7.37 17.13 2.36
N ALA E 153 -8.21 16.47 1.55
CA ALA E 153 -9.40 15.82 2.09
C ALA E 153 -9.09 14.51 2.82
N LYS E 154 -8.05 13.78 2.41
CA LYS E 154 -7.77 12.48 3.01
C LYS E 154 -6.48 12.44 3.82
N GLY E 155 -5.76 13.55 3.94
CA GLY E 155 -4.51 13.61 4.66
C GLY E 155 -4.71 13.90 6.13
N LYS E 156 -3.64 14.39 6.76
CA LYS E 156 -3.59 14.55 8.21
C LYS E 156 -3.52 16.01 8.65
N LEU E 157 -3.87 16.94 7.78
CA LEU E 157 -3.83 18.35 8.15
C LEU E 157 -4.96 18.67 9.11
N ARG E 158 -4.62 19.28 10.25
CA ARG E 158 -5.62 19.56 11.27
C ARG E 158 -6.15 20.99 11.18
N LYS E 159 -5.51 21.86 10.37
CA LYS E 159 -5.94 23.25 10.29
C LYS E 159 -5.52 23.82 8.94
N LEU E 160 -6.45 23.80 7.97
CA LEU E 160 -6.17 24.37 6.65
C LEU E 160 -5.89 25.87 6.76
N GLN E 161 -5.01 26.35 5.89
CA GLN E 161 -4.53 27.72 5.96
C GLN E 161 -5.45 28.68 5.22
N SER E 162 -5.57 29.90 5.75
CA SER E 162 -6.41 30.95 5.19
C SER E 162 -5.65 32.27 5.24
N ASP E 163 -6.07 33.22 4.39
CA ASP E 163 -5.46 34.55 4.36
C ASP E 163 -6.21 35.51 5.28
N GLU E 164 -5.81 36.79 5.25
CA GLU E 164 -6.31 37.74 6.24
C GLU E 164 -7.79 38.05 6.05
N ASN E 165 -8.41 37.55 4.99
CA ASN E 165 -9.85 37.65 4.77
C ASN E 165 -10.55 36.31 4.89
N ASN E 166 -9.88 35.29 5.41
CA ASN E 166 -10.44 33.96 5.67
C ASN E 166 -10.75 33.18 4.40
N ALA E 167 -10.19 33.57 3.26
CA ALA E 167 -10.22 32.75 2.06
C ALA E 167 -9.18 31.63 2.15
N MET E 168 -9.58 30.41 1.80
CA MET E 168 -8.73 29.23 1.94
C MET E 168 -7.67 29.18 0.85
N LEU E 169 -6.41 28.99 1.26
CA LEU E 169 -5.31 28.91 0.30
C LEU E 169 -5.40 27.69 -0.60
N TRP E 170 -5.86 26.55 -0.07
CA TRP E 170 -5.95 25.36 -0.91
C TRP E 170 -6.93 25.58 -2.06
N LYS E 171 -7.97 26.39 -1.86
CA LYS E 171 -8.90 26.68 -2.96
C LYS E 171 -8.24 27.57 -4.01
N LYS E 172 -7.38 28.49 -3.59
CA LYS E 172 -6.59 29.25 -4.55
C LYS E 172 -5.69 28.32 -5.37
N ALA E 173 -5.03 27.37 -4.70
CA ALA E 173 -4.15 26.45 -5.40
C ALA E 173 -4.92 25.66 -6.46
N VAL E 174 -6.04 25.07 -6.06
CA VAL E 174 -6.82 24.22 -6.96
C VAL E 174 -7.41 25.05 -8.10
N ALA E 175 -7.82 26.29 -7.79
CA ALA E 175 -8.35 27.17 -8.82
C ALA E 175 -7.26 27.53 -9.82
N ALA E 176 -6.08 27.89 -9.32
CA ALA E 176 -4.98 28.30 -10.18
C ALA E 176 -4.55 27.16 -11.10
N VAL E 177 -4.57 25.92 -10.60
CA VAL E 177 -4.18 24.80 -11.45
C VAL E 177 -5.24 24.55 -12.52
N HIS E 178 -6.51 24.61 -12.17
CA HIS E 178 -7.54 24.44 -13.22
C HIS E 178 -7.39 25.50 -14.30
N GLN E 179 -7.08 26.74 -13.92
CA GLN E 179 -6.94 27.78 -14.93
C GLN E 179 -5.75 27.53 -15.83
N ILE E 180 -4.64 27.04 -15.26
CA ILE E 180 -3.46 26.76 -16.09
C ILE E 180 -3.79 25.75 -17.19
N TYR E 181 -4.61 24.75 -16.90
CA TYR E 181 -4.90 23.73 -17.89
C TYR E 181 -6.14 24.03 -18.75
N LEU E 182 -7.13 24.77 -18.21
CA LEU E 182 -8.40 25.00 -18.87
C LEU E 182 -8.62 26.43 -19.37
N GLY E 183 -7.90 27.40 -18.83
CA GLY E 183 -8.01 28.80 -19.21
C GLY E 183 -8.58 29.64 -18.09
N VAL E 184 -8.43 30.96 -18.26
CA VAL E 184 -9.01 31.96 -17.36
C VAL E 184 -10.46 32.22 -17.78
N PRO E 185 -11.42 31.98 -16.90
CA PRO E 185 -12.83 32.32 -17.24
C PRO E 185 -13.00 33.81 -17.45
N PRO E 186 -13.70 34.21 -18.50
CA PRO E 186 -13.84 35.64 -18.76
C PRO E 186 -14.77 36.30 -17.75
N GLU E 187 -14.48 37.54 -17.41
CA GLU E 187 -15.40 38.35 -16.62
C GLU E 187 -16.28 39.21 -17.48
N LYS E 188 -15.75 39.68 -18.61
CA LYS E 188 -16.45 40.46 -19.60
C LYS E 188 -16.02 39.93 -20.95
N PHE E 189 -16.91 40.02 -21.94
CA PHE E 189 -16.58 39.58 -23.29
C PHE E 189 -17.63 40.13 -24.25
N THR E 190 -17.26 40.24 -25.51
CA THR E 190 -18.15 40.74 -26.55
C THR E 190 -18.57 39.60 -27.48
N TYR E 191 -19.86 39.55 -27.80
CA TYR E 191 -20.43 38.46 -28.59
C TYR E 191 -21.48 39.04 -29.52
N LYS E 192 -21.26 38.87 -30.82
CA LYS E 192 -22.13 39.41 -31.86
C LYS E 192 -22.47 40.87 -31.57
N GLY E 193 -21.44 41.64 -31.18
CA GLY E 193 -21.59 43.08 -31.05
C GLY E 193 -22.10 43.60 -29.71
N LYS E 194 -22.42 42.74 -28.76
CA LYS E 194 -22.87 43.18 -27.45
C LYS E 194 -21.92 42.65 -26.39
N GLU E 195 -21.59 43.50 -25.42
CA GLU E 195 -20.73 43.09 -24.33
C GLU E 195 -21.56 42.44 -23.22
N TYR E 196 -21.01 41.38 -22.64
CA TYR E 196 -21.68 40.60 -21.61
C TYR E 196 -20.69 40.22 -20.51
N THR E 197 -21.25 39.87 -19.36
CA THR E 197 -20.65 38.99 -18.36
C THR E 197 -21.25 37.59 -18.50
N PRO E 198 -20.64 36.56 -17.88
CA PRO E 198 -21.27 35.23 -17.91
C PRO E 198 -22.71 35.23 -17.44
N LYS E 199 -23.01 36.02 -16.42
CA LYS E 199 -24.38 36.07 -15.92
C LYS E 199 -25.31 36.71 -16.94
N SER E 200 -24.91 37.87 -17.49
CA SER E 200 -25.78 38.57 -18.41
C SER E 200 -25.89 37.85 -19.75
N PHE E 201 -24.89 37.07 -20.13
CA PHE E 201 -25.07 36.25 -21.32
C PHE E 201 -26.11 35.17 -21.05
N PHE E 202 -26.06 34.57 -19.86
CA PHE E 202 -27.06 33.58 -19.49
C PHE E 202 -28.46 34.18 -19.55
N GLU E 203 -28.63 35.37 -18.96
CA GLU E 203 -29.95 36.00 -18.98
C GLU E 203 -30.41 36.32 -20.39
N SER E 204 -29.50 36.63 -21.31
CA SER E 204 -29.93 36.90 -22.70
C SER E 204 -30.50 35.65 -23.38
N THR E 205 -30.09 34.44 -22.96
CA THR E 205 -30.69 33.24 -23.53
C THR E 205 -32.14 33.08 -23.12
N GLY E 206 -32.52 33.57 -21.94
CA GLY E 206 -33.87 33.37 -21.45
C GLY E 206 -34.12 32.01 -20.80
N LEU E 207 -33.13 31.11 -20.82
CA LEU E 207 -33.25 29.82 -20.14
C LEU E 207 -33.53 29.99 -18.64
N LYS E 208 -34.30 29.06 -18.08
CA LYS E 208 -34.55 28.99 -16.64
C LYS E 208 -34.39 27.55 -16.15
N ALA E 209 -33.61 27.37 -15.08
CA ALA E 209 -33.49 26.06 -14.45
C ALA E 209 -34.83 25.54 -13.98
N SER E 210 -35.70 26.44 -13.52
CA SER E 210 -36.98 26.02 -13.00
C SER E 210 -37.85 25.40 -14.08
N ASP E 211 -37.52 25.61 -15.36
CA ASP E 211 -38.28 25.02 -16.46
C ASP E 211 -38.01 23.53 -16.66
N TYR E 212 -36.94 22.98 -16.09
CA TYR E 212 -36.54 21.60 -16.37
C TYR E 212 -36.77 20.72 -15.15
N VAL E 213 -37.23 19.50 -15.38
CA VAL E 213 -37.44 18.55 -14.31
C VAL E 213 -36.61 17.31 -14.60
N SER E 214 -36.17 16.66 -13.54
CA SER E 214 -35.39 15.43 -13.64
C SER E 214 -36.29 14.26 -13.28
N LEU E 215 -36.31 13.24 -14.15
CA LEU E 215 -37.20 12.10 -14.02
C LEU E 215 -36.36 10.83 -13.92
N THR E 216 -36.85 9.88 -13.12
CA THR E 216 -36.26 8.55 -13.07
C THR E 216 -37.38 7.55 -12.78
N SER E 217 -37.01 6.26 -12.63
CA SER E 217 -38.00 5.19 -12.41
C SER E 217 -37.36 4.09 -11.58
N TYR E 218 -37.60 4.09 -10.27
CA TYR E 218 -37.11 3.00 -9.43
C TYR E 218 -38.12 2.72 -8.32
N THR E 219 -37.91 1.63 -7.59
CA THR E 219 -38.87 1.21 -6.58
C THR E 219 -38.30 1.13 -5.16
N HIS E 220 -37.05 1.50 -4.95
CA HIS E 220 -36.59 1.69 -3.57
C HIS E 220 -37.02 3.04 -2.99
N HIS E 221 -37.79 3.84 -3.74
CA HIS E 221 -38.49 5.00 -3.23
C HIS E 221 -39.89 4.98 -3.82
N PRO E 222 -40.88 5.58 -3.15
CA PRO E 222 -42.24 5.54 -3.68
C PRO E 222 -42.37 6.35 -4.97
N PHE E 223 -43.34 5.96 -5.78
CA PHE E 223 -43.66 6.68 -6.99
C PHE E 223 -44.26 8.04 -6.67
N TYR E 224 -44.02 9.00 -7.56
CA TYR E 224 -44.50 10.37 -7.45
C TYR E 224 -43.89 11.11 -6.29
N THR E 225 -42.72 10.64 -5.83
CA THR E 225 -41.88 11.36 -4.90
C THR E 225 -40.62 11.82 -5.62
N GLN E 226 -39.85 12.63 -4.92
CA GLN E 226 -38.55 13.04 -5.37
C GLN E 226 -37.49 12.50 -4.43
N PHE E 227 -36.38 12.06 -5.02
CA PHE E 227 -35.25 11.61 -4.22
C PHE E 227 -33.99 11.87 -5.02
N PRO E 228 -32.83 11.94 -4.37
CA PRO E 228 -31.58 12.10 -5.13
C PRO E 228 -31.00 10.73 -5.50
N LEU E 229 -30.79 10.51 -6.81
CA LEU E 229 -30.13 9.31 -7.29
C LEU E 229 -28.81 9.08 -6.58
N GLU E 230 -28.62 7.85 -6.11
CA GLU E 230 -27.47 7.49 -5.29
C GLU E 230 -26.29 7.05 -6.15
N ILE E 231 -25.79 7.98 -6.97
CA ILE E 231 -24.63 7.72 -7.81
C ILE E 231 -23.57 8.77 -7.53
N GLN E 232 -22.29 8.38 -7.69
CA GLN E 232 -21.20 9.23 -7.24
C GLN E 232 -21.19 10.59 -7.94
N ASP E 233 -21.59 10.67 -9.21
CA ASP E 233 -21.54 11.95 -9.91
C ASP E 233 -22.64 12.93 -9.51
N ASN E 234 -23.61 12.49 -8.72
CA ASN E 234 -24.63 13.38 -8.17
C ASN E 234 -24.26 13.86 -6.76
N TRP E 235 -23.01 14.30 -6.57
CA TRP E 235 -22.58 14.73 -5.24
C TRP E 235 -23.32 15.98 -4.78
N ARG E 236 -23.94 16.72 -5.71
CA ARG E 236 -24.82 17.81 -5.32
C ARG E 236 -26.16 17.31 -4.80
N HIS E 237 -26.48 16.03 -5.00
CA HIS E 237 -27.75 15.47 -4.56
C HIS E 237 -28.95 16.19 -5.20
N GLY E 238 -28.88 16.40 -6.51
CA GLY E 238 -30.05 16.86 -7.25
C GLY E 238 -31.17 15.84 -7.18
N MET E 239 -32.39 16.34 -7.05
CA MET E 239 -33.55 15.47 -6.94
C MET E 239 -34.06 15.06 -8.31
N SER E 240 -34.62 13.84 -8.37
CA SER E 240 -35.42 13.41 -9.51
C SER E 240 -36.83 13.05 -9.03
N TYR E 241 -37.82 13.30 -9.89
CA TYR E 241 -39.14 12.73 -9.73
C TYR E 241 -39.18 11.27 -10.16
N ASN E 242 -39.83 10.43 -9.36
CA ASN E 242 -39.92 8.99 -9.58
C ASN E 242 -41.28 8.66 -10.20
N LEU E 243 -41.26 7.98 -11.36
CA LEU E 243 -42.41 7.58 -12.15
C LEU E 243 -42.42 6.06 -12.34
N PRO E 244 -43.61 5.41 -12.44
CA PRO E 244 -43.66 4.00 -12.87
C PRO E 244 -43.19 3.85 -14.32
N LEU E 245 -42.53 2.71 -14.59
CA LEU E 245 -41.77 2.53 -15.82
C LEU E 245 -42.56 2.89 -17.09
N ASP E 246 -43.81 2.41 -17.20
CA ASP E 246 -44.59 2.70 -18.40
C ASP E 246 -44.81 4.20 -18.58
N GLU E 247 -45.22 4.90 -17.51
CA GLU E 247 -45.35 6.35 -17.57
C GLU E 247 -44.01 7.03 -17.86
N PHE E 248 -42.91 6.45 -17.36
CA PHE E 248 -41.58 6.98 -17.62
C PHE E 248 -41.27 6.95 -19.12
N MET E 249 -41.53 5.81 -19.78
CA MET E 249 -41.36 5.72 -21.23
C MET E 249 -42.35 6.60 -21.98
N GLU E 250 -43.54 6.79 -21.43
CA GLU E 250 -44.53 7.63 -22.08
C GLU E 250 -44.03 9.07 -22.18
N VAL E 251 -43.22 9.52 -21.21
CA VAL E 251 -42.63 10.86 -21.27
C VAL E 251 -41.68 10.96 -22.46
N PHE E 252 -40.88 9.91 -22.71
CA PHE E 252 -39.98 9.93 -23.87
C PHE E 252 -40.76 10.22 -25.16
N ASP E 253 -41.74 9.36 -25.47
CA ASP E 253 -42.49 9.50 -26.71
C ASP E 253 -43.23 10.83 -26.76
N ASN E 254 -43.80 11.25 -25.65
CA ASN E 254 -44.53 12.51 -25.65
C ASN E 254 -43.60 13.68 -25.92
N ALA E 255 -42.40 13.66 -25.33
CA ALA E 255 -41.47 14.76 -25.54
C ALA E 255 -41.06 14.82 -27.01
N ILE E 256 -40.62 13.70 -27.56
CA ILE E 256 -40.22 13.68 -28.97
C ILE E 256 -41.39 14.09 -29.86
N ASN E 257 -42.54 13.47 -29.67
CA ASN E 257 -43.63 13.71 -30.61
C ASN E 257 -44.20 15.12 -30.52
N THR E 258 -43.99 15.83 -29.41
CA THR E 258 -44.44 17.22 -29.35
C THR E 258 -43.31 18.21 -29.57
N GLY E 259 -42.15 17.74 -30.06
CA GLY E 259 -41.11 18.65 -30.52
C GLY E 259 -39.97 18.93 -29.56
N TYR E 260 -39.90 18.21 -28.43
CA TYR E 260 -38.85 18.41 -27.44
C TYR E 260 -37.75 17.36 -27.59
N THR E 261 -36.61 17.63 -26.96
CA THR E 261 -35.59 16.59 -26.84
C THR E 261 -35.32 16.32 -25.36
N ILE E 262 -34.42 15.36 -25.10
CA ILE E 262 -34.27 14.72 -23.81
C ILE E 262 -32.78 14.62 -23.47
N ALA E 263 -32.38 15.20 -22.33
CA ALA E 263 -31.09 14.90 -21.72
C ALA E 263 -31.16 13.49 -21.17
N TRP E 264 -30.38 12.57 -21.74
CA TRP E 264 -30.56 11.14 -21.51
C TRP E 264 -29.33 10.59 -20.80
N GLY E 265 -29.52 10.13 -19.56
CA GLY E 265 -28.44 9.50 -18.81
C GLY E 265 -28.67 8.02 -18.63
N SER E 266 -27.74 7.17 -19.08
CA SER E 266 -27.96 5.74 -18.98
C SER E 266 -26.62 5.01 -18.90
N ASP E 267 -26.71 3.72 -18.61
CA ASP E 267 -25.57 2.82 -18.75
C ASP E 267 -25.46 2.45 -20.22
N VAL E 268 -24.28 2.64 -20.80
CA VAL E 268 -24.00 2.24 -22.18
C VAL E 268 -22.81 1.29 -22.26
N SER E 269 -22.32 0.79 -21.13
CA SER E 269 -21.04 0.09 -21.11
C SER E 269 -21.07 -1.18 -21.94
N GLU E 270 -22.07 -2.03 -21.73
CA GLU E 270 -22.13 -3.36 -22.36
C GLU E 270 -23.07 -3.40 -23.57
N SER E 271 -23.26 -2.25 -24.22
CA SER E 271 -24.35 -2.08 -25.18
C SER E 271 -23.96 -2.39 -26.62
N GLY E 272 -22.70 -2.16 -26.97
CA GLY E 272 -22.23 -2.39 -28.31
C GLY E 272 -22.48 -1.27 -29.29
N PHE E 273 -22.87 -0.12 -28.81
CA PHE E 273 -23.12 0.97 -29.72
C PHE E 273 -21.87 1.38 -30.46
N THR E 274 -20.72 1.11 -29.88
CA THR E 274 -19.49 1.50 -30.54
C THR E 274 -19.29 0.85 -31.88
N ARG E 275 -19.55 -0.45 -31.95
CA ARG E 275 -19.32 -1.20 -33.17
C ARG E 275 -20.13 -0.82 -34.40
N ASP E 276 -21.42 -0.68 -34.22
CA ASP E 276 -22.26 -0.36 -35.34
C ASP E 276 -23.19 0.81 -35.17
N GLY E 277 -23.01 1.62 -34.15
CA GLY E 277 -23.89 2.75 -33.92
C GLY E 277 -25.22 2.38 -33.29
N VAL E 278 -25.36 1.15 -32.83
CA VAL E 278 -26.61 0.67 -32.27
C VAL E 278 -26.57 0.02 -30.90
N ALA E 279 -27.33 0.55 -29.96
CA ALA E 279 -27.54 -0.07 -28.66
C ALA E 279 -28.85 -0.85 -28.69
N VAL E 280 -28.79 -2.07 -28.21
CA VAL E 280 -29.88 -3.01 -28.36
C VAL E 280 -29.87 -3.92 -27.14
N MET E 281 -31.02 -4.53 -26.82
CA MET E 281 -31.13 -5.39 -25.64
C MET E 281 -30.80 -6.83 -26.02
N PRO E 282 -29.82 -7.46 -25.35
CA PRO E 282 -29.55 -8.88 -25.61
C PRO E 282 -30.60 -9.81 -25.00
N ASP E 283 -31.17 -10.68 -25.84
CA ASP E 283 -31.93 -11.83 -25.35
C ASP E 283 -31.04 -12.91 -24.74
N ASP E 284 -29.72 -12.76 -24.82
CA ASP E 284 -28.77 -13.68 -24.20
C ASP E 284 -27.85 -12.94 -23.23
N THR E 310 -25.57 -5.76 -36.74
CA THR E 310 -25.44 -7.17 -37.07
C THR E 310 -26.73 -7.71 -37.70
N LYS E 311 -27.85 -7.49 -37.02
CA LYS E 311 -29.20 -7.84 -37.47
C LYS E 311 -30.20 -7.37 -36.41
N PRO E 312 -31.41 -6.99 -36.79
CA PRO E 312 -32.45 -6.71 -35.79
C PRO E 312 -33.01 -8.01 -35.21
N GLN E 313 -33.02 -8.10 -33.89
CA GLN E 313 -33.38 -9.29 -33.15
C GLN E 313 -34.43 -8.99 -32.08
N PRO E 314 -35.13 -10.02 -31.58
CA PRO E 314 -36.14 -9.79 -30.53
C PRO E 314 -35.56 -9.17 -29.26
N GLN E 315 -36.35 -8.27 -28.67
CA GLN E 315 -35.92 -7.47 -27.53
C GLN E 315 -36.69 -7.88 -26.27
N LYS E 316 -35.96 -8.29 -25.23
CA LYS E 316 -36.60 -8.47 -23.92
C LYS E 316 -37.15 -7.12 -23.45
N TRP E 317 -38.43 -7.11 -23.10
CA TRP E 317 -39.12 -5.92 -22.63
C TRP E 317 -39.23 -5.99 -21.10
N CYS E 318 -38.27 -5.36 -20.42
CA CYS E 318 -38.08 -5.58 -18.99
C CYS E 318 -39.27 -5.11 -18.17
N THR E 319 -39.49 -5.79 -17.04
CA THR E 319 -40.40 -5.34 -16.00
C THR E 319 -39.71 -4.33 -15.09
N GLN E 320 -40.52 -3.66 -14.27
CA GLN E 320 -39.98 -2.77 -13.25
C GLN E 320 -38.99 -3.51 -12.34
N ALA E 321 -39.33 -4.75 -11.96
CA ALA E 321 -38.45 -5.47 -11.04
C ALA E 321 -37.15 -5.89 -11.72
N GLU E 322 -37.22 -6.37 -12.98
CA GLU E 322 -36.02 -6.72 -13.73
C GLU E 322 -35.11 -5.51 -13.87
N ARG E 323 -35.70 -4.36 -14.10
CA ARG E 323 -34.95 -3.12 -14.22
C ARG E 323 -34.38 -2.69 -12.87
N GLN E 324 -35.12 -2.94 -11.79
CA GLN E 324 -34.63 -2.60 -10.45
C GLN E 324 -33.43 -3.46 -10.07
N LEU E 325 -33.50 -4.77 -10.33
CA LEU E 325 -32.43 -5.66 -9.92
C LEU E 325 -31.10 -5.22 -10.51
N ALA E 326 -31.11 -4.79 -11.78
CA ALA E 326 -29.86 -4.41 -12.44
C ALA E 326 -29.27 -3.14 -11.83
N TYR E 327 -30.12 -2.21 -11.37
CA TYR E 327 -29.60 -1.04 -10.67
C TYR E 327 -29.13 -1.39 -9.27
N ASP E 328 -29.73 -2.42 -8.65
CA ASP E 328 -29.30 -2.83 -7.32
C ASP E 328 -28.03 -3.65 -7.36
N ASN E 329 -27.83 -4.45 -8.41
CA ASN E 329 -26.78 -5.46 -8.43
C ASN E 329 -25.58 -5.07 -9.26
N TYR E 330 -25.49 -3.80 -9.68
CA TYR E 330 -24.37 -3.16 -10.36
C TYR E 330 -24.35 -3.38 -11.87
N GLU E 331 -25.36 -4.01 -12.46
CA GLU E 331 -25.38 -4.15 -13.91
C GLU E 331 -25.72 -2.85 -14.63
N THR E 332 -26.40 -1.96 -13.94
CA THR E 332 -26.67 -0.66 -14.49
C THR E 332 -26.00 0.40 -13.63
N THR E 333 -24.86 0.89 -14.13
CA THR E 333 -24.01 1.90 -13.51
C THR E 333 -23.35 2.75 -14.57
N ASP E 334 -22.38 3.56 -14.17
CA ASP E 334 -21.63 4.41 -15.09
C ASP E 334 -22.56 5.27 -15.90
N ASP E 335 -23.36 6.07 -15.22
CA ASP E 335 -24.32 6.89 -15.92
C ASP E 335 -23.63 7.80 -16.91
N HIS E 336 -23.99 7.62 -18.15
CA HIS E 336 -23.42 8.32 -19.24
C HIS E 336 -24.46 9.25 -19.77
N GLY E 337 -24.04 10.44 -20.11
CA GLY E 337 -25.00 11.48 -20.52
C GLY E 337 -24.95 11.75 -22.01
N MET E 338 -26.11 11.70 -22.65
CA MET E 338 -26.24 12.00 -24.07
C MET E 338 -27.59 12.66 -24.30
N GLN E 339 -27.94 12.88 -25.56
CA GLN E 339 -29.21 13.54 -25.89
C GLN E 339 -30.03 12.67 -26.85
N ILE E 340 -31.28 12.41 -26.49
CA ILE E 340 -32.24 11.78 -27.38
C ILE E 340 -33.06 12.88 -28.05
N TYR E 341 -33.18 12.79 -29.37
CA TYR E 341 -33.79 13.88 -30.11
C TYR E 341 -34.74 13.42 -31.20
N GLY E 342 -34.92 12.12 -31.38
CA GLY E 342 -35.87 11.67 -32.39
C GLY E 342 -36.25 10.23 -32.20
N ILE E 343 -37.13 9.77 -33.11
CA ILE E 343 -37.58 8.38 -33.15
C ILE E 343 -37.38 7.87 -34.57
N ALA E 344 -36.81 6.68 -34.69
CA ALA E 344 -36.53 6.05 -35.97
C ALA E 344 -36.98 4.60 -35.92
N LYS E 345 -37.09 3.99 -37.09
CA LYS E 345 -37.44 2.60 -37.22
C LYS E 345 -36.37 1.91 -38.06
N ASP E 346 -36.19 0.60 -37.82
CA ASP E 346 -35.32 -0.18 -38.68
C ASP E 346 -36.14 -0.83 -39.79
N GLN E 347 -35.50 -1.64 -40.62
CA GLN E 347 -36.14 -2.20 -41.81
C GLN E 347 -37.32 -3.12 -41.47
N GLU E 348 -37.38 -3.64 -40.24
CA GLU E 348 -38.43 -4.58 -39.85
C GLU E 348 -39.50 -3.93 -39.00
N GLY E 349 -39.43 -2.63 -38.76
CA GLY E 349 -40.48 -1.92 -38.05
C GLY E 349 -40.23 -1.69 -36.58
N ASN E 350 -39.17 -2.24 -36.00
CA ASN E 350 -38.87 -1.96 -34.61
C ASN E 350 -38.40 -0.54 -34.44
N GLU E 351 -38.66 0.01 -33.25
CA GLU E 351 -38.53 1.44 -32.97
C GLU E 351 -37.30 1.73 -32.11
N TYR E 352 -36.66 2.86 -32.39
CA TYR E 352 -35.46 3.29 -31.68
C TYR E 352 -35.56 4.76 -31.38
N TYR E 353 -34.94 5.15 -30.26
CA TYR E 353 -34.62 6.54 -30.01
C TYR E 353 -33.31 6.92 -30.70
N MET E 354 -33.29 8.12 -31.26
CA MET E 354 -32.09 8.64 -31.91
C MET E 354 -31.29 9.41 -30.88
N VAL E 355 -30.01 9.08 -30.80
CA VAL E 355 -29.12 9.55 -29.76
C VAL E 355 -28.02 10.37 -30.39
N LYS E 356 -27.84 11.59 -29.91
CA LYS E 356 -26.70 12.41 -30.32
C LYS E 356 -25.63 12.29 -29.24
N ASN E 357 -24.45 11.85 -29.62
CA ASN E 357 -23.35 11.66 -28.68
C ASN E 357 -22.36 12.81 -28.85
N SER E 358 -21.34 12.83 -27.99
CA SER E 358 -20.32 13.87 -28.01
C SER E 358 -18.92 13.31 -28.20
N TRP E 359 -18.74 12.42 -29.18
CA TRP E 359 -17.43 11.83 -29.45
C TRP E 359 -16.96 12.13 -30.86
N GLY E 360 -17.36 13.28 -31.41
CA GLY E 360 -17.03 13.58 -32.79
C GLY E 360 -17.85 12.73 -33.75
N THR E 361 -17.48 12.85 -35.02
CA THR E 361 -18.26 12.29 -36.09
C THR E 361 -17.57 11.13 -36.81
N ASN E 362 -16.45 10.63 -36.30
CA ASN E 362 -15.75 9.50 -36.93
C ASN E 362 -16.36 8.19 -36.41
N SER E 363 -17.60 7.95 -36.83
CA SER E 363 -18.33 6.73 -36.53
C SER E 363 -19.33 6.51 -37.67
N LYS E 364 -20.07 5.41 -37.58
CA LYS E 364 -20.84 4.93 -38.73
C LYS E 364 -21.93 5.91 -39.14
N TYR E 365 -22.63 6.51 -38.18
CA TYR E 365 -23.65 7.52 -38.42
C TYR E 365 -23.20 8.90 -37.96
N ASN E 366 -21.89 9.14 -37.96
CA ASN E 366 -21.33 10.49 -37.78
C ASN E 366 -21.69 11.08 -36.42
N GLY E 367 -21.50 10.31 -35.36
CA GLY E 367 -21.69 10.81 -34.00
C GLY E 367 -23.09 10.61 -33.46
N ILE E 368 -24.00 10.10 -34.26
CA ILE E 368 -25.36 9.78 -33.90
C ILE E 368 -25.43 8.28 -33.75
N TRP E 369 -26.29 7.78 -32.87
CA TRP E 369 -26.58 6.38 -32.99
C TRP E 369 -27.97 6.06 -32.44
N TYR E 370 -28.33 4.78 -32.51
CA TYR E 370 -29.70 4.31 -32.33
C TYR E 370 -29.79 3.32 -31.17
N ALA E 371 -30.69 3.61 -30.22
CA ALA E 371 -30.96 2.72 -29.09
C ALA E 371 -32.39 2.20 -29.20
N SER E 372 -32.55 0.88 -29.13
CA SER E 372 -33.89 0.31 -29.12
C SER E 372 -34.67 0.85 -27.92
N LYS E 373 -35.99 0.98 -28.10
CA LYS E 373 -36.82 1.42 -26.97
C LYS E 373 -36.66 0.49 -25.78
N ALA E 374 -36.42 -0.80 -26.04
CA ALA E 374 -36.22 -1.77 -24.95
C ALA E 374 -34.94 -1.48 -24.19
N PHE E 375 -33.84 -1.21 -24.91
CA PHE E 375 -32.61 -0.82 -24.24
C PHE E 375 -32.84 0.42 -23.39
N VAL E 376 -33.48 1.44 -23.95
CA VAL E 376 -33.69 2.70 -23.23
C VAL E 376 -34.52 2.44 -21.98
N ARG E 377 -35.51 1.56 -22.08
CA ARG E 377 -36.36 1.29 -20.93
C ARG E 377 -35.62 0.54 -19.83
N TYR E 378 -34.70 -0.34 -20.19
CA TYR E 378 -34.01 -1.16 -19.20
C TYR E 378 -32.83 -0.42 -18.58
N LYS E 379 -32.13 0.40 -19.37
CA LYS E 379 -30.82 0.91 -18.95
C LYS E 379 -30.78 2.40 -18.62
N THR E 380 -31.85 3.15 -18.87
CA THR E 380 -31.86 4.56 -18.52
C THR E 380 -31.76 4.72 -17.01
N MET E 381 -30.99 5.73 -16.57
CA MET E 381 -30.92 6.03 -15.14
C MET E 381 -31.65 7.31 -14.76
N ASN E 382 -31.59 8.35 -15.59
CA ASN E 382 -32.35 9.55 -15.33
C ASN E 382 -32.42 10.37 -16.61
N ILE E 383 -33.45 11.21 -16.71
CA ILE E 383 -33.57 12.12 -17.83
C ILE E 383 -33.96 13.49 -17.32
N VAL E 384 -33.71 14.49 -18.15
CA VAL E 384 -34.19 15.84 -17.93
C VAL E 384 -34.91 16.28 -19.19
N VAL E 385 -36.13 16.81 -19.02
CA VAL E 385 -36.88 17.43 -20.10
C VAL E 385 -37.46 18.75 -19.58
N HIS E 386 -37.83 19.61 -20.51
CA HIS E 386 -38.64 20.77 -20.16
C HIS E 386 -39.97 20.31 -19.57
N LYS E 387 -40.50 21.09 -18.62
CA LYS E 387 -41.76 20.75 -17.97
C LYS E 387 -42.89 20.56 -18.98
N ASP E 388 -42.89 21.32 -20.07
CA ASP E 388 -43.98 21.20 -21.03
C ASP E 388 -43.87 19.96 -21.90
N ALA E 389 -42.78 19.20 -21.79
CA ALA E 389 -42.70 17.92 -22.46
C ALA E 389 -43.52 16.85 -21.77
N LEU E 390 -43.94 17.07 -20.51
CA LEU E 390 -44.66 16.04 -19.77
C LEU E 390 -46.13 15.99 -20.20
N PRO E 391 -46.69 14.80 -20.36
CA PRO E 391 -48.15 14.69 -20.46
C PRO E 391 -48.82 15.41 -19.31
N LYS E 392 -49.95 16.05 -19.60
CA LYS E 392 -50.69 16.79 -18.58
C LYS E 392 -50.93 15.94 -17.33
N ALA E 393 -51.31 14.68 -17.51
CA ALA E 393 -51.70 13.84 -16.36
C ALA E 393 -50.49 13.43 -15.53
N ILE E 394 -49.35 13.18 -16.16
CA ILE E 394 -48.15 12.92 -15.39
C ILE E 394 -47.74 14.17 -14.64
N LYS E 395 -47.84 15.33 -15.30
CA LYS E 395 -47.58 16.60 -14.65
C LYS E 395 -48.39 16.73 -13.37
N ALA E 396 -49.69 16.43 -13.45
CA ALA E 396 -50.55 16.52 -12.28
C ALA E 396 -50.15 15.51 -11.21
N LYS E 397 -49.79 14.29 -11.61
CA LYS E 397 -49.46 13.25 -10.63
C LYS E 397 -48.19 13.59 -9.84
N LEU E 398 -47.31 14.45 -10.35
CA LEU E 398 -46.11 14.82 -9.60
C LEU E 398 -46.22 16.18 -8.92
N GLY E 399 -47.37 16.84 -8.98
CA GLY E 399 -47.51 18.15 -8.37
C GLY E 399 -46.81 19.27 -9.09
N ILE E 400 -46.49 19.11 -10.38
CA ILE E 400 -45.76 20.12 -11.13
C ILE E 400 -46.76 21.12 -11.69
N LYS E 401 -46.69 22.35 -11.21
CA LYS E 401 -47.62 23.37 -11.70
C LYS E 401 -47.29 23.73 -13.15
N GLU F 28 24.01 22.02 39.31
CA GLU F 28 25.06 21.24 38.66
C GLU F 28 24.74 21.04 37.19
N GLY F 29 24.78 22.14 36.43
CA GLY F 29 24.56 22.10 35.00
C GLY F 29 25.76 22.65 34.25
N PHE F 30 25.54 23.45 33.21
CA PHE F 30 26.62 24.06 32.45
C PHE F 30 26.61 25.57 32.64
N VAL F 31 27.79 26.15 32.84
CA VAL F 31 27.98 27.60 32.88
C VAL F 31 29.11 27.96 31.92
N PHE F 32 28.79 28.76 30.90
CA PHE F 32 29.71 29.03 29.80
C PHE F 32 30.32 30.42 29.84
N THR F 33 31.61 30.50 29.50
CA THR F 33 32.36 31.73 29.36
C THR F 33 32.96 31.80 27.96
N THR F 34 32.81 32.94 27.31
CA THR F 34 33.24 33.06 25.93
C THR F 34 34.74 33.21 25.89
N VAL F 35 35.40 32.44 25.02
CA VAL F 35 36.82 32.64 24.75
C VAL F 35 37.02 33.63 23.62
N LYS F 36 36.32 33.42 22.51
CA LYS F 36 36.34 34.36 21.40
C LYS F 36 35.16 34.03 20.51
N GLU F 37 34.34 35.04 20.21
CA GLU F 37 33.25 34.92 19.23
C GLU F 37 33.33 36.08 18.26
N ASN F 38 32.85 35.83 17.06
CA ASN F 38 32.80 36.79 16.00
C ASN F 38 31.36 37.26 15.73
N PRO F 39 31.15 38.46 15.18
CA PRO F 39 29.80 39.04 15.14
C PRO F 39 28.81 38.26 14.28
N ILE F 40 27.59 38.12 14.82
CA ILE F 40 26.47 37.49 14.16
C ILE F 40 25.30 38.47 14.14
N THR F 41 24.36 38.26 13.21
CA THR F 41 23.10 38.99 13.26
C THR F 41 22.16 38.31 14.28
N SER F 42 20.92 38.77 14.34
CA SER F 42 19.98 38.25 15.33
C SER F 42 19.59 36.80 15.04
N VAL F 43 19.22 36.09 16.10
CA VAL F 43 18.68 34.75 15.96
C VAL F 43 17.34 34.81 15.25
N LYS F 44 17.16 33.97 14.23
CA LYS F 44 15.92 33.89 13.49
C LYS F 44 15.20 32.58 13.84
N ASN F 45 13.98 32.45 13.32
CA ASN F 45 13.11 31.31 13.64
C ASN F 45 12.49 30.75 12.37
N GLN F 46 13.02 29.61 11.90
CA GLN F 46 12.49 28.94 10.73
C GLN F 46 11.12 28.33 11.00
N ASN F 47 10.77 28.10 12.27
CA ASN F 47 9.48 27.54 12.74
C ASN F 47 9.17 26.23 12.01
N ARG F 48 7.98 26.06 11.42
CA ARG F 48 7.53 24.73 10.98
C ARG F 48 7.80 24.51 9.50
N ALA F 49 9.10 24.44 9.18
CA ALA F 49 9.55 24.13 7.83
C ALA F 49 11.00 23.64 7.90
N GLY F 50 11.38 22.77 6.97
CA GLY F 50 12.72 22.20 6.95
C GLY F 50 13.74 23.08 6.25
N THR F 51 13.77 24.37 6.58
CA THR F 51 14.52 25.36 5.83
C THR F 51 15.84 25.75 6.50
N CYS F 52 16.35 24.90 7.39
CA CYS F 52 17.54 25.25 8.16
C CYS F 52 18.71 25.58 7.25
N TRP F 53 18.85 24.82 6.16
CA TRP F 53 19.92 25.03 5.20
C TRP F 53 20.01 26.48 4.74
N CYS F 54 18.86 27.10 4.47
CA CYS F 54 18.92 28.45 3.94
C CYS F 54 19.05 29.47 5.08
N TYR F 55 18.44 29.17 6.23
CA TYR F 55 18.60 30.04 7.41
C TYR F 55 20.04 30.05 7.90
N SER F 56 20.63 28.84 8.07
CA SER F 56 22.04 28.79 8.47
C SER F 56 22.94 29.43 7.40
N SER F 57 22.65 29.20 6.12
CA SER F 57 23.46 29.82 5.07
C SER F 57 23.46 31.33 5.20
N TYR F 58 22.29 31.92 5.52
CA TYR F 58 22.20 33.37 5.58
C TYR F 58 22.70 33.94 6.90
N SER F 59 22.57 33.18 8.01
CA SER F 59 23.33 33.52 9.20
C SER F 59 24.81 33.65 8.87
N PHE F 60 25.33 32.70 8.09
CA PHE F 60 26.75 32.69 7.73
C PHE F 60 27.08 33.83 6.78
N LEU F 61 26.28 34.02 5.72
CA LEU F 61 26.56 35.10 4.79
C LEU F 61 26.38 36.47 5.44
N GLU F 62 25.42 36.61 6.38
CA GLU F 62 25.30 37.88 7.07
C GLU F 62 26.51 38.16 7.95
N SER F 63 27.03 37.14 8.65
CA SER F 63 28.29 37.34 9.36
C SER F 63 29.40 37.74 8.40
N GLU F 64 29.39 37.15 7.19
CA GLU F 64 30.41 37.47 6.20
C GLU F 64 30.32 38.93 5.77
N LEU F 65 29.09 39.44 5.57
CA LEU F 65 28.97 40.86 5.24
C LEU F 65 29.41 41.76 6.39
N LEU F 66 29.05 41.41 7.63
CA LEU F 66 29.60 42.15 8.77
C LEU F 66 31.11 42.12 8.75
N ARG F 67 31.70 40.94 8.53
CA ARG F 67 33.16 40.83 8.54
C ARG F 67 33.79 41.68 7.44
N MET F 68 33.13 41.78 6.29
CA MET F 68 33.67 42.54 5.17
C MET F 68 33.31 44.02 5.25
N GLY F 69 32.73 44.48 6.36
CA GLY F 69 32.54 45.91 6.53
C GLY F 69 31.32 46.47 5.84
N LYS F 70 30.41 45.63 5.40
CA LYS F 70 29.27 46.12 4.66
C LYS F 70 28.06 46.34 5.55
N GLY F 71 28.14 45.96 6.83
CA GLY F 71 27.07 46.19 7.75
C GLY F 71 26.06 45.06 7.78
N GLU F 72 24.94 45.37 8.45
CA GLU F 72 23.94 44.39 8.82
C GLU F 72 22.88 44.25 7.74
N TYR F 73 22.71 43.03 7.24
CA TYR F 73 21.69 42.64 6.29
C TYR F 73 20.76 41.61 6.92
N ASP F 74 19.54 41.56 6.38
CA ASP F 74 18.59 40.50 6.74
C ASP F 74 18.08 39.93 5.42
N LEU F 75 18.77 38.91 4.90
CA LEU F 75 18.41 38.36 3.59
C LEU F 75 17.15 37.52 3.68
N SER F 76 16.37 37.48 2.59
CA SER F 76 15.09 36.76 2.57
C SER F 76 15.31 35.28 2.27
N GLU F 77 15.09 34.43 3.27
CA GLU F 77 15.15 32.98 3.04
C GLU F 77 14.03 32.50 2.13
N MET F 78 12.85 33.09 2.28
CA MET F 78 11.69 32.64 1.53
C MET F 78 11.92 32.78 0.03
N PHE F 79 12.55 33.87 -0.39
CA PHE F 79 12.87 34.03 -1.81
C PHE F 79 13.71 32.87 -2.33
N THR F 80 14.78 32.53 -1.61
CA THR F 80 15.67 31.46 -2.07
C THR F 80 15.03 30.09 -1.91
N VAL F 81 14.26 29.90 -0.86
CA VAL F 81 13.51 28.66 -0.69
C VAL F 81 12.57 28.44 -1.87
N TYR F 82 11.88 29.51 -2.28
CA TYR F 82 10.93 29.41 -3.38
C TYR F 82 11.62 28.96 -4.66
N ASN F 83 12.70 29.64 -5.08
CA ASN F 83 13.34 29.26 -6.34
C ASN F 83 14.05 27.91 -6.25
N THR F 84 14.59 27.58 -5.08
CA THR F 84 15.25 26.29 -4.90
C THR F 84 14.25 25.14 -5.11
N TYR F 85 13.05 25.27 -4.54
CA TYR F 85 12.08 24.19 -4.68
C TYR F 85 11.63 24.01 -6.12
N LEU F 86 11.62 25.09 -6.91
CA LEU F 86 11.26 24.91 -8.31
C LEU F 86 12.32 24.10 -9.05
N ASP F 87 13.60 24.39 -8.79
CA ASP F 87 14.69 23.56 -9.32
C ASP F 87 14.60 22.12 -8.81
N ARG F 88 14.29 21.95 -7.52
CA ARG F 88 14.23 20.58 -6.99
C ARG F 88 13.07 19.82 -7.61
N ALA F 89 11.96 20.51 -7.87
CA ALA F 89 10.85 19.88 -8.55
C ALA F 89 11.27 19.42 -9.95
N ASP F 90 11.95 20.29 -10.69
CA ASP F 90 12.45 19.90 -12.02
C ASP F 90 13.39 18.71 -11.93
N ALA F 91 14.27 18.68 -10.92
CA ALA F 91 15.17 17.56 -10.77
C ALA F 91 14.39 16.27 -10.51
N ALA F 92 13.34 16.33 -9.70
CA ALA F 92 12.58 15.11 -9.41
C ALA F 92 11.89 14.60 -10.66
N VAL F 93 11.38 15.52 -11.48
CA VAL F 93 10.65 15.13 -12.68
C VAL F 93 11.61 14.58 -13.73
N ARG F 94 12.79 15.18 -13.87
CA ARG F 94 13.68 14.66 -14.90
C ARG F 94 14.20 13.28 -14.53
N THR F 95 14.43 13.02 -13.25
CA THR F 95 14.89 11.72 -12.81
C THR F 95 13.76 10.79 -12.39
N HIS F 96 12.52 11.10 -12.78
CA HIS F 96 11.38 10.22 -12.56
C HIS F 96 11.26 9.81 -11.10
N GLY F 97 11.59 10.75 -10.20
CA GLY F 97 11.33 10.58 -8.79
C GLY F 97 12.52 10.11 -8.00
N ASP F 98 13.65 9.85 -8.66
CA ASP F 98 14.85 9.50 -7.91
C ASP F 98 15.29 10.64 -7.02
N VAL F 99 15.37 11.86 -7.55
CA VAL F 99 15.63 13.01 -6.69
C VAL F 99 14.37 13.23 -5.85
N SER F 100 14.48 12.94 -4.56
CA SER F 100 13.36 13.20 -3.65
C SER F 100 13.01 14.68 -3.65
N PHE F 101 11.73 14.96 -3.47
CA PHE F 101 11.24 16.33 -3.36
C PHE F 101 10.78 16.52 -1.94
N SER F 102 11.47 17.38 -1.21
CA SER F 102 11.21 17.61 0.20
C SER F 102 11.78 18.97 0.54
N GLN F 103 11.66 19.35 1.81
CA GLN F 103 11.88 20.74 2.22
C GLN F 103 13.35 21.08 2.39
N GLY F 104 14.21 20.09 2.57
CA GLY F 104 15.60 20.35 2.86
C GLY F 104 16.38 20.92 1.67
N GLY F 105 17.70 20.92 1.84
CA GLY F 105 18.58 21.66 0.96
C GLY F 105 19.98 21.67 1.53
N SER F 106 20.84 22.46 0.88
CA SER F 106 22.25 22.50 1.28
C SER F 106 22.73 23.95 1.27
N PHE F 107 23.90 24.15 1.88
CA PHE F 107 24.62 25.42 1.77
C PHE F 107 24.84 25.78 0.32
N TYR F 108 25.19 24.78 -0.48
CA TYR F 108 25.44 25.01 -1.89
C TYR F 108 24.17 25.49 -2.61
N ASP F 109 23.00 24.98 -2.19
CA ASP F 109 21.75 25.54 -2.70
C ASP F 109 21.73 27.06 -2.56
N ALA F 110 22.18 27.59 -1.43
CA ALA F 110 22.08 29.04 -1.22
C ALA F 110 23.17 29.80 -1.95
N LEU F 111 24.39 29.24 -2.03
CA LEU F 111 25.48 29.92 -2.75
C LEU F 111 25.24 29.91 -4.24
N TYR F 112 24.91 28.76 -4.79
CA TYR F 112 24.43 28.71 -6.16
C TYR F 112 23.26 29.66 -6.35
N GLY F 113 22.37 29.70 -5.36
CA GLY F 113 21.17 30.50 -5.47
C GLY F 113 21.45 31.98 -5.57
N MET F 114 22.40 32.49 -4.77
CA MET F 114 22.62 33.94 -4.79
C MET F 114 23.15 34.37 -6.14
N GLU F 115 23.99 33.54 -6.78
CA GLU F 115 24.50 33.83 -8.12
C GLU F 115 23.49 33.57 -9.23
N THR F 116 22.50 32.69 -9.02
CA THR F 116 21.54 32.34 -10.08
C THR F 116 20.27 33.17 -9.99
N PHE F 117 19.66 33.21 -8.81
CA PHE F 117 18.40 33.93 -8.65
C PHE F 117 18.59 35.34 -8.09
N GLY F 118 19.72 35.60 -7.46
CA GLY F 118 19.94 36.86 -6.75
C GLY F 118 19.56 36.74 -5.29
N LEU F 119 19.46 37.91 -4.67
CA LEU F 119 19.08 38.05 -3.27
C LEU F 119 18.06 39.17 -3.16
N VAL F 120 17.18 39.07 -2.16
CA VAL F 120 16.28 40.17 -1.83
C VAL F 120 16.21 40.33 -0.32
N PRO F 121 15.88 41.53 0.15
CA PRO F 121 15.77 41.74 1.59
C PRO F 121 14.56 41.01 2.16
N GLU F 122 14.70 40.56 3.42
CA GLU F 122 13.62 39.93 4.18
C GLU F 122 12.24 40.56 3.95
N GLU F 123 12.15 41.89 4.08
CA GLU F 123 10.87 42.58 3.92
C GLU F 123 10.16 42.29 2.61
N GLU F 124 10.86 41.86 1.56
CA GLU F 124 10.20 41.68 0.26
C GLU F 124 9.58 40.32 0.07
N MET F 125 9.83 39.36 0.95
CA MET F 125 9.15 38.07 0.90
C MET F 125 9.28 37.42 2.27
N ARG F 126 8.37 37.79 3.18
CA ARG F 126 8.42 37.35 4.58
C ARG F 126 7.78 35.97 4.72
N PRO F 127 8.24 35.18 5.69
CA PRO F 127 7.50 33.94 6.02
C PRO F 127 6.12 34.25 6.56
N GLY F 128 5.16 33.37 6.24
CA GLY F 128 3.81 33.46 6.78
C GLY F 128 2.91 34.51 6.15
N MET F 129 3.45 35.42 5.32
CA MET F 129 2.67 36.58 4.84
C MET F 129 1.41 36.18 4.07
N MET F 130 1.37 34.99 3.44
CA MET F 130 0.21 34.60 2.64
C MET F 130 -0.91 33.95 3.43
N TYR F 131 -0.60 33.48 4.62
CA TYR F 131 -1.55 32.85 5.50
C TYR F 131 -1.73 33.54 6.85
N ALA F 132 -1.66 34.86 6.87
CA ALA F 132 -1.86 35.65 8.07
C ALA F 132 -0.99 35.28 9.25
N ASP F 133 0.26 35.04 8.97
CA ASP F 133 1.21 34.63 9.96
C ASP F 133 2.52 35.35 9.82
N THR F 134 3.35 35.30 10.85
CA THR F 134 4.66 35.90 10.75
C THR F 134 5.81 34.89 10.70
N LEU F 135 5.46 33.62 10.79
CA LEU F 135 6.42 32.56 10.77
C LEU F 135 5.95 31.47 9.83
N SER F 136 6.88 30.73 9.27
CA SER F 136 6.55 29.69 8.34
C SER F 136 5.87 28.46 8.86
N ASN F 137 4.88 28.00 8.12
CA ASN F 137 4.30 26.70 8.34
C ASN F 137 4.11 26.21 6.94
N HIS F 138 4.95 25.30 6.50
CA HIS F 138 4.89 24.82 5.15
C HIS F 138 4.32 23.44 5.00
N THR F 139 3.65 22.96 6.02
CA THR F 139 3.11 21.61 5.98
C THR F 139 2.09 21.44 4.86
N GLU F 140 1.14 22.37 4.77
CA GLU F 140 0.15 22.26 3.70
C GLU F 140 0.79 22.47 2.34
N LEU F 141 1.70 23.46 2.22
CA LEU F 141 2.44 23.64 0.96
C LEU F 141 3.14 22.35 0.52
N SER F 142 3.80 21.65 1.46
CA SER F 142 4.43 20.38 1.12
C SER F 142 3.40 19.33 0.75
N ALA F 143 2.33 19.20 1.56
CA ALA F 143 1.28 18.24 1.25
C ALA F 143 0.78 18.40 -0.18
N LEU F 144 0.59 19.64 -0.63
CA LEU F 144 0.12 19.84 -2.00
C LEU F 144 1.24 19.58 -3.01
N THR F 145 2.41 20.16 -2.80
CA THR F 145 3.41 20.11 -3.86
C THR F 145 4.14 18.75 -3.93
N ASP F 146 4.34 18.07 -2.80
CA ASP F 146 4.85 16.70 -2.88
C ASP F 146 3.93 15.83 -3.71
N ALA F 147 2.62 15.99 -3.51
CA ALA F 147 1.64 15.20 -4.23
C ALA F 147 1.61 15.60 -5.70
N MET F 148 1.73 16.89 -6.01
CA MET F 148 1.80 17.29 -7.42
C MET F 148 3.06 16.76 -8.09
N VAL F 149 4.21 16.88 -7.44
CA VAL F 149 5.45 16.48 -8.06
C VAL F 149 5.46 14.98 -8.29
N ALA F 150 4.91 14.21 -7.34
CA ALA F 150 4.89 12.75 -7.47
C ALA F 150 3.91 12.31 -8.56
N ALA F 151 2.82 13.03 -8.73
CA ALA F 151 1.91 12.68 -9.80
C ALA F 151 2.58 12.82 -11.16
N ILE F 152 3.52 13.77 -11.29
CA ILE F 152 4.24 13.85 -12.55
C ILE F 152 5.38 12.84 -12.58
N ALA F 153 6.22 12.81 -11.54
CA ALA F 153 7.51 12.13 -11.63
C ALA F 153 7.39 10.63 -11.49
N LYS F 154 6.40 10.15 -10.73
CA LYS F 154 6.28 8.72 -10.51
C LYS F 154 4.99 8.15 -11.07
N GLY F 155 4.23 8.96 -11.80
CA GLY F 155 2.95 8.53 -12.33
C GLY F 155 3.09 7.89 -13.69
N LYS F 156 1.96 7.82 -14.40
CA LYS F 156 1.83 7.09 -15.65
C LYS F 156 1.81 7.98 -16.88
N LEU F 157 1.98 9.29 -16.72
CA LEU F 157 1.84 10.17 -17.88
C LEU F 157 2.99 9.92 -18.83
N ARG F 158 2.67 9.75 -20.11
CA ARG F 158 3.67 9.46 -21.12
C ARG F 158 4.10 10.70 -21.91
N LYS F 159 3.30 11.76 -21.91
CA LYS F 159 3.68 12.98 -22.64
C LYS F 159 3.15 14.19 -21.86
N LEU F 160 4.05 14.85 -21.12
CA LEU F 160 3.71 16.06 -20.38
C LEU F 160 3.32 17.19 -21.32
N GLN F 161 2.34 17.98 -20.90
CA GLN F 161 1.74 19.01 -21.76
C GLN F 161 2.58 20.30 -21.77
N SER F 162 2.53 20.99 -22.90
CA SER F 162 3.29 22.22 -23.08
C SER F 162 2.42 23.20 -23.85
N ASP F 163 2.76 24.48 -23.73
CA ASP F 163 2.03 25.50 -24.49
C ASP F 163 2.74 25.75 -25.82
N GLU F 164 2.32 26.79 -26.54
CA GLU F 164 2.84 27.00 -27.89
C GLU F 164 4.25 27.58 -27.90
N ASN F 165 4.77 27.99 -26.75
CA ASN F 165 6.18 28.34 -26.60
C ASN F 165 6.98 27.22 -25.94
N ASN F 166 6.40 26.03 -25.83
CA ASN F 166 7.06 24.86 -25.26
C ASN F 166 7.35 24.98 -23.77
N ALA F 167 6.70 25.90 -23.05
CA ALA F 167 6.78 25.89 -21.59
C ALA F 167 5.91 24.77 -21.01
N MET F 168 6.42 24.08 -20.00
CA MET F 168 5.71 22.96 -19.39
C MET F 168 4.58 23.45 -18.48
N LEU F 169 3.38 22.92 -18.70
CA LEU F 169 2.26 23.31 -17.84
C LEU F 169 2.45 22.86 -16.40
N TRP F 170 3.06 21.68 -16.18
CA TRP F 170 3.20 21.24 -14.79
C TRP F 170 4.11 22.19 -14.00
N LYS F 171 5.11 22.78 -14.67
CA LYS F 171 5.98 23.75 -13.98
C LYS F 171 5.24 25.04 -13.63
N LYS F 172 4.33 25.48 -14.50
CA LYS F 172 3.45 26.62 -14.16
C LYS F 172 2.62 26.32 -12.91
N ALA F 173 2.04 25.12 -12.87
CA ALA F 173 1.20 24.73 -11.74
C ALA F 173 1.99 24.69 -10.45
N VAL F 174 3.19 24.09 -10.48
CA VAL F 174 4.00 23.99 -9.26
C VAL F 174 4.51 25.37 -8.86
N ALA F 175 4.88 26.21 -9.83
CA ALA F 175 5.24 27.59 -9.51
C ALA F 175 4.07 28.35 -8.91
N ALA F 176 2.87 28.18 -9.48
CA ALA F 176 1.72 28.92 -9.00
C ALA F 176 1.36 28.55 -7.57
N VAL F 177 1.43 27.25 -7.23
CA VAL F 177 1.10 26.88 -5.86
C VAL F 177 2.17 27.37 -4.89
N HIS F 178 3.46 27.28 -5.26
CA HIS F 178 4.49 27.85 -4.40
C HIS F 178 4.26 29.35 -4.18
N GLN F 179 3.88 30.08 -5.23
CA GLN F 179 3.62 31.51 -5.05
C GLN F 179 2.45 31.77 -4.11
N ILE F 180 1.45 30.87 -4.12
CA ILE F 180 0.27 31.11 -3.30
C ILE F 180 0.58 31.00 -1.81
N TYR F 181 1.55 30.14 -1.44
CA TYR F 181 1.86 29.91 -0.02
C TYR F 181 3.08 30.69 0.46
N LEU F 182 4.00 31.05 -0.44
CA LEU F 182 5.23 31.73 -0.05
C LEU F 182 5.31 33.19 -0.49
N GLY F 183 4.54 33.58 -1.50
CA GLY F 183 4.53 34.93 -1.99
C GLY F 183 5.06 35.01 -3.42
N VAL F 184 4.72 36.12 -4.07
CA VAL F 184 5.21 36.48 -5.39
C VAL F 184 6.59 37.10 -5.23
N PRO F 185 7.64 36.51 -5.80
CA PRO F 185 8.96 37.12 -5.71
C PRO F 185 9.02 38.43 -6.47
N PRO F 186 9.71 39.43 -5.91
CA PRO F 186 9.81 40.73 -6.59
C PRO F 186 10.75 40.70 -7.79
N GLU F 187 10.38 41.44 -8.83
CA GLU F 187 11.33 41.71 -9.91
C GLU F 187 12.08 43.01 -9.68
N LYS F 188 11.44 43.98 -9.06
CA LYS F 188 12.13 45.20 -8.63
C LYS F 188 11.61 45.57 -7.25
N PHE F 189 12.44 46.29 -6.51
CA PHE F 189 12.11 46.78 -5.17
C PHE F 189 13.07 47.90 -4.85
N THR F 190 12.67 48.76 -3.90
CA THR F 190 13.54 49.82 -3.41
C THR F 190 14.01 49.49 -1.99
N TYR F 191 15.30 49.70 -1.75
CA TYR F 191 15.92 49.38 -0.47
C TYR F 191 16.91 50.50 -0.13
N LYS F 192 16.61 51.24 0.93
CA LYS F 192 17.45 52.33 1.41
C LYS F 192 17.75 53.33 0.29
N GLY F 193 16.69 53.78 -0.35
CA GLY F 193 16.77 54.80 -1.38
C GLY F 193 17.13 54.34 -2.77
N LYS F 194 17.41 53.05 -2.98
CA LYS F 194 17.85 52.61 -4.29
C LYS F 194 16.98 51.46 -4.78
N GLU F 195 16.62 51.53 -6.06
CA GLU F 195 15.86 50.45 -6.67
C GLU F 195 16.79 49.35 -7.14
N TYR F 196 16.37 48.10 -6.96
CA TYR F 196 17.15 46.95 -7.38
C TYR F 196 16.24 45.93 -8.04
N THR F 197 16.88 45.01 -8.74
CA THR F 197 16.39 43.68 -8.99
C THR F 197 17.09 42.73 -8.05
N PRO F 198 16.60 41.48 -7.89
CA PRO F 198 17.35 40.49 -7.07
C PRO F 198 18.81 40.36 -7.50
N LYS F 199 19.06 40.35 -8.80
CA LYS F 199 20.43 40.19 -9.26
C LYS F 199 21.29 41.40 -8.90
N SER F 200 20.79 42.62 -9.13
CA SER F 200 21.59 43.80 -8.82
C SER F 200 21.73 44.03 -7.32
N PHE F 201 20.75 43.60 -6.51
CA PHE F 201 20.92 43.63 -5.06
C PHE F 201 22.03 42.67 -4.63
N PHE F 202 22.01 41.44 -5.18
CA PHE F 202 23.11 40.53 -4.93
C PHE F 202 24.44 41.14 -5.34
N GLU F 203 24.46 41.85 -6.47
CA GLU F 203 25.72 42.43 -6.93
C GLU F 203 26.23 43.47 -5.95
N SER F 204 25.33 44.23 -5.32
CA SER F 204 25.74 45.30 -4.41
C SER F 204 26.31 44.78 -3.10
N THR F 205 25.99 43.54 -2.70
CA THR F 205 26.63 42.97 -1.50
C THR F 205 28.08 42.63 -1.75
N GLY F 206 28.49 42.46 -3.00
CA GLY F 206 29.82 42.02 -3.31
C GLY F 206 30.15 40.59 -2.94
N LEU F 207 29.17 39.79 -2.53
CA LEU F 207 29.45 38.37 -2.28
C LEU F 207 29.82 37.66 -3.59
N LYS F 208 30.62 36.61 -3.46
CA LYS F 208 31.00 35.75 -4.59
C LYS F 208 30.98 34.32 -4.11
N ALA F 209 30.22 33.46 -4.80
CA ALA F 209 30.17 32.05 -4.40
C ALA F 209 31.54 31.43 -4.53
N SER F 210 32.36 31.94 -5.43
CA SER F 210 33.69 31.39 -5.61
C SER F 210 34.61 31.70 -4.44
N ASP F 211 34.20 32.56 -3.48
CA ASP F 211 35.00 32.78 -2.27
C ASP F 211 34.87 31.67 -1.23
N TYR F 212 33.90 30.76 -1.39
CA TYR F 212 33.51 29.82 -0.35
C TYR F 212 33.84 28.40 -0.78
N VAL F 213 34.27 27.58 0.19
CA VAL F 213 34.55 26.18 -0.07
C VAL F 213 33.85 25.33 0.97
N SER F 214 33.42 24.16 0.51
CA SER F 214 32.79 23.16 1.36
C SER F 214 33.84 22.12 1.71
N LEU F 215 33.89 21.73 2.97
CA LEU F 215 34.89 20.80 3.47
C LEU F 215 34.18 19.70 4.24
N THR F 216 34.72 18.50 4.14
CA THR F 216 34.24 17.34 4.89
C THR F 216 35.44 16.48 5.27
N SER F 217 35.17 15.34 5.88
CA SER F 217 36.25 14.44 6.33
C SER F 217 35.73 13.01 6.34
N TYR F 218 36.02 12.26 5.27
CA TYR F 218 35.64 10.86 5.17
C TYR F 218 36.70 10.12 4.38
N THR F 219 36.63 8.79 4.42
CA THR F 219 37.64 7.96 3.79
C THR F 219 37.14 7.09 2.64
N HIS F 220 35.87 7.18 2.26
CA HIS F 220 35.41 6.47 1.07
C HIS F 220 35.79 7.23 -0.21
N HIS F 221 36.62 8.26 -0.07
CA HIS F 221 37.24 8.98 -1.16
C HIS F 221 38.59 9.40 -0.62
N PRO F 222 39.60 9.56 -1.48
CA PRO F 222 40.92 9.98 -0.99
C PRO F 222 40.94 11.43 -0.53
N PHE F 223 41.82 11.69 0.45
CA PHE F 223 42.05 13.03 0.97
C PHE F 223 42.58 13.98 -0.12
N TYR F 224 42.31 15.26 0.09
CA TYR F 224 42.71 16.35 -0.81
C TYR F 224 42.14 16.21 -2.20
N THR F 225 41.00 15.55 -2.30
CA THR F 225 40.21 15.57 -3.51
C THR F 225 38.84 16.15 -3.19
N GLN F 226 38.07 16.36 -4.25
CA GLN F 226 36.68 16.79 -4.14
C GLN F 226 35.74 15.66 -4.55
N PHE F 227 34.62 15.57 -3.85
CA PHE F 227 33.54 14.66 -4.22
C PHE F 227 32.24 15.26 -3.72
N PRO F 228 31.10 14.85 -4.31
CA PRO F 228 29.79 15.32 -3.80
C PRO F 228 29.28 14.43 -2.69
N LEU F 229 29.02 14.97 -1.52
CA LEU F 229 28.47 14.18 -0.43
C LEU F 229 27.22 13.45 -0.87
N GLU F 230 27.19 12.14 -0.62
CA GLU F 230 26.08 11.29 -1.07
C GLU F 230 24.89 11.38 -0.09
N ILE F 231 24.25 12.55 -0.07
CA ILE F 231 23.06 12.73 0.76
C ILE F 231 21.93 13.34 -0.05
N GLN F 232 20.69 13.12 0.43
CA GLN F 232 19.50 13.40 -0.38
C GLN F 232 19.37 14.87 -0.69
N ASP F 233 19.58 15.74 0.28
CA ASP F 233 19.45 17.16 0.07
C ASP F 233 20.61 17.78 -0.74
N ASN F 234 21.62 16.99 -1.09
CA ASN F 234 22.62 17.45 -2.04
C ASN F 234 22.28 16.97 -3.44
N TRP F 235 21.02 17.18 -3.86
CA TRP F 235 20.65 16.71 -5.18
C TRP F 235 21.33 17.50 -6.29
N ARG F 236 21.90 18.68 -6.00
CA ARG F 236 22.69 19.40 -7.00
C ARG F 236 24.08 18.79 -7.18
N HIS F 237 24.52 17.93 -6.25
CA HIS F 237 25.83 17.29 -6.25
C HIS F 237 26.92 18.34 -6.15
N GLY F 238 26.71 19.28 -5.22
CA GLY F 238 27.78 20.18 -4.86
C GLY F 238 28.93 19.43 -4.23
N MET F 239 30.15 19.88 -4.55
CA MET F 239 31.38 19.21 -4.17
C MET F 239 31.86 19.70 -2.81
N SER F 240 32.61 18.85 -2.13
CA SER F 240 33.33 19.21 -0.91
C SER F 240 34.78 18.75 -1.04
N TYR F 241 35.69 19.56 -0.50
CA TYR F 241 37.08 19.15 -0.35
C TYR F 241 37.21 18.26 0.87
N ASN F 242 37.99 17.19 0.73
CA ASN F 242 38.09 16.15 1.75
C ASN F 242 39.40 16.29 2.52
N LEU F 243 39.31 16.37 3.86
CA LEU F 243 40.50 16.54 4.70
C LEU F 243 40.63 15.43 5.75
N PRO F 244 41.86 15.07 6.15
CA PRO F 244 42.03 14.24 7.35
C PRO F 244 41.40 14.94 8.55
N LEU F 245 40.83 14.12 9.45
CA LEU F 245 40.01 14.64 10.53
C LEU F 245 40.72 15.74 11.34
N ASP F 246 41.99 15.52 11.69
CA ASP F 246 42.67 16.51 12.52
C ASP F 246 42.87 17.83 11.79
N GLU F 247 43.19 17.77 10.49
CA GLU F 247 43.30 19.00 9.72
C GLU F 247 41.93 19.64 9.55
N PHE F 248 40.89 18.82 9.37
CA PHE F 248 39.53 19.34 9.26
C PHE F 248 39.16 20.14 10.51
N MET F 249 39.53 19.63 11.70
CA MET F 249 39.25 20.37 12.94
C MET F 249 40.11 21.61 13.10
N GLU F 250 41.37 21.57 12.63
CA GLU F 250 42.19 22.78 12.63
CA GLU F 250 42.17 22.80 12.65
C GLU F 250 41.48 23.93 11.91
N VAL F 251 40.72 23.62 10.85
CA VAL F 251 40.03 24.66 10.08
C VAL F 251 39.01 25.39 10.96
N PHE F 252 38.18 24.64 11.70
CA PHE F 252 37.24 25.28 12.63
C PHE F 252 37.95 26.29 13.52
N ASP F 253 39.07 25.88 14.13
CA ASP F 253 39.72 26.77 15.09
C ASP F 253 40.36 27.97 14.40
N ASN F 254 41.08 27.73 13.30
CA ASN F 254 41.75 28.84 12.61
C ASN F 254 40.73 29.85 12.08
N ALA F 255 39.59 29.38 11.59
CA ALA F 255 38.55 30.28 11.13
C ALA F 255 38.08 31.19 12.25
N ILE F 256 37.60 30.59 13.35
CA ILE F 256 37.11 31.37 14.47
C ILE F 256 38.17 32.36 14.94
N ASN F 257 39.39 31.85 15.19
CA ASN F 257 40.43 32.66 15.81
C ASN F 257 40.93 33.78 14.92
N THR F 258 40.68 33.73 13.61
CA THR F 258 41.08 34.82 12.73
C THR F 258 39.89 35.64 12.24
N GLY F 259 38.72 35.53 12.89
CA GLY F 259 37.58 36.40 12.63
C GLY F 259 36.47 35.85 11.74
N TYR F 260 36.59 34.63 11.24
CA TYR F 260 35.58 34.08 10.33
C TYR F 260 34.56 33.26 11.12
N THR F 261 33.41 33.02 10.50
CA THR F 261 32.45 32.07 11.05
C THR F 261 32.27 30.90 10.08
N ILE F 262 31.47 29.92 10.52
CA ILE F 262 31.39 28.62 9.85
C ILE F 262 29.93 28.24 9.62
N ALA F 263 29.57 27.97 8.37
CA ALA F 263 28.32 27.29 8.08
C ALA F 263 28.51 25.82 8.40
N TRP F 264 27.67 25.29 9.28
CA TRP F 264 27.91 24.03 9.97
C TRP F 264 26.77 23.04 9.71
N GLY F 265 27.05 22.03 8.94
CA GLY F 265 26.09 20.98 8.63
C GLY F 265 26.40 19.75 9.47
N SER F 266 25.44 19.34 10.28
CA SER F 266 25.73 18.31 11.25
C SER F 266 24.53 17.40 11.46
N ASP F 267 24.83 16.20 11.93
CA ASP F 267 23.82 15.34 12.54
C ASP F 267 23.48 15.86 13.94
N VAL F 268 22.20 16.07 14.23
CA VAL F 268 21.79 16.49 15.56
C VAL F 268 20.84 15.50 16.21
N SER F 269 20.65 14.33 15.61
CA SER F 269 19.78 13.29 16.18
C SER F 269 20.61 12.36 17.07
N GLU F 270 20.97 12.89 18.23
CA GLU F 270 21.76 12.13 19.19
C GLU F 270 21.27 12.50 20.57
N SER F 271 21.43 11.56 21.51
CA SER F 271 21.00 11.84 22.88
C SER F 271 21.76 13.02 23.49
N GLY F 272 23.02 13.22 23.06
CA GLY F 272 23.82 14.35 23.53
C GLY F 272 23.36 15.72 23.02
N PHE F 273 22.60 15.76 21.93
CA PHE F 273 22.06 17.02 21.42
C PHE F 273 20.69 17.27 22.07
N THR F 274 20.61 18.31 22.90
CA THR F 274 19.43 18.45 23.74
C THR F 274 18.69 19.76 23.46
N ARG F 275 17.40 19.74 23.79
CA ARG F 275 16.55 20.93 23.70
C ARG F 275 17.07 22.09 24.53
N ASP F 276 18.02 21.86 25.43
CA ASP F 276 18.48 22.83 26.43
C ASP F 276 19.78 23.54 26.04
N GLY F 277 20.17 23.48 24.77
CA GLY F 277 21.25 24.31 24.27
C GLY F 277 22.62 23.72 24.37
N VAL F 278 22.73 22.41 24.52
CA VAL F 278 24.01 21.73 24.68
C VAL F 278 24.06 20.57 23.68
N ALA F 279 25.25 20.34 23.10
CA ALA F 279 25.51 19.16 22.27
C ALA F 279 26.84 18.57 22.72
N VAL F 280 26.79 17.48 23.47
CA VAL F 280 27.99 16.82 23.95
C VAL F 280 28.02 15.36 23.50
N MET F 281 29.18 14.73 23.66
CA MET F 281 29.46 13.38 23.17
C MET F 281 30.11 12.57 24.29
N PRO F 282 29.37 12.24 25.34
CA PRO F 282 29.98 11.62 26.52
C PRO F 282 30.51 10.23 26.23
N ASP F 283 31.55 9.86 26.99
CA ASP F 283 32.08 8.50 26.99
C ASP F 283 31.31 7.73 28.07
N ASP F 284 30.34 6.92 27.66
CA ASP F 284 29.48 6.21 28.62
C ASP F 284 30.29 5.33 29.55
N GLU F 285 31.26 4.57 29.02
CA GLU F 285 32.10 3.76 29.87
C GLU F 285 32.75 4.61 30.95
N LYS F 286 33.39 5.73 30.56
CA LYS F 286 34.10 6.57 31.52
C LYS F 286 33.15 7.10 32.59
N VAL F 287 32.04 7.72 32.18
CA VAL F 287 31.08 8.26 33.15
C VAL F 287 30.59 7.16 34.09
N GLN F 288 30.39 5.96 33.55
CA GLN F 288 29.95 4.82 34.37
C GLN F 288 31.01 4.40 35.38
N GLU F 289 32.30 4.68 35.13
CA GLU F 289 33.38 4.38 36.07
C GLU F 289 33.58 5.49 37.10
N LEU F 290 33.42 6.76 36.70
CA LEU F 290 33.37 7.84 37.68
C LEU F 290 32.24 7.62 38.68
N SER F 291 31.10 7.11 38.21
CA SER F 291 29.90 6.99 39.03
C SER F 291 30.06 5.90 40.10
N GLY F 292 28.95 5.55 40.75
CA GLY F 292 29.00 4.58 41.82
C GLY F 292 28.71 3.15 41.40
N SER F 293 27.63 2.95 40.64
CA SER F 293 27.17 1.60 40.34
C SER F 293 28.03 0.96 39.25
N ASP F 294 28.14 -0.37 39.33
CA ASP F 294 28.89 -1.15 38.35
C ASP F 294 28.12 -1.18 37.03
N MET F 295 28.59 -2.01 36.10
CA MET F 295 28.01 -1.99 34.75
C MET F 295 26.58 -2.52 34.74
N ALA F 296 26.32 -3.59 35.51
CA ALA F 296 25.00 -4.24 35.48
C ALA F 296 23.93 -3.36 36.13
N HIS F 297 24.28 -2.67 37.21
CA HIS F 297 23.34 -1.75 37.84
C HIS F 297 23.10 -0.53 36.95
N TRP F 298 24.18 0.07 36.45
CA TRP F 298 24.08 1.25 35.60
C TRP F 298 23.17 1.03 34.40
N LEU F 299 23.27 -0.15 33.76
CA LEU F 299 22.39 -0.44 32.63
C LEU F 299 20.92 -0.30 33.02
N LYS F 300 20.59 -0.59 34.27
CA LYS F 300 19.24 -0.48 34.79
C LYS F 300 19.04 0.76 35.68
N LEU F 301 19.96 1.74 35.62
CA LEU F 301 19.78 2.98 36.34
C LEU F 301 18.81 3.89 35.60
N LYS F 302 18.45 5.04 36.27
CA LYS F 302 17.55 6.02 35.67
C LYS F 302 18.33 7.00 34.80
N PRO F 303 17.84 7.31 33.59
CA PRO F 303 18.50 8.34 32.79
C PRO F 303 18.69 9.68 33.51
N GLU F 304 17.78 10.04 34.41
CA GLU F 304 17.97 11.23 35.23
C GLU F 304 19.13 11.06 36.20
N GLU F 305 19.36 9.83 36.68
CA GLU F 305 20.47 9.56 37.59
C GLU F 305 21.81 9.44 36.86
N LYS F 306 21.80 9.03 35.59
CA LYS F 306 23.04 8.96 34.82
C LYS F 306 23.67 10.34 34.64
N LYS F 307 22.83 11.38 34.48
CA LYS F 307 23.31 12.76 34.30
C LYS F 307 24.33 12.84 33.15
N LEU F 308 24.07 12.08 32.09
CA LEU F 308 25.00 12.03 30.97
C LEU F 308 25.06 13.34 30.17
N ASN F 309 23.92 14.05 30.05
CA ASN F 309 23.85 15.23 29.19
C ASN F 309 23.56 16.52 29.95
N THR F 310 23.63 16.51 31.29
CA THR F 310 23.16 17.63 32.10
C THR F 310 24.28 18.30 32.90
N LYS F 311 25.49 17.76 32.86
CA LYS F 311 26.66 18.28 33.55
C LYS F 311 27.88 17.92 32.69
N PRO F 312 29.00 18.59 32.88
CA PRO F 312 30.20 18.27 32.08
C PRO F 312 30.69 16.85 32.35
N GLN F 313 30.93 16.09 31.29
CA GLN F 313 31.37 14.70 31.40
C GLN F 313 32.54 14.44 30.47
N PRO F 314 33.36 13.43 30.77
CA PRO F 314 34.40 13.01 29.82
C PRO F 314 33.81 12.59 28.49
N GLN F 315 34.42 13.07 27.40
CA GLN F 315 33.92 12.91 26.05
C GLN F 315 34.62 11.77 25.32
N LYS F 316 33.86 11.06 24.48
CA LYS F 316 34.46 10.17 23.49
C LYS F 316 35.08 11.03 22.40
N TRP F 317 36.32 10.72 22.02
CA TRP F 317 37.07 11.45 21.01
C TRP F 317 37.32 10.50 19.84
N CYS F 318 36.55 10.64 18.75
CA CYS F 318 36.44 9.56 17.79
C CYS F 318 37.68 9.51 16.90
N THR F 319 37.93 8.33 16.33
CA THR F 319 38.93 8.15 15.28
C THR F 319 38.33 8.48 13.93
N GLN F 320 39.20 8.60 12.94
CA GLN F 320 38.71 8.73 11.57
C GLN F 320 37.84 7.53 11.20
N ALA F 321 38.19 6.33 11.69
CA ALA F 321 37.44 5.13 11.32
C ALA F 321 36.07 5.09 12.02
N GLU F 322 36.01 5.35 13.33
CA GLU F 322 34.74 5.41 14.04
C GLU F 322 33.83 6.47 13.44
N ARG F 323 34.41 7.61 13.06
CA ARG F 323 33.65 8.65 12.38
C ARG F 323 33.10 8.13 11.06
N GLN F 324 33.94 7.39 10.31
CA GLN F 324 33.52 6.79 9.04
C GLN F 324 32.43 5.76 9.25
N LEU F 325 32.57 4.91 10.28
CA LEU F 325 31.56 3.86 10.46
C LEU F 325 30.19 4.45 10.72
N ALA F 326 30.13 5.53 11.52
CA ALA F 326 28.84 6.13 11.82
C ALA F 326 28.19 6.73 10.58
N TYR F 327 28.95 7.27 9.64
CA TYR F 327 28.37 7.73 8.39
C TYR F 327 27.87 6.58 7.48
N ASP F 328 28.65 5.53 7.42
CA ASP F 328 28.37 4.34 6.65
C ASP F 328 27.19 3.56 7.20
N ASN F 329 27.04 3.56 8.51
CA ASN F 329 26.02 2.77 9.15
C ASN F 329 24.71 3.38 9.59
N TYR F 330 24.44 4.60 9.15
CA TYR F 330 23.25 5.41 9.43
C TYR F 330 23.19 6.10 10.79
N GLU F 331 24.25 6.05 11.59
CA GLU F 331 24.20 6.78 12.85
C GLU F 331 24.52 8.26 12.68
N THR F 332 25.19 8.67 11.59
CA THR F 332 25.40 10.09 11.31
C THR F 332 24.72 10.40 9.99
N THR F 333 23.61 11.13 10.05
CA THR F 333 22.84 11.46 8.86
C THR F 333 22.83 12.98 8.67
N ASP F 334 22.45 13.42 7.46
CA ASP F 334 22.46 14.86 7.15
C ASP F 334 21.22 15.49 7.76
N ASP F 335 21.38 16.02 8.96
CA ASP F 335 20.21 16.41 9.74
C ASP F 335 19.94 17.91 9.75
N HIS F 336 20.96 18.75 9.89
CA HIS F 336 20.65 20.12 10.29
C HIS F 336 21.81 21.03 9.94
N GLY F 337 21.47 22.23 9.45
CA GLY F 337 22.45 23.26 9.13
C GLY F 337 22.33 24.40 10.13
N MET F 338 23.48 24.85 10.63
CA MET F 338 23.59 25.91 11.64
C MET F 338 24.87 26.68 11.40
N GLN F 339 25.17 27.62 12.30
CA GLN F 339 26.34 28.49 12.15
C GLN F 339 27.19 28.46 13.41
N ILE F 340 28.48 28.15 13.25
CA ILE F 340 29.45 28.21 14.34
C ILE F 340 30.16 29.55 14.27
N TYR F 341 30.21 30.29 15.38
CA TYR F 341 30.74 31.66 15.37
C TYR F 341 31.71 31.96 16.50
N GLY F 342 31.94 31.01 17.40
CA GLY F 342 32.74 31.33 18.57
C GLY F 342 33.22 30.08 19.24
N ILE F 343 34.06 30.29 20.25
CA ILE F 343 34.61 29.22 21.09
C ILE F 343 34.36 29.61 22.53
N ALA F 344 33.84 28.67 23.32
CA ALA F 344 33.63 28.92 24.73
C ALA F 344 34.16 27.76 25.57
N LYS F 345 34.22 28.00 26.88
CA LYS F 345 34.54 27.01 27.89
C LYS F 345 33.39 26.88 28.88
N ASP F 346 33.26 25.69 29.48
CA ASP F 346 32.35 25.54 30.60
C ASP F 346 33.11 25.83 31.90
N GLN F 347 32.41 25.68 33.04
CA GLN F 347 33.03 25.98 34.33
C GLN F 347 34.21 25.08 34.64
N GLU F 348 34.38 23.97 33.92
CA GLU F 348 35.48 23.06 34.15
C GLU F 348 36.58 23.17 33.09
N GLY F 349 36.44 24.06 32.13
CA GLY F 349 37.48 24.25 31.15
C GLY F 349 37.34 23.44 29.88
N ASN F 350 36.33 22.59 29.76
CA ASN F 350 36.14 21.90 28.49
C ASN F 350 35.71 22.89 27.42
N GLU F 351 36.08 22.58 26.18
CA GLU F 351 35.92 23.49 25.06
C GLU F 351 34.68 23.18 24.22
N TYR F 352 34.07 24.24 23.70
CA TYR F 352 32.85 24.14 22.91
C TYR F 352 32.91 25.15 21.79
N TYR F 353 32.30 24.78 20.67
CA TYR F 353 32.01 25.75 19.63
C TYR F 353 30.67 26.40 19.93
N MET F 354 30.59 27.70 19.71
CA MET F 354 29.32 28.42 19.85
C MET F 354 28.52 28.42 18.55
N VAL F 355 27.25 28.00 18.67
CA VAL F 355 26.40 27.65 17.55
C VAL F 355 25.17 28.54 17.55
N LYS F 356 24.95 29.24 16.45
CA LYS F 356 23.75 30.04 16.29
C LYS F 356 22.71 29.19 15.57
N ASN F 357 21.61 28.91 16.24
CA ASN F 357 20.58 28.08 15.67
C ASN F 357 19.52 28.94 15.00
N SER F 358 18.51 28.30 14.43
CA SER F 358 17.46 29.05 13.74
C SER F 358 16.10 28.63 14.23
N TRP F 359 15.94 28.47 15.54
CA TRP F 359 14.67 28.06 16.12
C TRP F 359 14.09 29.10 17.05
N GLY F 360 14.43 30.38 16.89
CA GLY F 360 13.91 31.38 17.80
C GLY F 360 14.74 31.40 19.06
N THR F 361 14.32 32.25 20.00
CA THR F 361 15.10 32.54 21.19
C THR F 361 14.52 31.96 22.48
N ASN F 362 13.51 31.10 22.40
CA ASN F 362 12.88 30.58 23.62
C ASN F 362 13.56 29.26 24.01
N SER F 363 14.76 29.41 24.56
CA SER F 363 15.59 28.27 24.97
C SER F 363 16.62 28.81 25.93
N LYS F 364 17.32 27.91 26.63
CA LYS F 364 18.12 28.32 27.77
C LYS F 364 19.10 29.44 27.42
N TYR F 365 19.77 29.36 26.27
CA TYR F 365 20.74 30.38 25.87
C TYR F 365 20.22 31.23 24.70
N ASN F 366 18.90 31.47 24.66
CA ASN F 366 18.31 32.44 23.74
C ASN F 366 18.59 32.09 22.27
N GLY F 367 18.50 30.80 21.95
CA GLY F 367 18.72 30.35 20.58
C GLY F 367 20.14 30.00 20.22
N ILE F 368 21.07 30.06 21.18
CA ILE F 368 22.46 29.67 20.99
C ILE F 368 22.62 28.26 21.54
N TRP F 369 23.45 27.46 20.88
CA TRP F 369 23.82 26.15 21.35
C TRP F 369 25.32 26.12 21.62
N TYR F 370 25.71 25.34 22.61
CA TYR F 370 27.12 25.05 22.85
C TYR F 370 27.37 23.59 22.52
N ALA F 371 28.21 23.36 21.51
CA ALA F 371 28.55 22.03 21.01
C ALA F 371 29.98 21.72 21.39
N SER F 372 30.16 20.67 22.17
CA SER F 372 31.51 20.25 22.54
C SER F 372 32.32 19.94 21.29
N LYS F 373 33.65 20.07 21.38
CA LYS F 373 34.50 19.76 20.22
C LYS F 373 34.39 18.29 19.84
N ALA F 374 34.31 17.41 20.84
CA ALA F 374 34.12 16.00 20.58
C ALA F 374 32.90 15.78 19.69
N PHE F 375 31.78 16.41 20.03
CA PHE F 375 30.55 16.23 19.26
C PHE F 375 30.73 16.73 17.84
N VAL F 376 31.35 17.90 17.69
CA VAL F 376 31.53 18.47 16.35
C VAL F 376 32.42 17.56 15.52
N ARG F 377 33.49 17.05 16.11
CA ARG F 377 34.40 16.20 15.37
C ARG F 377 33.72 14.90 14.91
N TYR F 378 32.84 14.35 15.74
CA TYR F 378 32.20 13.08 15.43
C TYR F 378 30.99 13.23 14.51
N LYS F 379 30.18 14.28 14.68
CA LYS F 379 28.90 14.35 13.97
C LYS F 379 28.85 15.38 12.84
N THR F 380 29.93 16.11 12.57
CA THR F 380 29.89 17.08 11.49
C THR F 380 29.82 16.35 10.15
N MET F 381 28.92 16.82 9.27
CA MET F 381 28.79 16.29 7.92
C MET F 381 29.51 17.13 6.88
N ASN F 382 29.35 18.46 6.91
CA ASN F 382 30.21 19.32 6.11
C ASN F 382 30.14 20.74 6.64
N ILE F 383 31.09 21.56 6.22
CA ILE F 383 31.15 22.96 6.61
C ILE F 383 31.48 23.80 5.38
N VAL F 384 31.05 25.05 5.41
CA VAL F 384 31.45 26.04 4.42
C VAL F 384 32.16 27.16 5.13
N VAL F 385 33.32 27.57 4.61
CA VAL F 385 33.99 28.78 5.06
C VAL F 385 34.50 29.56 3.87
N HIS F 386 34.76 30.84 4.10
CA HIS F 386 35.50 31.63 3.14
C HIS F 386 36.88 31.00 2.95
N LYS F 387 37.42 31.06 1.72
CA LYS F 387 38.74 30.49 1.46
C LYS F 387 39.82 31.09 2.37
N ASP F 388 39.72 32.36 2.71
CA ASP F 388 40.77 32.94 3.56
C ASP F 388 40.70 32.46 5.00
N ALA F 389 39.70 31.67 5.37
CA ALA F 389 39.71 31.07 6.69
C ALA F 389 40.63 29.86 6.78
N LEU F 390 41.12 29.36 5.65
CA LEU F 390 41.87 28.11 5.71
C LEU F 390 43.31 28.37 6.16
N PRO F 391 43.85 27.52 7.03
CA PRO F 391 45.28 27.60 7.32
C PRO F 391 46.07 27.45 6.03
N LYS F 392 47.17 28.22 5.93
CA LYS F 392 47.89 28.35 4.66
C LYS F 392 48.37 27.01 4.12
N ALA F 393 48.89 26.14 4.99
CA ALA F 393 49.38 24.84 4.57
C ALA F 393 48.25 23.93 4.10
N ILE F 394 47.08 24.02 4.74
CA ILE F 394 45.92 23.25 4.29
C ILE F 394 45.43 23.76 2.94
N LYS F 395 45.31 25.08 2.80
CA LYS F 395 44.93 25.67 1.51
C LYS F 395 45.82 25.14 0.40
N ALA F 396 47.11 25.00 0.68
CA ALA F 396 48.06 24.54 -0.34
C ALA F 396 47.83 23.07 -0.67
N LYS F 397 47.70 22.22 0.36
CA LYS F 397 47.39 20.82 0.09
C LYS F 397 46.13 20.65 -0.76
N LEU F 398 45.15 21.54 -0.61
CA LEU F 398 43.91 21.47 -1.38
C LEU F 398 44.06 22.00 -2.80
N GLY F 399 45.18 22.65 -3.11
CA GLY F 399 45.32 23.30 -4.40
C GLY F 399 44.47 24.55 -4.56
N ILE F 400 44.07 25.17 -3.47
CA ILE F 400 43.20 26.34 -3.50
C ILE F 400 44.11 27.56 -3.54
N LYS F 401 44.06 28.29 -4.66
CA LYS F 401 44.81 29.53 -4.78
C LYS F 401 43.90 30.68 -4.32
K K G . 9.40 7.48 -25.95
K K H . 31.01 -10.19 -24.31
O01 T1O I . 12.41 -12.02 -18.22
C02 T1O I . 12.54 -10.85 -18.42
N03 T1O I . 12.62 -10.22 -19.78
C04 T1O I . 12.78 -8.91 -19.60
C05 T1O I . 12.77 -8.58 -17.95
C06 T1O I . 14.23 -7.80 -17.60
S07 T1O I . 14.81 -7.45 -18.91
N08 T1O I . 12.65 -9.69 -17.33
C09 T1O I . 14.12 -8.57 -20.07
C10 T1O I . 14.06 -7.98 -21.56
C11 T1O I . 14.87 -6.68 -21.74
C12 T1O I . 16.12 -6.89 -22.66
C13 T1O I . 16.13 -5.96 -23.91
C14 T1O I . 16.73 -4.55 -23.60
N15 T1O I . 16.40 -3.87 -22.32
C16 T1O I . 16.92 -2.52 -21.95
C17 T1O I . 18.47 -2.40 -22.00
C18 T1O I . 19.15 -1.05 -22.36
O19 T1O I . 19.16 -3.32 -21.76
O20 T1O I . 17.43 -4.02 -24.41
K K J . 24.63 -22.09 24.32
O01 T1O K . 16.47 -4.46 18.46
C02 T1O K . 15.56 -5.20 18.66
N03 T1O K . 15.06 -5.67 19.99
C04 T1O K . 14.03 -6.49 19.78
C05 T1O K . 13.74 -6.58 18.12
C06 T1O K . 13.85 -8.20 17.68
S07 T1O K . 14.01 -8.98 18.91
N08 T1O K . 14.61 -5.87 17.54
C09 T1O K . 14.46 -7.82 20.16
C10 T1O K . 13.81 -8.19 21.56
C11 T1O K . 14.51 -9.45 22.10
C12 T1O K . 13.51 -10.31 22.92
C13 T1O K . 12.97 -11.57 22.18
C14 T1O K . 12.30 -12.34 23.34
N15 T1O K . 11.20 -13.30 23.18
C16 T1O K . 10.64 -13.70 21.88
C17 T1O K . 11.14 -15.16 21.88
C18 T1O K . 10.25 -16.32 22.40
O19 T1O K . 12.24 -15.41 21.56
O20 T1O K . 12.69 -12.13 24.43
K K L . 3.03 -24.83 -14.40
K K M . -22.51 -34.32 -7.53
O01 T1O N . -16.32 -15.75 -11.96
C02 T1O N . -15.27 -16.32 -11.85
N03 T1O N . -14.64 -17.19 -12.90
C04 T1O N . -13.48 -17.65 -12.39
C05 T1O N . -13.28 -17.02 -10.84
C06 T1O N . -13.14 -18.33 -9.79
S07 T1O N . -13.54 -19.51 -10.55
N08 T1O N . -14.30 -16.29 -10.57
C09 T1O N . -13.55 -19.10 -12.26
C10 T1O N . -12.34 -19.76 -13.04
C11 T1O N . -12.50 -21.29 -13.16
C12 T1O N . -11.58 -22.00 -12.12
C13 T1O N . -12.21 -23.28 -11.53
C14 T1O N . -11.50 -24.46 -12.20
N15 T1O N . -10.38 -25.14 -11.52
C16 T1O N . -9.93 -24.73 -10.17
C17 T1O N . -10.33 -25.91 -9.25
C18 T1O N . -9.30 -27.00 -8.84
O19 T1O N . -11.46 -26.02 -8.88
O20 T1O N . -11.84 -24.82 -13.28
K K O . -31.57 4.80 26.52
K K P . -10.89 20.56 16.45
O01 T1O Q . -12.40 0.54 22.10
C02 T1O Q . -12.82 1.44 21.43
N03 T1O Q . -13.03 2.87 21.89
C04 T1O Q . -13.53 3.56 20.85
C05 T1O Q . -13.66 2.51 19.54
C06 T1O Q . -15.29 2.53 19.09
S07 T1O Q . -15.78 3.81 19.64
N08 T1O Q . -13.28 1.35 19.89
C09 T1O Q . -14.90 4.00 21.15
C10 T1O Q . -14.92 5.49 21.71
C11 T1O Q . -16.27 6.22 21.47
C12 T1O Q . -16.72 7.10 22.68
C13 T1O Q . -17.76 8.17 22.26
C14 T1O Q . -17.10 9.36 21.50
N15 T1O Q . -17.20 9.50 20.03
C16 T1O Q . -17.95 8.53 19.23
C17 T1O Q . -19.44 8.83 19.46
C18 T1O Q . -20.04 10.16 18.96
O19 T1O Q . -20.12 8.04 20.04
O20 T1O Q . -16.50 10.18 22.11
K K R . -19.59 23.81 -27.03
K K S . -23.91 -2.85 -18.40
O01 T1O T . -6.10 9.61 -21.92
C02 T1O T . -7.17 9.23 -21.56
N03 T1O T . -8.18 8.58 -22.44
C04 T1O T . -9.25 8.32 -21.67
C05 T1O T . -8.93 8.79 -20.08
C06 T1O T . -10.11 9.89 -19.61
S07 T1O T . -10.94 10.15 -20.81
N08 T1O T . -7.77 9.31 -20.08
C09 T1O T . -10.27 9.23 -22.16
C10 T1O T . -11.37 8.37 -22.94
C11 T1O T . -12.63 9.19 -23.26
C12 T1O T . -13.88 8.52 -22.60
C13 T1O T . -14.77 9.52 -21.79
C14 T1O T . -16.19 9.33 -22.37
N15 T1O T . -17.35 9.06 -21.54
C16 T1O T . -17.28 9.03 -20.06
C17 T1O T . -18.15 10.29 -19.85
C18 T1O T . -19.62 10.22 -19.32
O19 T1O T . -17.71 11.35 -20.17
O20 T1O T . -16.32 9.36 -23.54
K K U . 22.10 10.12 14.53
K K V . 16.01 36.56 6.93
O01 T1O W . 4.11 21.21 12.36
C02 T1O W . 5.11 20.73 11.92
N03 T1O W . 6.36 20.44 12.70
C04 T1O W . 7.26 19.91 11.85
C05 T1O W . 6.55 19.80 10.33
C06 T1O W . 7.52 20.70 9.28
S07 T1O W . 8.74 21.05 10.01
N08 T1O W . 5.36 20.27 10.40
C09 T1O W . 8.40 20.82 11.73
C10 T1O W . 9.66 20.20 12.48
C11 T1O W . 10.57 21.28 13.10
C12 T1O W . 11.62 21.79 12.06
C13 T1O W . 12.96 22.25 12.69
C14 T1O W . 14.20 21.71 11.89
N15 T1O W . 14.02 20.75 10.75
C16 T1O W . 15.18 20.22 9.98
C17 T1O W . 15.88 21.32 9.12
C18 T1O W . 17.34 21.13 8.68
O19 T1O W . 15.32 22.32 8.80
O20 T1O W . 15.29 22.07 12.22
#